data_9NKA
# 
_entry.id   9NKA 
# 
_audit_conform.dict_name       mmcif_pdbx.dic 
_audit_conform.dict_version    5.404 
_audit_conform.dict_location   http://mmcif.pdb.org/dictionaries/ascii/mmcif_pdbx.dic 
# 
loop_
_database_2.database_id 
_database_2.database_code 
_database_2.pdbx_database_accession 
_database_2.pdbx_DOI 
PDB   9NKA         pdb_00009nka 10.2210/pdb9nka/pdb 
WWPDB D_1000293557 ?            ?                   
# 
_pdbx_audit_revision_history.ordinal             1 
_pdbx_audit_revision_history.data_content_type   'Structure model' 
_pdbx_audit_revision_history.major_revision      1 
_pdbx_audit_revision_history.minor_revision      0 
_pdbx_audit_revision_history.revision_date       2025-06-11 
_pdbx_audit_revision_history.part_number         ? 
# 
_pdbx_audit_revision_details.ordinal             1 
_pdbx_audit_revision_details.revision_ordinal    1 
_pdbx_audit_revision_details.data_content_type   'Structure model' 
_pdbx_audit_revision_details.provider            repository 
_pdbx_audit_revision_details.type                'Initial release' 
_pdbx_audit_revision_details.description         ? 
_pdbx_audit_revision_details.details             ? 
# 
_pdbx_database_status.status_code                     REL 
_pdbx_database_status.status_code_sf                  REL 
_pdbx_database_status.status_code_mr                  ? 
_pdbx_database_status.entry_id                        9NKA 
_pdbx_database_status.recvd_initial_deposition_date   2025-02-28 
_pdbx_database_status.SG_entry                        N 
_pdbx_database_status.deposit_site                    RCSB 
_pdbx_database_status.process_site                    RCSB 
_pdbx_database_status.status_code_cs                  ? 
_pdbx_database_status.status_code_nmr_data            ? 
_pdbx_database_status.methods_development_category    ? 
_pdbx_database_status.pdb_format_compatible           Y 
# 
_pdbx_contact_author.id                 4 
_pdbx_contact_author.email              rs17@nyu.edu 
_pdbx_contact_author.name_first         Ruojie 
_pdbx_contact_author.name_last          Sha 
_pdbx_contact_author.name_mi            ? 
_pdbx_contact_author.role               'principal investigator/group leader' 
_pdbx_contact_author.identifier_ORCID   0000-0002-0807-734X 
# 
loop_
_audit_author.name 
_audit_author.pdbx_ordinal 
_audit_author.identifier_ORCID 
'Horvath, A.'   1 0009-0008-5770-8014 
'Vecchioni, S.' 2 0000-0001-8243-650X 
'Woloszyn, K.'  3 0000-0003-1200-583X 
'Ohayon, Y.P.'  4 0000-0001-7500-4282 
'Sha, R.'       5 0000-0002-0807-734X 
# 
_citation.abstract                  ? 
_citation.abstract_id_CAS           ? 
_citation.book_id_ISBN              ? 
_citation.book_publisher            ? 
_citation.book_publisher_city       ? 
_citation.book_title                ? 
_citation.coordinate_linkage        ? 
_citation.country                   ? 
_citation.database_id_Medline       ? 
_citation.details                   ? 
_citation.id                        primary 
_citation.journal_abbrev            'To Be Published' 
_citation.journal_id_ASTM           ? 
_citation.journal_id_CSD            0353 
_citation.journal_id_ISSN           ? 
_citation.journal_full              ? 
_citation.journal_issue             ? 
_citation.journal_volume            ? 
_citation.language                  ? 
_citation.page_first                ? 
_citation.page_last                 ? 
_citation.title                     'Shifted tensegrity triangles' 
_citation.year                      ? 
_citation.database_id_CSD           ? 
_citation.pdbx_database_id_DOI      ? 
_citation.pdbx_database_id_PubMed   ? 
_citation.pdbx_database_id_patent   ? 
_citation.unpublished_flag          ? 
# 
loop_
_citation_author.citation_id 
_citation_author.name 
_citation_author.ordinal 
_citation_author.identifier_ORCID 
primary 'Horvath, A.'   1 0009-0008-5770-8014 
primary 'Vecchioni, S.' 2 0000-0001-8243-650X 
primary 'Woloszyn, K.'  3 0000-0003-1200-583X 
primary 'Ohayon, Y.P.'  4 0000-0001-7500-4282 
primary 'Sha, R.'       5 0000-0002-0807-734X 
# 
loop_
_entity.id 
_entity.type 
_entity.src_method 
_entity.pdbx_description 
_entity.formula_weight 
_entity.pdbx_number_of_molecules 
_entity.pdbx_ec 
_entity.pdbx_mutation 
_entity.pdbx_fragment 
_entity.details 
1 polymer syn 
;DNA (5'-D(*AP*GP*AP*TP*GP*CP*AP*CP*TP*GP*CP*TP*GP*T)-3')
;
4295.803 1 ? ? ? ? 
2 polymer syn 
;DNA (5'-D(P*CP*GP*GP*AP*CP*AP*GP*C*AP*GP*TP*GP*CP*AP*T)-3')
;
4619.011 1 ? ? ? ? 
3 polymer syn 
;DNA (5'-D(P*CP*AP*CP*CP*CP*GP*T)-3')
;
2058.375 1 ? ? ? ? 
4 polymer syn 
;DNA (5'-D(*CP*TP*GP*TP*GP*A)-3')
;
1824.228 1 ? ? ? ? 
# 
loop_
_entity_poly.entity_id 
_entity_poly.type 
_entity_poly.nstd_linkage 
_entity_poly.nstd_monomer 
_entity_poly.pdbx_seq_one_letter_code 
_entity_poly.pdbx_seq_one_letter_code_can 
_entity_poly.pdbx_strand_id 
_entity_poly.pdbx_target_identifier 
1 polydeoxyribonucleotide no no '(DA)(DG)(DA)(DT)(DG)(DC)(DA)(DC)(DT)(DG)(DC)(DT)(DG)(DT)'     AGATGCACTGCTGT  A ? 
2 polydeoxyribonucleotide no no '(DC)(DG)(DG)(DA)(DC)(DA)(DG)(DC)(DA)(DG)(DT)(DG)(DC)(DA)(DT)' CGGACAGCAGTGCAT B ? 
3 polydeoxyribonucleotide no no '(DC)(DA)(DC)(DC)(DC)(DG)(DT)'                                 CACCCGT         C ? 
4 polydeoxyribonucleotide no no '(DC)(DT)(DG)(DT)(DG)(DA)'                                     CTGTGA          F ? 
# 
loop_
_entity_poly_seq.entity_id 
_entity_poly_seq.num 
_entity_poly_seq.mon_id 
_entity_poly_seq.hetero 
1 1  DA n 
1 2  DG n 
1 3  DA n 
1 4  DT n 
1 5  DG n 
1 6  DC n 
1 7  DA n 
1 8  DC n 
1 9  DT n 
1 10 DG n 
1 11 DC n 
1 12 DT n 
1 13 DG n 
1 14 DT n 
2 1  DC n 
2 2  DG n 
2 3  DG n 
2 4  DA n 
2 5  DC n 
2 6  DA n 
2 7  DG n 
2 8  DC n 
2 9  DA n 
2 10 DG n 
2 11 DT n 
2 12 DG n 
2 13 DC n 
2 14 DA n 
2 15 DT n 
3 1  DC n 
3 2  DA n 
3 3  DC n 
3 4  DC n 
3 5  DC n 
3 6  DG n 
3 7  DT n 
4 1  DC n 
4 2  DT n 
4 3  DG n 
4 4  DT n 
4 5  DG n 
4 6  DA n 
# 
loop_
_pdbx_entity_src_syn.entity_id 
_pdbx_entity_src_syn.pdbx_src_id 
_pdbx_entity_src_syn.pdbx_alt_source_flag 
_pdbx_entity_src_syn.pdbx_beg_seq_num 
_pdbx_entity_src_syn.pdbx_end_seq_num 
_pdbx_entity_src_syn.organism_scientific 
_pdbx_entity_src_syn.organism_common_name 
_pdbx_entity_src_syn.ncbi_taxonomy_id 
_pdbx_entity_src_syn.details 
1 1 sample 1 14 'synthetic construct' ? 32630 ? 
2 1 sample 1 15 'synthetic construct' ? 32630 ? 
3 1 sample 1 7  'synthetic construct' ? 32630 ? 
4 1 sample 1 6  'synthetic construct' ? 32630 ? 
# 
loop_
_chem_comp.id 
_chem_comp.type 
_chem_comp.mon_nstd_flag 
_chem_comp.name 
_chem_comp.pdbx_synonyms 
_chem_comp.formula 
_chem_comp.formula_weight 
DA 'DNA linking' y "2'-DEOXYADENOSINE-5'-MONOPHOSPHATE" ? 'C10 H14 N5 O6 P' 331.222 
DC 'DNA linking' y "2'-DEOXYCYTIDINE-5'-MONOPHOSPHATE"  ? 'C9 H14 N3 O7 P'  307.197 
DG 'DNA linking' y "2'-DEOXYGUANOSINE-5'-MONOPHOSPHATE" ? 'C10 H14 N5 O7 P' 347.221 
DT 'DNA linking' y "THYMIDINE-5'-MONOPHOSPHATE"         ? 'C10 H15 N2 O8 P' 322.208 
# 
loop_
_pdbx_poly_seq_scheme.asym_id 
_pdbx_poly_seq_scheme.entity_id 
_pdbx_poly_seq_scheme.seq_id 
_pdbx_poly_seq_scheme.mon_id 
_pdbx_poly_seq_scheme.ndb_seq_num 
_pdbx_poly_seq_scheme.pdb_seq_num 
_pdbx_poly_seq_scheme.auth_seq_num 
_pdbx_poly_seq_scheme.pdb_mon_id 
_pdbx_poly_seq_scheme.auth_mon_id 
_pdbx_poly_seq_scheme.pdb_strand_id 
_pdbx_poly_seq_scheme.pdb_ins_code 
_pdbx_poly_seq_scheme.hetero 
A 1 1  DA 1  1  1  DA DA A . n 
A 1 2  DG 2  2  2  DG DG A . n 
A 1 3  DA 3  3  3  DA DA A . n 
A 1 4  DT 4  4  4  DT DT A . n 
A 1 5  DG 5  5  5  DG DG A . n 
A 1 6  DC 6  6  6  DC DC A . n 
A 1 7  DA 7  7  7  DA DA A . n 
A 1 8  DC 8  8  8  DC DC A . n 
A 1 9  DT 9  9  9  DT DT A . n 
A 1 10 DG 10 10 10 DG DG A . n 
A 1 11 DC 11 11 11 DC DC A . n 
A 1 12 DT 12 12 12 DT DT A . n 
A 1 13 DG 13 13 13 DG DG A . n 
A 1 14 DT 14 14 14 DT DT A . n 
B 2 1  DC 1  7  7  DC DC B . n 
B 2 2  DG 2  8  8  DG DG B . n 
B 2 3  DG 3  9  9  DG DG B . n 
B 2 4  DA 4  10 10 DA DA B . n 
B 2 5  DC 5  11 11 DC DC B . n 
B 2 6  DA 6  12 12 DA DA B . n 
B 2 7  DG 7  13 13 DG DG B . n 
B 2 8  DC 8  14 14 DC DC B . n 
B 2 9  DA 9  15 15 DA DA B . n 
B 2 10 DG 10 16 16 DG DG B . n 
B 2 11 DT 11 17 17 DT DT B . n 
B 2 12 DG 12 18 18 DG DG B . n 
B 2 13 DC 13 19 19 DC DC B . n 
B 2 14 DA 14 20 20 DA DA B . n 
B 2 15 DT 15 21 21 DT DT B . n 
C 3 1  DC 1  19 19 DC DC C . n 
C 3 2  DA 2  20 20 DA DA C . n 
C 3 3  DC 3  21 21 DC DC C . n 
C 3 4  DC 4  22 22 DC DC C . n 
C 3 5  DC 5  23 23 DC DC C . n 
C 3 6  DG 6  24 24 DG DG C . n 
C 3 7  DT 7  25 25 DT DT C . n 
D 4 1  DC 1  1  1  DC DC F . n 
D 4 2  DT 2  2  2  DT DT F . n 
D 4 3  DG 3  3  3  DG DG F . n 
D 4 4  DT 4  4  4  DT DT F . n 
D 4 5  DG 5  5  5  DG DG F . n 
D 4 6  DA 6  6  6  DA DA F . n 
# 
loop_
_software.citation_id 
_software.classification 
_software.compiler_name 
_software.compiler_version 
_software.contact_author 
_software.contact_author_email 
_software.date 
_software.description 
_software.dependencies 
_software.hardware 
_software.language 
_software.location 
_software.mods 
_software.name 
_software.os 
_software.os_version 
_software.type 
_software.version 
_software.pdbx_ordinal 
? refinement       ? ? ? ? ? ? ? ? ? ? ? PHENIX    ? ? ? 1.21.1_5286 1 
? 'data reduction' ? ? ? ? ? ? ? ? ? ? ? autoPROC  ? ? ? .           2 
? 'data scaling'   ? ? ? ? ? ? ? ? ? ? ? STARANISO ? ? ? .           3 
? phasing          ? ? ? ? ? ? ? ? ? ? ? PHASER    ? ? ? .           4 
# 
_cell.angle_alpha                  90.000 
_cell.angle_alpha_esd              ? 
_cell.angle_beta                   90.000 
_cell.angle_beta_esd               ? 
_cell.angle_gamma                  120.000 
_cell.angle_gamma_esd              ? 
_cell.entry_id                     9NKA 
_cell.details                      ? 
_cell.formula_units_Z              ? 
_cell.length_a                     112.173 
_cell.length_a_esd                 ? 
_cell.length_b                     112.173 
_cell.length_b_esd                 ? 
_cell.length_c                     67.872 
_cell.length_c_esd                 ? 
_cell.volume                       739601.781 
_cell.volume_esd                   ? 
_cell.Z_PDB                        9 
_cell.reciprocal_angle_alpha       ? 
_cell.reciprocal_angle_beta        ? 
_cell.reciprocal_angle_gamma       ? 
_cell.reciprocal_angle_alpha_esd   ? 
_cell.reciprocal_angle_beta_esd    ? 
_cell.reciprocal_angle_gamma_esd   ? 
_cell.reciprocal_length_a          ? 
_cell.reciprocal_length_b          ? 
_cell.reciprocal_length_c          ? 
_cell.reciprocal_length_a_esd      ? 
_cell.reciprocal_length_b_esd      ? 
_cell.reciprocal_length_c_esd      ? 
_cell.pdbx_unique_axis             ? 
_cell.pdbx_esd_method              ? 
# 
_symmetry.entry_id                         9NKA 
_symmetry.cell_setting                     ? 
_symmetry.Int_Tables_number                146 
_symmetry.space_group_name_Hall            'R 3' 
_symmetry.space_group_name_H-M             'H 3' 
_symmetry.pdbx_full_space_group_name_H-M   ? 
# 
_exptl.absorpt_coefficient_mu     ? 
_exptl.absorpt_correction_T_max   ? 
_exptl.absorpt_correction_T_min   ? 
_exptl.absorpt_correction_type    ? 
_exptl.absorpt_process_details    ? 
_exptl.entry_id                   9NKA 
_exptl.crystals_number            1 
_exptl.details                    ? 
_exptl.method                     'X-RAY DIFFRACTION' 
_exptl.method_details             ? 
# 
_exptl_crystal.colour                       ? 
_exptl_crystal.density_diffrn               ? 
_exptl_crystal.density_Matthews             6.42 
_exptl_crystal.density_method               ? 
_exptl_crystal.density_percent_sol          80.85 
_exptl_crystal.description                  ? 
_exptl_crystal.F_000                        ? 
_exptl_crystal.id                           1 
_exptl_crystal.preparation                  ? 
_exptl_crystal.size_max                     ? 
_exptl_crystal.size_mid                     ? 
_exptl_crystal.size_min                     ? 
_exptl_crystal.size_rad                     ? 
_exptl_crystal.colour_lustre                ? 
_exptl_crystal.colour_modifier              ? 
_exptl_crystal.colour_primary               ? 
_exptl_crystal.density_meas                 ? 
_exptl_crystal.density_meas_esd             ? 
_exptl_crystal.density_meas_gt              ? 
_exptl_crystal.density_meas_lt              ? 
_exptl_crystal.density_meas_temp            ? 
_exptl_crystal.density_meas_temp_esd        ? 
_exptl_crystal.density_meas_temp_gt         ? 
_exptl_crystal.density_meas_temp_lt         ? 
_exptl_crystal.pdbx_crystal_image_url       ? 
_exptl_crystal.pdbx_crystal_image_format    ? 
_exptl_crystal.pdbx_mosaicity               ? 
_exptl_crystal.pdbx_mosaicity_esd           ? 
_exptl_crystal.pdbx_mosaic_method           ? 
_exptl_crystal.pdbx_mosaic_block_size       ? 
_exptl_crystal.pdbx_mosaic_block_size_esd   ? 
# 
_exptl_crystal_grow.apparatus       ? 
_exptl_crystal_grow.atmosphere      ? 
_exptl_crystal_grow.crystal_id      1 
_exptl_crystal_grow.details         ? 
_exptl_crystal_grow.method          'VAPOR DIFFUSION, HANGING DROP' 
_exptl_crystal_grow.method_ref      ? 
_exptl_crystal_grow.pH              ? 
_exptl_crystal_grow.pressure        ? 
_exptl_crystal_grow.pressure_esd    ? 
_exptl_crystal_grow.seeding         ? 
_exptl_crystal_grow.seeding_ref     ? 
_exptl_crystal_grow.temp_details    '338-293 at 0.4/hr' 
_exptl_crystal_grow.temp_esd        ? 
_exptl_crystal_grow.time            ? 
_exptl_crystal_grow.pdbx_details    '100 mM MOPS, 1.25 M magnesium sulfate' 
_exptl_crystal_grow.pdbx_pH_range   ? 
_exptl_crystal_grow.temp            293 
# 
_diffrn.ambient_environment              ? 
_diffrn.ambient_temp                     100 
_diffrn.ambient_temp_details             ? 
_diffrn.ambient_temp_esd                 ? 
_diffrn.crystal_id                       1 
_diffrn.crystal_support                  ? 
_diffrn.crystal_treatment                ? 
_diffrn.details                          ? 
_diffrn.id                               1 
_diffrn.ambient_pressure                 ? 
_diffrn.ambient_pressure_esd             ? 
_diffrn.ambient_pressure_gt              ? 
_diffrn.ambient_pressure_lt              ? 
_diffrn.ambient_temp_gt                  ? 
_diffrn.ambient_temp_lt                  ? 
_diffrn.pdbx_serial_crystal_experiment   N 
# 
_diffrn_detector.details                      ? 
_diffrn_detector.detector                     PIXEL 
_diffrn_detector.diffrn_id                    1 
_diffrn_detector.type                         'DECTRIS EIGER X 9M' 
_diffrn_detector.area_resol_mean              ? 
_diffrn_detector.dtime                        ? 
_diffrn_detector.pdbx_frames_total            ? 
_diffrn_detector.pdbx_collection_time_total   ? 
_diffrn_detector.pdbx_collection_date         2022-10-16 
_diffrn_detector.pdbx_frequency               ? 
_diffrn_detector.id                           ? 
_diffrn_detector.number_of_axes               ? 
# 
_diffrn_radiation.collimation                      ? 
_diffrn_radiation.diffrn_id                        1 
_diffrn_radiation.filter_edge                      ? 
_diffrn_radiation.inhomogeneity                    ? 
_diffrn_radiation.monochromator                    ? 
_diffrn_radiation.polarisn_norm                    ? 
_diffrn_radiation.polarisn_ratio                   ? 
_diffrn_radiation.probe                            ? 
_diffrn_radiation.type                             ? 
_diffrn_radiation.xray_symbol                      ? 
_diffrn_radiation.wavelength_id                    1 
_diffrn_radiation.pdbx_monochromatic_or_laue_m_l   M 
_diffrn_radiation.pdbx_wavelength_list             ? 
_diffrn_radiation.pdbx_wavelength                  ? 
_diffrn_radiation.pdbx_diffrn_protocol             'SINGLE WAVELENGTH' 
_diffrn_radiation.pdbx_analyzer                    ? 
_diffrn_radiation.pdbx_scattering_type             x-ray 
# 
_diffrn_radiation_wavelength.id           1 
_diffrn_radiation_wavelength.wavelength   1.000010 
_diffrn_radiation_wavelength.wt           1.0 
# 
_diffrn_source.current                     ? 
_diffrn_source.details                     ? 
_diffrn_source.diffrn_id                   1 
_diffrn_source.power                       ? 
_diffrn_source.size                        ? 
_diffrn_source.source                      SYNCHROTRON 
_diffrn_source.target                      ? 
_diffrn_source.type                        'APS BEAMLINE 17-ID' 
_diffrn_source.voltage                     ? 
_diffrn_source.take-off_angle              ? 
_diffrn_source.pdbx_wavelength_list        1.000010 
_diffrn_source.pdbx_wavelength             ? 
_diffrn_source.pdbx_synchrotron_beamline   17-ID 
_diffrn_source.pdbx_synchrotron_site       APS 
# 
_reflns.B_iso_Wilson_estimate                          319.82 
_reflns.entry_id                                       9NKA 
_reflns.data_reduction_details                         ? 
_reflns.data_reduction_method                          ? 
_reflns.d_resolution_high                              4.877 
_reflns.d_resolution_low                               56.087 
_reflns.details                                        ? 
_reflns.limit_h_max                                    ? 
_reflns.limit_h_min                                    ? 
_reflns.limit_k_max                                    ? 
_reflns.limit_k_min                                    ? 
_reflns.limit_l_max                                    ? 
_reflns.limit_l_min                                    ? 
_reflns.number_all                                     ? 
_reflns.number_obs                                     1316 
_reflns.observed_criterion                             ? 
_reflns.observed_criterion_F_max                       ? 
_reflns.observed_criterion_F_min                       ? 
_reflns.observed_criterion_I_max                       ? 
_reflns.observed_criterion_I_min                       ? 
_reflns.observed_criterion_sigma_F                     ? 
_reflns.observed_criterion_sigma_I                     ? 
_reflns.percent_possible_obs                           89.3 
_reflns.R_free_details                                 ? 
_reflns.Rmerge_F_all                                   ? 
_reflns.Rmerge_F_obs                                   ? 
_reflns.Friedel_coverage                               ? 
_reflns.number_gt                                      ? 
_reflns.threshold_expression                           ? 
_reflns.pdbx_redundancy                                9.1 
_reflns.pdbx_netI_over_av_sigmaI                       ? 
_reflns.pdbx_netI_over_sigmaI                          9.4 
_reflns.pdbx_res_netI_over_av_sigmaI_2                 ? 
_reflns.pdbx_res_netI_over_sigmaI_2                    ? 
_reflns.pdbx_chi_squared                               ? 
_reflns.pdbx_scaling_rejects                           ? 
_reflns.pdbx_d_res_high_opt                            ? 
_reflns.pdbx_d_res_low_opt                             ? 
_reflns.pdbx_d_res_opt_method                          ? 
_reflns.phase_calculation_details                      ? 
_reflns.pdbx_Rrim_I_all                                ? 
_reflns.pdbx_Rpim_I_all                                ? 
_reflns.pdbx_d_opt                                     ? 
_reflns.pdbx_number_measured_all                       ? 
_reflns.pdbx_diffrn_id                                 1 
_reflns.pdbx_ordinal                                   1 
_reflns.pdbx_CC_half                                   .999 
_reflns.pdbx_CC_star                                   ? 
_reflns.pdbx_R_split                                   ? 
_reflns.pdbx_Rmerge_I_obs                              ? 
_reflns.pdbx_Rmerge_I_all                              ? 
_reflns.pdbx_Rsym_value                                ? 
_reflns.pdbx_CC_split_method                           ? 
_reflns.pdbx_aniso_diffraction_limit_axis_1_ortho[1]   ? 
_reflns.pdbx_aniso_diffraction_limit_axis_1_ortho[2]   ? 
_reflns.pdbx_aniso_diffraction_limit_axis_1_ortho[3]   ? 
_reflns.pdbx_aniso_diffraction_limit_axis_2_ortho[1]   ? 
_reflns.pdbx_aniso_diffraction_limit_axis_2_ortho[2]   ? 
_reflns.pdbx_aniso_diffraction_limit_axis_2_ortho[3]   ? 
_reflns.pdbx_aniso_diffraction_limit_axis_3_ortho[1]   ? 
_reflns.pdbx_aniso_diffraction_limit_axis_3_ortho[2]   ? 
_reflns.pdbx_aniso_diffraction_limit_axis_3_ortho[3]   ? 
_reflns.pdbx_aniso_diffraction_limit_1                 ? 
_reflns.pdbx_aniso_diffraction_limit_2                 ? 
_reflns.pdbx_aniso_diffraction_limit_3                 ? 
_reflns.pdbx_aniso_B_tensor_eigenvector_1_ortho[1]     ? 
_reflns.pdbx_aniso_B_tensor_eigenvector_1_ortho[2]     ? 
_reflns.pdbx_aniso_B_tensor_eigenvector_1_ortho[3]     ? 
_reflns.pdbx_aniso_B_tensor_eigenvector_2_ortho[1]     ? 
_reflns.pdbx_aniso_B_tensor_eigenvector_2_ortho[2]     ? 
_reflns.pdbx_aniso_B_tensor_eigenvector_2_ortho[3]     ? 
_reflns.pdbx_aniso_B_tensor_eigenvector_3_ortho[1]     ? 
_reflns.pdbx_aniso_B_tensor_eigenvector_3_ortho[2]     ? 
_reflns.pdbx_aniso_B_tensor_eigenvector_3_ortho[3]     ? 
_reflns.pdbx_aniso_B_tensor_eigenvalue_1               ? 
_reflns.pdbx_aniso_B_tensor_eigenvalue_2               ? 
_reflns.pdbx_aniso_B_tensor_eigenvalue_3               ? 
_reflns.pdbx_orthogonalization_convention              ? 
_reflns.pdbx_percent_possible_ellipsoidal              ? 
_reflns.pdbx_percent_possible_spherical                ? 
_reflns.pdbx_percent_possible_ellipsoidal_anomalous    ? 
_reflns.pdbx_percent_possible_spherical_anomalous      ? 
_reflns.pdbx_redundancy_anomalous                      ? 
_reflns.pdbx_CC_half_anomalous                         ? 
_reflns.pdbx_absDiff_over_sigma_anomalous              ? 
_reflns.pdbx_percent_possible_anomalous                ? 
_reflns.pdbx_observed_signal_threshold                 ? 
_reflns.pdbx_signal_type                               ? 
_reflns.pdbx_signal_details                            ? 
_reflns.pdbx_signal_software_id                        ? 
# 
loop_
_reflns_shell.d_res_high 
_reflns_shell.d_res_low 
_reflns_shell.meanI_over_sigI_all 
_reflns_shell.meanI_over_sigI_obs 
_reflns_shell.number_measured_all 
_reflns_shell.number_measured_obs 
_reflns_shell.number_possible 
_reflns_shell.number_unique_all 
_reflns_shell.number_unique_obs 
_reflns_shell.percent_possible_obs 
_reflns_shell.Rmerge_F_all 
_reflns_shell.Rmerge_F_obs 
_reflns_shell.meanI_over_sigI_gt 
_reflns_shell.meanI_over_uI_all 
_reflns_shell.meanI_over_uI_gt 
_reflns_shell.number_measured_gt 
_reflns_shell.number_unique_gt 
_reflns_shell.percent_possible_gt 
_reflns_shell.Rmerge_F_gt 
_reflns_shell.Rmerge_I_gt 
_reflns_shell.pdbx_redundancy 
_reflns_shell.pdbx_chi_squared 
_reflns_shell.pdbx_netI_over_sigmaI_all 
_reflns_shell.pdbx_netI_over_sigmaI_obs 
_reflns_shell.pdbx_Rrim_I_all 
_reflns_shell.pdbx_Rpim_I_all 
_reflns_shell.pdbx_rejects 
_reflns_shell.pdbx_ordinal 
_reflns_shell.pdbx_diffrn_id 
_reflns_shell.pdbx_CC_half 
_reflns_shell.pdbx_CC_star 
_reflns_shell.pdbx_R_split 
_reflns_shell.percent_possible_all 
_reflns_shell.Rmerge_I_all 
_reflns_shell.Rmerge_I_obs 
_reflns_shell.pdbx_Rsym_value 
_reflns_shell.pdbx_percent_possible_ellipsoidal 
_reflns_shell.pdbx_percent_possible_spherical 
_reflns_shell.pdbx_percent_possible_ellipsoidal_anomalous 
_reflns_shell.pdbx_percent_possible_spherical_anomalous 
_reflns_shell.pdbx_redundancy_anomalous 
_reflns_shell.pdbx_CC_half_anomalous 
_reflns_shell.pdbx_absDiff_over_sigma_anomalous 
_reflns_shell.pdbx_percent_possible_anomalous 
4.877 5.353  ? ? ? ? ? ? 189 ? ? ? ? ? ? ? ? ? ? ? ? ? ? ? ? ? ? 1 1 .310 ? ? ? ? ? ? ? ? ? ? ? ? ? ? 
9.725 56.086 ? ? ? ? ? ? 186 ? ? ? ? ? ? ? ? ? ? ? ? ? ? ? ? ? ? 2 1 .999 ? ? ? ? ? ? ? ? ? ? ? ? ? ? 
# 
_refine.aniso_B[1][1]                            ? 
_refine.aniso_B[1][2]                            ? 
_refine.aniso_B[1][3]                            ? 
_refine.aniso_B[2][2]                            ? 
_refine.aniso_B[2][3]                            ? 
_refine.aniso_B[3][3]                            ? 
_refine.B_iso_max                                ? 
_refine.B_iso_mean                               390.22 
_refine.B_iso_min                                ? 
_refine.correlation_coeff_Fo_to_Fc               ? 
_refine.correlation_coeff_Fo_to_Fc_free          ? 
_refine.details                                  ? 
_refine.diff_density_max                         ? 
_refine.diff_density_max_esd                     ? 
_refine.diff_density_min                         ? 
_refine.diff_density_min_esd                     ? 
_refine.diff_density_rms                         ? 
_refine.diff_density_rms_esd                     ? 
_refine.entry_id                                 9NKA 
_refine.pdbx_refine_id                           'X-RAY DIFFRACTION' 
_refine.ls_abs_structure_details                 ? 
_refine.ls_abs_structure_Flack                   ? 
_refine.ls_abs_structure_Flack_esd               ? 
_refine.ls_abs_structure_Rogers                  ? 
_refine.ls_abs_structure_Rogers_esd              ? 
_refine.ls_d_res_high                            4.88 
_refine.ls_d_res_low                             32.38 
_refine.ls_extinction_coef                       ? 
_refine.ls_extinction_coef_esd                   ? 
_refine.ls_extinction_expression                 ? 
_refine.ls_extinction_method                     ? 
_refine.ls_goodness_of_fit_all                   ? 
_refine.ls_goodness_of_fit_all_esd               ? 
_refine.ls_goodness_of_fit_obs                   ? 
_refine.ls_goodness_of_fit_obs_esd               ? 
_refine.ls_hydrogen_treatment                    ? 
_refine.ls_matrix_type                           ? 
_refine.ls_number_constraints                    ? 
_refine.ls_number_parameters                     ? 
_refine.ls_number_reflns_all                     ? 
_refine.ls_number_reflns_obs                     1309 
_refine.ls_number_reflns_R_free                  68 
_refine.ls_number_reflns_R_work                  1241 
_refine.ls_number_restraints                     ? 
_refine.ls_percent_reflns_obs                    88.81 
_refine.ls_percent_reflns_R_free                 5.19 
_refine.ls_R_factor_all                          ? 
_refine.ls_R_factor_obs                          0.1879 
_refine.ls_R_factor_R_free                       0.2135 
_refine.ls_R_factor_R_free_error                 ? 
_refine.ls_R_factor_R_free_error_details         ? 
_refine.ls_R_factor_R_work                       0.1858 
_refine.ls_R_Fsqd_factor_obs                     ? 
_refine.ls_R_I_factor_obs                        ? 
_refine.ls_redundancy_reflns_all                 ? 
_refine.ls_redundancy_reflns_obs                 ? 
_refine.ls_restrained_S_all                      ? 
_refine.ls_restrained_S_obs                      ? 
_refine.ls_shift_over_esd_max                    ? 
_refine.ls_shift_over_esd_mean                   ? 
_refine.ls_structure_factor_coef                 ? 
_refine.ls_weighting_details                     ? 
_refine.ls_weighting_scheme                      ? 
_refine.ls_wR_factor_all                         ? 
_refine.ls_wR_factor_obs                         ? 
_refine.ls_wR_factor_R_free                      ? 
_refine.ls_wR_factor_R_work                      ? 
_refine.occupancy_max                            ? 
_refine.occupancy_min                            ? 
_refine.solvent_model_details                    'FLAT BULK SOLVENT MODEL' 
_refine.solvent_model_param_bsol                 ? 
_refine.solvent_model_param_ksol                 ? 
_refine.correlation_coeff_I_to_Fcsqd_work        ? 
_refine.correlation_coeff_I_to_Fcsqd_free        ? 
_refine.pdbx_R_complete                          ? 
_refine.ls_R_factor_gt                           ? 
_refine.ls_goodness_of_fit_gt                    ? 
_refine.ls_goodness_of_fit_ref                   ? 
_refine.ls_shift_over_su_max                     ? 
_refine.ls_shift_over_su_max_lt                  ? 
_refine.ls_shift_over_su_mean                    ? 
_refine.ls_shift_over_su_mean_lt                 ? 
_refine.pdbx_ls_sigma_I                          ? 
_refine.pdbx_ls_sigma_F                          1.98 
_refine.pdbx_ls_sigma_Fsqd                       ? 
_refine.pdbx_data_cutoff_high_absF               ? 
_refine.pdbx_data_cutoff_high_rms_absF           ? 
_refine.pdbx_data_cutoff_low_absF                ? 
_refine.pdbx_isotropic_thermal_model             ? 
_refine.pdbx_ls_cross_valid_method               'FREE R-VALUE' 
_refine.pdbx_method_to_determine_struct          'MOLECULAR REPLACEMENT' 
_refine.pdbx_starting_model                      ? 
_refine.pdbx_stereochemistry_target_values       'GeoStd + Monomer Library + CDL v1.2' 
_refine.pdbx_R_Free_selection_details            ? 
_refine.pdbx_stereochem_target_val_spec_case     ? 
_refine.pdbx_overall_ESU_R                       ? 
_refine.pdbx_overall_ESU_R_Free                  ? 
_refine.pdbx_solvent_vdw_probe_radii             1.1000 
_refine.pdbx_solvent_ion_probe_radii             ? 
_refine.pdbx_solvent_shrinkage_radii             0.9000 
_refine.pdbx_real_space_R                        ? 
_refine.pdbx_density_correlation                 ? 
_refine.pdbx_pd_number_of_powder_patterns        ? 
_refine.pdbx_pd_number_of_points                 ? 
_refine.pdbx_pd_meas_number_of_points            ? 
_refine.pdbx_pd_proc_ls_prof_R_factor            ? 
_refine.pdbx_pd_proc_ls_prof_wR_factor           ? 
_refine.pdbx_pd_Marquardt_correlation_coeff      ? 
_refine.pdbx_pd_Fsqrd_R_factor                   ? 
_refine.pdbx_pd_ls_matrix_band_width             ? 
_refine.pdbx_overall_phase_error                 33.6915 
_refine.pdbx_overall_SU_R_free_Cruickshank_DPI   ? 
_refine.pdbx_overall_SU_R_free_Blow_DPI          ? 
_refine.pdbx_overall_SU_R_Blow_DPI               ? 
_refine.pdbx_TLS_residual_ADP_flag               ? 
_refine.pdbx_diffrn_id                           1 
_refine.overall_SU_B                             ? 
_refine.overall_SU_ML                            0.0000 
_refine.overall_SU_R_Cruickshank_DPI             ? 
_refine.overall_SU_R_free                        ? 
_refine.overall_FOM_free_R_set                   ? 
_refine.overall_FOM_work_R_set                   ? 
_refine.pdbx_average_fsc_overall                 ? 
_refine.pdbx_average_fsc_work                    ? 
_refine.pdbx_average_fsc_free                    ? 
# 
_refine_hist.pdbx_refine_id                   'X-RAY DIFFRACTION' 
_refine_hist.cycle_id                         LAST 
_refine_hist.details                          ? 
_refine_hist.d_res_high                       4.88 
_refine_hist.d_res_low                        32.38 
_refine_hist.number_atoms_solvent             0 
_refine_hist.number_atoms_total               855 
_refine_hist.number_reflns_all                ? 
_refine_hist.number_reflns_obs                ? 
_refine_hist.number_reflns_R_free             ? 
_refine_hist.number_reflns_R_work             ? 
_refine_hist.R_factor_all                     ? 
_refine_hist.R_factor_obs                     ? 
_refine_hist.R_factor_R_free                  ? 
_refine_hist.R_factor_R_work                  ? 
_refine_hist.pdbx_number_residues_total       ? 
_refine_hist.pdbx_B_iso_mean_ligand           ? 
_refine_hist.pdbx_B_iso_mean_solvent          ? 
_refine_hist.pdbx_number_atoms_protein        0 
_refine_hist.pdbx_number_atoms_nucleic_acid   855 
_refine_hist.pdbx_number_atoms_ligand         0 
_refine_hist.pdbx_number_atoms_lipid          ? 
_refine_hist.pdbx_number_atoms_carb           ? 
_refine_hist.pdbx_pseudo_atom_details         ? 
# 
loop_
_refine_ls_restr.pdbx_refine_id 
_refine_ls_restr.criterion 
_refine_ls_restr.dev_ideal 
_refine_ls_restr.dev_ideal_target 
_refine_ls_restr.number 
_refine_ls_restr.rejects 
_refine_ls_restr.type 
_refine_ls_restr.weight 
_refine_ls_restr.pdbx_restraint_function 
'X-RAY DIFFRACTION' ? 0.0041  ? 956  ? f_bond_d           ? ? 
'X-RAY DIFFRACTION' ? 0.6822  ? 1467 ? f_angle_d          ? ? 
'X-RAY DIFFRACTION' ? 0.0334  ? 166  ? f_chiral_restr     ? ? 
'X-RAY DIFFRACTION' ? 0.0034  ? 42   ? f_plane_restr      ? ? 
'X-RAY DIFFRACTION' ? 35.9568 ? 440  ? f_dihedral_angle_d ? ? 
# 
_refine_ls_shell.pdbx_refine_id                      'X-RAY DIFFRACTION' 
_refine_ls_shell.d_res_high                          4.88 
_refine_ls_shell.d_res_low                           32.38 
_refine_ls_shell.number_reflns_all                   ? 
_refine_ls_shell.number_reflns_obs                   ? 
_refine_ls_shell.number_reflns_R_free                68 
_refine_ls_shell.number_reflns_R_work                1241 
_refine_ls_shell.percent_reflns_obs                  88.81 
_refine_ls_shell.percent_reflns_R_free               ? 
_refine_ls_shell.R_factor_all                        ? 
_refine_ls_shell.R_factor_obs                        ? 
_refine_ls_shell.R_factor_R_free_error               ? 
_refine_ls_shell.R_factor_R_work                     0.1858 
_refine_ls_shell.redundancy_reflns_all               ? 
_refine_ls_shell.redundancy_reflns_obs               ? 
_refine_ls_shell.wR_factor_all                       ? 
_refine_ls_shell.wR_factor_obs                       ? 
_refine_ls_shell.wR_factor_R_free                    ? 
_refine_ls_shell.wR_factor_R_work                    ? 
_refine_ls_shell.pdbx_R_complete                     ? 
_refine_ls_shell.correlation_coeff_Fo_to_Fc          ? 
_refine_ls_shell.correlation_coeff_Fo_to_Fc_free     ? 
_refine_ls_shell.correlation_coeff_I_to_Fcsqd_work   ? 
_refine_ls_shell.correlation_coeff_I_to_Fcsqd_free   ? 
_refine_ls_shell.pdbx_total_number_of_bins_used      ? 
_refine_ls_shell.pdbx_phase_error                    ? 
_refine_ls_shell.pdbx_fsc_work                       ? 
_refine_ls_shell.pdbx_fsc_free                       ? 
_refine_ls_shell.R_factor_R_free                     0.2135 
# 
_struct.entry_id                     9NKA 
_struct.title                        
;[-1,8,12-->14] Shifted tensegrity triangle with an (arm,center,arm) distribution of (-1,8,12) base pairs and 2 nt sticky ends containing a semi-junction that becomes left-handed
;
_struct.pdbx_model_details           ? 
_struct.pdbx_formula_weight          ? 
_struct.pdbx_formula_weight_method   ? 
_struct.pdbx_model_type_details      ? 
_struct.pdbx_CASP_flag               N 
# 
_struct_keywords.entry_id        9NKA 
_struct_keywords.text            'tensegrity triangle, DNA' 
_struct_keywords.pdbx_keywords   DNA 
# 
loop_
_struct_asym.id 
_struct_asym.pdbx_blank_PDB_chainid_flag 
_struct_asym.pdbx_modified 
_struct_asym.entity_id 
_struct_asym.details 
A N N 1 ? 
B N N 2 ? 
C N N 3 ? 
D N N 4 ? 
# 
loop_
_struct_ref.id 
_struct_ref.db_name 
_struct_ref.db_code 
_struct_ref.pdbx_db_accession 
_struct_ref.pdbx_db_isoform 
_struct_ref.entity_id 
_struct_ref.pdbx_seq_one_letter_code 
_struct_ref.pdbx_align_begin 
1 PDB 9NKA 9NKA ? 1 ? 1 
2 PDB 9NKA 9NKA ? 2 ? 1 
3 PDB 9NKA 9NKA ? 3 ? 1 
4 PDB 9NKA 9NKA ? 4 ? 1 
# 
loop_
_struct_ref_seq.align_id 
_struct_ref_seq.ref_id 
_struct_ref_seq.pdbx_PDB_id_code 
_struct_ref_seq.pdbx_strand_id 
_struct_ref_seq.seq_align_beg 
_struct_ref_seq.pdbx_seq_align_beg_ins_code 
_struct_ref_seq.seq_align_end 
_struct_ref_seq.pdbx_seq_align_end_ins_code 
_struct_ref_seq.pdbx_db_accession 
_struct_ref_seq.db_align_beg 
_struct_ref_seq.pdbx_db_align_beg_ins_code 
_struct_ref_seq.db_align_end 
_struct_ref_seq.pdbx_db_align_end_ins_code 
_struct_ref_seq.pdbx_auth_seq_align_beg 
_struct_ref_seq.pdbx_auth_seq_align_end 
1 1 9NKA A 1 ? 14 ? 9NKA 1  ? 14 ? 1  14 
2 2 9NKA B 1 ? 15 ? 9NKA 7  ? 21 ? 7  21 
3 3 9NKA C 1 ? 7  ? 9NKA 19 ? 25 ? 19 25 
4 4 9NKA F 1 ? 6  ? 9NKA 1  ? 6  ? 1  6  
# 
_pdbx_struct_assembly.id                   1 
_pdbx_struct_assembly.details              author_defined_assembly 
_pdbx_struct_assembly.method_details       ? 
_pdbx_struct_assembly.oligomeric_details   dodecameric 
_pdbx_struct_assembly.oligomeric_count     12 
# 
loop_
_pdbx_struct_assembly_gen.assembly_id 
_pdbx_struct_assembly_gen.oper_expression 
_pdbx_struct_assembly_gen.asym_id_list 
1 1 A,B,C,D 
1 2 A,B,C,D 
1 3 A,B,C,D 
# 
_pdbx_struct_assembly_auth_evidence.id                     1 
_pdbx_struct_assembly_auth_evidence.assembly_id            1 
_pdbx_struct_assembly_auth_evidence.experimental_support   'native gel electrophoresis' 
_pdbx_struct_assembly_auth_evidence.details                ? 
# 
loop_
_pdbx_struct_oper_list.id 
_pdbx_struct_oper_list.type 
_pdbx_struct_oper_list.name 
_pdbx_struct_oper_list.symmetry_operation 
_pdbx_struct_oper_list.matrix[1][1] 
_pdbx_struct_oper_list.matrix[1][2] 
_pdbx_struct_oper_list.matrix[1][3] 
_pdbx_struct_oper_list.vector[1] 
_pdbx_struct_oper_list.matrix[2][1] 
_pdbx_struct_oper_list.matrix[2][2] 
_pdbx_struct_oper_list.matrix[2][3] 
_pdbx_struct_oper_list.vector[2] 
_pdbx_struct_oper_list.matrix[3][1] 
_pdbx_struct_oper_list.matrix[3][2] 
_pdbx_struct_oper_list.matrix[3][3] 
_pdbx_struct_oper_list.vector[3] 
1 'identity operation'         1_555 x,y,z     1.0000000000 0.0000000000  0.0000000000  0.0000000000   0.0000000000  1.0000000000 0.0000000000  0.0000000000   0.0000000000  0.0000000000  1.0000000000  0.0000000000   
2 'crystal symmetry operation' 2_555 -y,x-y,z  0.3806408312 -0.6621546325 0.6454950041  7.2908743974   -0.8030334203 0.1094357524 0.5857995749  4.2763775366   -0.4585301337 -0.7413332980 -0.4900765836 -35.1701690700 
3 'crystal symmetry operation' 3_555 -x+y,-x,z 0.3806408312 -0.8030334203 -0.4585301337 -15.4677127363 -0.6621546325 0.1094357524 -0.7413332980 -21.7131197645 0.6454950041  0.5857995749  -0.4900765836 -24.4473994430 
# 
loop_
_struct_conn.id 
_struct_conn.conn_type_id 
_struct_conn.pdbx_leaving_atom_flag 
_struct_conn.pdbx_PDB_id 
_struct_conn.ptnr1_label_asym_id 
_struct_conn.ptnr1_label_comp_id 
_struct_conn.ptnr1_label_seq_id 
_struct_conn.ptnr1_label_atom_id 
_struct_conn.pdbx_ptnr1_label_alt_id 
_struct_conn.pdbx_ptnr1_PDB_ins_code 
_struct_conn.pdbx_ptnr1_standard_comp_id 
_struct_conn.ptnr1_symmetry 
_struct_conn.ptnr2_label_asym_id 
_struct_conn.ptnr2_label_comp_id 
_struct_conn.ptnr2_label_seq_id 
_struct_conn.ptnr2_label_atom_id 
_struct_conn.pdbx_ptnr2_label_alt_id 
_struct_conn.pdbx_ptnr2_PDB_ins_code 
_struct_conn.ptnr1_auth_asym_id 
_struct_conn.ptnr1_auth_comp_id 
_struct_conn.ptnr1_auth_seq_id 
_struct_conn.ptnr2_auth_asym_id 
_struct_conn.ptnr2_auth_comp_id 
_struct_conn.ptnr2_auth_seq_id 
_struct_conn.ptnr2_symmetry 
_struct_conn.pdbx_ptnr3_label_atom_id 
_struct_conn.pdbx_ptnr3_label_seq_id 
_struct_conn.pdbx_ptnr3_label_comp_id 
_struct_conn.pdbx_ptnr3_label_asym_id 
_struct_conn.pdbx_ptnr3_label_alt_id 
_struct_conn.pdbx_ptnr3_PDB_ins_code 
_struct_conn.details 
_struct_conn.pdbx_dist_value 
_struct_conn.pdbx_value_order 
_struct_conn.pdbx_role 
hydrog1  hydrog ? ? A DA 3  N1 ? ? ? 1_555 B DT 15 N3 ? ? A DA 3  B DT 21 1_555 ? ? ? ? ? ? WATSON-CRICK            ? ? ? 
hydrog2  hydrog ? ? A DA 3  N6 ? ? ? 1_555 B DT 15 O4 ? ? A DA 3  B DT 21 1_555 ? ? ? ? ? ? WATSON-CRICK            ? ? ? 
hydrog3  hydrog ? ? A DT 4  N3 ? ? ? 1_555 B DA 14 N1 ? ? A DT 4  B DA 20 1_555 ? ? ? ? ? ? WATSON-CRICK            ? ? ? 
hydrog4  hydrog ? ? A DT 4  O4 ? ? ? 1_555 B DA 14 N6 ? ? A DT 4  B DA 20 1_555 ? ? ? ? ? ? WATSON-CRICK            ? ? ? 
hydrog5  hydrog ? ? A DG 5  N1 ? ? ? 1_555 B DC 13 N3 ? ? A DG 5  B DC 19 1_555 ? ? ? ? ? ? WATSON-CRICK            ? ? ? 
hydrog6  hydrog ? ? A DG 5  N2 ? ? ? 1_555 B DC 13 O2 ? ? A DG 5  B DC 19 1_555 ? ? ? ? ? ? WATSON-CRICK            ? ? ? 
hydrog7  hydrog ? ? A DG 5  O6 ? ? ? 1_555 B DC 13 N4 ? ? A DG 5  B DC 19 1_555 ? ? ? ? ? ? WATSON-CRICK            ? ? ? 
hydrog8  hydrog ? ? A DG 5  N1 ? ? ? 1_555 B DA 14 N1 ? ? A DG 5  B DA 20 1_555 ? ? ? ? ? ? TYPE_8_PAIR             ? ? ? 
hydrog9  hydrog ? ? A DG 5  O6 ? ? ? 1_555 B DA 14 N6 ? ? A DG 5  B DA 20 1_555 ? ? ? ? ? ? TYPE_8_PAIR             ? ? ? 
hydrog10 hydrog ? ? A DC 6  N3 ? ? ? 1_555 B DG 12 N1 ? ? A DC 6  B DG 18 1_555 ? ? ? ? ? ? WATSON-CRICK            ? ? ? 
hydrog11 hydrog ? ? A DC 6  N4 ? ? ? 1_555 B DG 12 O6 ? ? A DC 6  B DG 18 1_555 ? ? ? ? ? ? WATSON-CRICK            ? ? ? 
hydrog12 hydrog ? ? A DC 6  O2 ? ? ? 1_555 B DG 12 N2 ? ? A DC 6  B DG 18 1_555 ? ? ? ? ? ? WATSON-CRICK            ? ? ? 
hydrog13 hydrog ? ? A DA 7  N1 ? ? ? 1_555 B DT 11 N3 ? ? A DA 7  B DT 17 1_555 ? ? ? ? ? ? WATSON-CRICK            ? ? ? 
hydrog14 hydrog ? ? A DA 7  N6 ? ? ? 1_555 B DT 11 O4 ? ? A DA 7  B DT 17 1_555 ? ? ? ? ? ? WATSON-CRICK            ? ? ? 
hydrog15 hydrog ? ? A DC 8  N3 ? ? ? 1_555 B DG 10 N1 ? ? A DC 8  B DG 16 1_555 ? ? ? ? ? ? WATSON-CRICK            ? ? ? 
hydrog16 hydrog ? ? A DC 8  N4 ? ? ? 1_555 B DG 10 O6 ? ? A DC 8  B DG 16 1_555 ? ? ? ? ? ? WATSON-CRICK            ? ? ? 
hydrog17 hydrog ? ? A DC 8  O2 ? ? ? 1_555 B DG 10 N2 ? ? A DC 8  B DG 16 1_555 ? ? ? ? ? ? WATSON-CRICK            ? ? ? 
hydrog18 hydrog ? ? A DT 9  N3 ? ? ? 1_555 B DA 9  N1 ? ? A DT 9  B DA 15 1_555 ? ? ? ? ? ? WATSON-CRICK            ? ? ? 
hydrog19 hydrog ? ? A DT 9  O4 ? ? ? 1_555 B DA 9  N6 ? ? A DT 9  B DA 15 1_555 ? ? ? ? ? ? WATSON-CRICK            ? ? ? 
hydrog20 hydrog ? ? A DG 10 N1 ? ? ? 1_555 B DC 8  N3 ? ? A DG 10 B DC 14 1_555 ? ? ? ? ? ? WATSON-CRICK            ? ? ? 
hydrog21 hydrog ? ? A DG 10 N2 ? ? ? 1_555 B DC 8  O2 ? ? A DG 10 B DC 14 1_555 ? ? ? ? ? ? WATSON-CRICK            ? ? ? 
hydrog22 hydrog ? ? A DG 10 O6 ? ? ? 1_555 B DC 8  N4 ? ? A DG 10 B DC 14 1_555 ? ? ? ? ? ? WATSON-CRICK            ? ? ? 
hydrog23 hydrog ? ? A DC 11 N3 ? ? ? 1_555 B DG 7  N1 ? ? A DC 11 B DG 13 1_555 ? ? ? ? ? ? WATSON-CRICK            ? ? ? 
hydrog24 hydrog ? ? A DC 11 N4 ? ? ? 1_555 B DG 7  O6 ? ? A DC 11 B DG 13 1_555 ? ? ? ? ? ? WATSON-CRICK            ? ? ? 
hydrog25 hydrog ? ? A DC 11 O2 ? ? ? 1_555 B DG 7  N2 ? ? A DC 11 B DG 13 1_555 ? ? ? ? ? ? WATSON-CRICK            ? ? ? 
hydrog26 hydrog ? ? A DT 12 O4 ? ? ? 1_555 B DA 6  N6 ? ? A DT 12 B DA 12 1_555 ? ? ? ? ? ? 'DT-DA PAIR'            ? ? ? 
hydrog27 hydrog ? ? A DG 13 N1 ? ? ? 1_555 B DC 5  N3 ? ? A DG 13 B DC 11 1_555 ? ? ? ? ? ? WATSON-CRICK            ? ? ? 
hydrog28 hydrog ? ? A DG 13 N2 ? ? ? 1_555 B DC 5  O2 ? ? A DG 13 B DC 11 1_555 ? ? ? ? ? ? WATSON-CRICK            ? ? ? 
hydrog29 hydrog ? ? A DG 13 O6 ? ? ? 1_555 B DC 5  N4 ? ? A DG 13 B DC 11 1_555 ? ? ? ? ? ? WATSON-CRICK            ? ? ? 
hydrog30 hydrog ? ? A DT 14 N3 ? ? ? 1_555 B DA 4  N1 ? ? A DT 14 B DA 10 1_555 ? ? ? ? ? ? WATSON-CRICK            ? ? ? 
hydrog31 hydrog ? ? A DT 14 O4 ? ? ? 1_555 B DA 4  N6 ? ? A DT 14 B DA 10 1_555 ? ? ? ? ? ? WATSON-CRICK            ? ? ? 
hydrog32 hydrog ? ? B DC 1  N3 ? ? ? 1_555 C DG 6  N1 ? ? B DC 7  C DG 24 1_555 ? ? ? ? ? ? WATSON-CRICK            ? ? ? 
hydrog33 hydrog ? ? B DC 1  N4 ? ? ? 1_555 C DG 6  O6 ? ? B DC 7  C DG 24 1_555 ? ? ? ? ? ? WATSON-CRICK            ? ? ? 
hydrog34 hydrog ? ? B DC 1  O2 ? ? ? 1_555 C DG 6  N2 ? ? B DC 7  C DG 24 1_555 ? ? ? ? ? ? WATSON-CRICK            ? ? ? 
hydrog35 hydrog ? ? B DG 2  N1 ? ? ? 1_555 C DC 5  N3 ? ? B DG 8  C DC 23 1_555 ? ? ? ? ? ? WATSON-CRICK            ? ? ? 
hydrog36 hydrog ? ? B DG 2  N2 ? ? ? 1_555 C DC 5  O2 ? ? B DG 8  C DC 23 1_555 ? ? ? ? ? ? WATSON-CRICK            ? ? ? 
hydrog37 hydrog ? ? B DG 2  O6 ? ? ? 1_555 C DC 5  N4 ? ? B DG 8  C DC 23 1_555 ? ? ? ? ? ? WATSON-CRICK            ? ? ? 
hydrog38 hydrog ? ? B DG 3  N1 ? ? ? 1_555 C DC 4  N3 ? ? B DG 9  C DC 22 1_555 ? ? ? ? ? ? WATSON-CRICK            ? ? ? 
hydrog39 hydrog ? ? B DG 3  N2 ? ? ? 1_555 C DC 4  O2 ? ? B DG 9  C DC 22 1_555 ? ? ? ? ? ? WATSON-CRICK            ? ? ? 
hydrog40 hydrog ? ? B DG 3  O6 ? ? ? 1_555 C DC 4  N4 ? ? B DG 9  C DC 22 1_555 ? ? ? ? ? ? WATSON-CRICK            ? ? ? 
hydrog41 hydrog ? ? B DG 3  N1 ? ? ? 1_555 C DC 5  O2 ? ? B DG 9  C DC 23 1_555 ? ? ? ? ? ? 'REVERSED WATSON-CRICK' ? ? ? 
hydrog42 hydrog ? ? B DG 3  N2 ? ? ? 1_555 C DC 5  N3 ? ? B DG 9  C DC 23 1_555 ? ? ? ? ? ? 'REVERSED WATSON-CRICK' ? ? ? 
hydrog43 hydrog ? ? C DC 1  N3 ? ? ? 1_555 D DG 5  N1 ? ? C DC 19 F DG 5  1_555 ? ? ? ? ? ? WATSON-CRICK            ? ? ? 
hydrog44 hydrog ? ? C DC 1  N4 ? ? ? 1_555 D DG 5  O6 ? ? C DC 19 F DG 5  1_555 ? ? ? ? ? ? WATSON-CRICK            ? ? ? 
hydrog45 hydrog ? ? C DC 1  O2 ? ? ? 1_555 D DG 5  N2 ? ? C DC 19 F DG 5  1_555 ? ? ? ? ? ? WATSON-CRICK            ? ? ? 
hydrog46 hydrog ? ? C DA 2  N1 ? ? ? 1_555 D DT 4  N3 ? ? C DA 20 F DT 4  1_555 ? ? ? ? ? ? WATSON-CRICK            ? ? ? 
hydrog47 hydrog ? ? C DA 2  N6 ? ? ? 1_555 D DT 4  O4 ? ? C DA 20 F DT 4  1_555 ? ? ? ? ? ? WATSON-CRICK            ? ? ? 
hydrog48 hydrog ? ? C DC 3  N3 ? ? ? 1_555 D DG 3  N1 ? ? C DC 21 F DG 3  1_555 ? ? ? ? ? ? WATSON-CRICK            ? ? ? 
hydrog49 hydrog ? ? C DC 3  N4 ? ? ? 1_555 D DG 3  O6 ? ? C DC 21 F DG 3  1_555 ? ? ? ? ? ? WATSON-CRICK            ? ? ? 
hydrog50 hydrog ? ? C DC 3  O2 ? ? ? 1_555 D DG 3  N2 ? ? C DC 21 F DG 3  1_555 ? ? ? ? ? ? WATSON-CRICK            ? ? ? 
# 
_struct_conn_type.id          hydrog 
_struct_conn_type.criteria    ? 
_struct_conn_type.reference   ? 
# 
_pdbx_entry_details.entry_id                   9NKA 
_pdbx_entry_details.compound_details           ? 
_pdbx_entry_details.source_details             ? 
_pdbx_entry_details.nonpolymer_details         ? 
_pdbx_entry_details.sequence_details           ? 
_pdbx_entry_details.has_ligand_of_interest     ? 
_pdbx_entry_details.has_protein_modification   N 
# 
loop_
_pdbx_validate_rmsd_angle.id 
_pdbx_validate_rmsd_angle.PDB_model_num 
_pdbx_validate_rmsd_angle.auth_atom_id_1 
_pdbx_validate_rmsd_angle.auth_asym_id_1 
_pdbx_validate_rmsd_angle.auth_comp_id_1 
_pdbx_validate_rmsd_angle.auth_seq_id_1 
_pdbx_validate_rmsd_angle.PDB_ins_code_1 
_pdbx_validate_rmsd_angle.label_alt_id_1 
_pdbx_validate_rmsd_angle.auth_atom_id_2 
_pdbx_validate_rmsd_angle.auth_asym_id_2 
_pdbx_validate_rmsd_angle.auth_comp_id_2 
_pdbx_validate_rmsd_angle.auth_seq_id_2 
_pdbx_validate_rmsd_angle.PDB_ins_code_2 
_pdbx_validate_rmsd_angle.label_alt_id_2 
_pdbx_validate_rmsd_angle.auth_atom_id_3 
_pdbx_validate_rmsd_angle.auth_asym_id_3 
_pdbx_validate_rmsd_angle.auth_comp_id_3 
_pdbx_validate_rmsd_angle.auth_seq_id_3 
_pdbx_validate_rmsd_angle.PDB_ins_code_3 
_pdbx_validate_rmsd_angle.label_alt_id_3 
_pdbx_validate_rmsd_angle.angle_value 
_pdbx_validate_rmsd_angle.angle_target_value 
_pdbx_validate_rmsd_angle.angle_deviation 
_pdbx_validate_rmsd_angle.angle_standard_deviation 
_pdbx_validate_rmsd_angle.linker_flag 
1 1 "O4'" A DG 5  ? ? "C1'" A DG 5  ? ? N9 A DG 5  ? ? 110.85 108.30 2.55 0.30 N 
2 1 "O4'" C DG 24 ? ? "C1'" C DG 24 ? ? N9 C DG 24 ? ? 110.38 108.30 2.08 0.30 N 
# 
loop_
_space_group_symop.id 
_space_group_symop.operation_xyz 
1 x,y,z                 
2 -y,x-y,z              
3 -x+y,-x,z             
4 x+1/3,y+2/3,z+2/3     
5 -y+1/3,x-y+2/3,z+2/3  
6 -x+y+1/3,-x+2/3,z+2/3 
7 x+2/3,y+1/3,z+1/3     
8 -y+2/3,x-y+1/3,z+1/3  
9 -x+y+2/3,-x+1/3,z+1/3 
# 
loop_
_pdbx_refine_tls.id 
_pdbx_refine_tls.pdbx_refine_id 
_pdbx_refine_tls.details 
_pdbx_refine_tls.method 
_pdbx_refine_tls.origin_x 
_pdbx_refine_tls.origin_y 
_pdbx_refine_tls.origin_z 
_pdbx_refine_tls.T[1][1] 
_pdbx_refine_tls.T[1][1]_esd 
_pdbx_refine_tls.T[1][2] 
_pdbx_refine_tls.T[1][2]_esd 
_pdbx_refine_tls.T[1][3] 
_pdbx_refine_tls.T[1][3]_esd 
_pdbx_refine_tls.T[2][2] 
_pdbx_refine_tls.T[2][2]_esd 
_pdbx_refine_tls.T[2][3] 
_pdbx_refine_tls.T[2][3]_esd 
_pdbx_refine_tls.T[3][3] 
_pdbx_refine_tls.T[3][3]_esd 
_pdbx_refine_tls.L[1][1] 
_pdbx_refine_tls.L[1][1]_esd 
_pdbx_refine_tls.L[1][2] 
_pdbx_refine_tls.L[1][2]_esd 
_pdbx_refine_tls.L[1][3] 
_pdbx_refine_tls.L[1][3]_esd 
_pdbx_refine_tls.L[2][2] 
_pdbx_refine_tls.L[2][2]_esd 
_pdbx_refine_tls.L[2][3] 
_pdbx_refine_tls.L[2][3]_esd 
_pdbx_refine_tls.L[3][3] 
_pdbx_refine_tls.L[3][3]_esd 
_pdbx_refine_tls.S[1][1] 
_pdbx_refine_tls.S[1][1]_esd 
_pdbx_refine_tls.S[1][2] 
_pdbx_refine_tls.S[1][2]_esd 
_pdbx_refine_tls.S[1][3] 
_pdbx_refine_tls.S[1][3]_esd 
_pdbx_refine_tls.S[2][1] 
_pdbx_refine_tls.S[2][1]_esd 
_pdbx_refine_tls.S[2][2] 
_pdbx_refine_tls.S[2][2]_esd 
_pdbx_refine_tls.S[2][3] 
_pdbx_refine_tls.S[2][3]_esd 
_pdbx_refine_tls.S[3][1] 
_pdbx_refine_tls.S[3][1]_esd 
_pdbx_refine_tls.S[3][2] 
_pdbx_refine_tls.S[3][2]_esd 
_pdbx_refine_tls.S[3][3] 
_pdbx_refine_tls.S[3][3]_esd 
1 'X-RAY DIFFRACTION' ? refined 6.35331838819  5.6244267928    -8.5973245039 1.62179005366 ? -0.72781286478  ? 1.43153125375  ? 7.113900375   ? 0.81060832897   ? 4.63697886968 ? 0.51055668493  ? 0.75034795709  ? 1.178438143880  ? 1.02271891284  ? 1.704137890539  ? 2.782886896269 ? 4.88012019228  ? -1.49490129581 ? 1.67829130453  ? -1.08208348576 ? 1.60847307837   ? -1.840498513840 ? -0.7912555160   ? 3.78949688911  ? -1.83153350001 ? 
2 'X-RAY DIFFRACTION' ? refined 0.2453144761   5.9819967906    -2.8839923082 3.71639832531 ? -0.00973935923  ? 2.75369195767  ? 4.2640593381  ? 1.125278988440  ? 3.99591783778 ? -0.03621055683 ? 0.090453139412 ? -0.135894438872 ? 0.938096705460 ? -0.957951192509 ? 1.156561139247 ? -0.58379679712 ? 1.44839685348  ? 0.32817750815  ? -0.10619339896 ? -1.210590839504 ? -1.29854511866  ? -0.891363636658 ? 3.41839166091  ? -1.11534472275 ? 
3 'X-RAY DIFFRACTION' ? refined -11.4701197423 -8.27120017341  14.3883343664 2.35800085309 ? -0.647533533639 ? 0.562435451455 ? 3.50597168917 ? -0.219133507706 ? 3.39365238566 ? 1.14116345909  ? -1.47820536098 ? -2.69228803471  ? 2.22205360610  ? 4.02137791871   ? 7.26818432936  ? 1.45301132746  ? 0.737945641427 ? 0.42284968035  ? -1.21660775109 ? 1.978349053129  ? -3.75792207626  ? -1.34164879425  ? 2.59624765577  ? -2.39854834706 ? 
4 'X-RAY DIFFRACTION' ? refined -2.5585393644  -19.19161513970 11.3898002749 3.69320924558 ? 0.792348564118  ? 1.89499744184  ? 3.64764046112 ? 0.045260699617  ? 3.01839172956 ? -2.72074329094 ? 2.9208488447   ? 0.90269151720   ? 13.05212143102 ? -9.62085913877  ? 6.14947715547  ? 0.06879544264  ? 2.39903597767  ? -3.55274017741 ? 1.8875772551   ? -2.302612448918 ? -0.32845911854  ? 2.34133936477   ? -1.63613224957 ? 4.38095926445  ? 
# 
loop_
_pdbx_refine_tls_group.id 
_pdbx_refine_tls_group.pdbx_refine_id 
_pdbx_refine_tls_group.refine_tls_id 
_pdbx_refine_tls_group.beg_label_asym_id 
_pdbx_refine_tls_group.beg_label_seq_id 
_pdbx_refine_tls_group.beg_auth_asym_id 
_pdbx_refine_tls_group.beg_auth_seq_id 
_pdbx_refine_tls_group.beg_PDB_ins_code 
_pdbx_refine_tls_group.end_label_asym_id 
_pdbx_refine_tls_group.end_label_seq_id 
_pdbx_refine_tls_group.end_auth_asym_id 
_pdbx_refine_tls_group.end_auth_seq_id 
_pdbx_refine_tls_group.end_PDB_ins_code 
_pdbx_refine_tls_group.selection 
_pdbx_refine_tls_group.selection_details 
1 'X-RAY DIFFRACTION' 1 A ? A 1  ? A ? A 14 ? ? 
;chain 'A' and (resid 1 through 14 )
;
2 'X-RAY DIFFRACTION' 2 B ? B 7  ? B ? B 21 ? ? 
;chain 'B' and (resid 7 through 21 )
;
3 'X-RAY DIFFRACTION' 3 C ? C 19 ? C ? C 25 ? ? 
;chain 'C' and (resid 19 through 25 )
;
4 'X-RAY DIFFRACTION' 4 D ? F 1  ? D ? F 6  ? ? 
;chain 'F' and (resid 1 through 6 )
;
# 
loop_
_chem_comp_atom.comp_id 
_chem_comp_atom.atom_id 
_chem_comp_atom.type_symbol 
_chem_comp_atom.pdbx_aromatic_flag 
_chem_comp_atom.pdbx_stereo_config 
_chem_comp_atom.pdbx_ordinal 
DA OP3    O N N 1   
DA P      P N N 2   
DA OP1    O N N 3   
DA OP2    O N N 4   
DA "O5'"  O N N 5   
DA "C5'"  C N N 6   
DA "C4'"  C N R 7   
DA "O4'"  O N N 8   
DA "C3'"  C N S 9   
DA "O3'"  O N N 10  
DA "C2'"  C N N 11  
DA "C1'"  C N R 12  
DA N9     N Y N 13  
DA C8     C Y N 14  
DA N7     N Y N 15  
DA C5     C Y N 16  
DA C6     C Y N 17  
DA N6     N N N 18  
DA N1     N Y N 19  
DA C2     C Y N 20  
DA N3     N Y N 21  
DA C4     C Y N 22  
DA HOP3   H N N 23  
DA HOP2   H N N 24  
DA "H5'"  H N N 25  
DA "H5''" H N N 26  
DA "H4'"  H N N 27  
DA "H3'"  H N N 28  
DA "HO3'" H N N 29  
DA "H2'"  H N N 30  
DA "H2''" H N N 31  
DA "H1'"  H N N 32  
DA H8     H N N 33  
DA H61    H N N 34  
DA H62    H N N 35  
DA H2     H N N 36  
DC OP3    O N N 37  
DC P      P N N 38  
DC OP1    O N N 39  
DC OP2    O N N 40  
DC "O5'"  O N N 41  
DC "C5'"  C N N 42  
DC "C4'"  C N R 43  
DC "O4'"  O N N 44  
DC "C3'"  C N S 45  
DC "O3'"  O N N 46  
DC "C2'"  C N N 47  
DC "C1'"  C N R 48  
DC N1     N N N 49  
DC C2     C N N 50  
DC O2     O N N 51  
DC N3     N N N 52  
DC C4     C N N 53  
DC N4     N N N 54  
DC C5     C N N 55  
DC C6     C N N 56  
DC HOP3   H N N 57  
DC HOP2   H N N 58  
DC "H5'"  H N N 59  
DC "H5''" H N N 60  
DC "H4'"  H N N 61  
DC "H3'"  H N N 62  
DC "HO3'" H N N 63  
DC "H2'"  H N N 64  
DC "H2''" H N N 65  
DC "H1'"  H N N 66  
DC H41    H N N 67  
DC H42    H N N 68  
DC H5     H N N 69  
DC H6     H N N 70  
DG OP3    O N N 71  
DG P      P N N 72  
DG OP1    O N N 73  
DG OP2    O N N 74  
DG "O5'"  O N N 75  
DG "C5'"  C N N 76  
DG "C4'"  C N R 77  
DG "O4'"  O N N 78  
DG "C3'"  C N S 79  
DG "O3'"  O N N 80  
DG "C2'"  C N N 81  
DG "C1'"  C N R 82  
DG N9     N Y N 83  
DG C8     C Y N 84  
DG N7     N Y N 85  
DG C5     C Y N 86  
DG C6     C N N 87  
DG O6     O N N 88  
DG N1     N N N 89  
DG C2     C N N 90  
DG N2     N N N 91  
DG N3     N N N 92  
DG C4     C Y N 93  
DG HOP3   H N N 94  
DG HOP2   H N N 95  
DG "H5'"  H N N 96  
DG "H5''" H N N 97  
DG "H4'"  H N N 98  
DG "H3'"  H N N 99  
DG "HO3'" H N N 100 
DG "H2'"  H N N 101 
DG "H2''" H N N 102 
DG "H1'"  H N N 103 
DG H8     H N N 104 
DG H1     H N N 105 
DG H21    H N N 106 
DG H22    H N N 107 
DT OP3    O N N 108 
DT P      P N N 109 
DT OP1    O N N 110 
DT OP2    O N N 111 
DT "O5'"  O N N 112 
DT "C5'"  C N N 113 
DT "C4'"  C N R 114 
DT "O4'"  O N N 115 
DT "C3'"  C N S 116 
DT "O3'"  O N N 117 
DT "C2'"  C N N 118 
DT "C1'"  C N R 119 
DT N1     N N N 120 
DT C2     C N N 121 
DT O2     O N N 122 
DT N3     N N N 123 
DT C4     C N N 124 
DT O4     O N N 125 
DT C5     C N N 126 
DT C7     C N N 127 
DT C6     C N N 128 
DT HOP3   H N N 129 
DT HOP2   H N N 130 
DT "H5'"  H N N 131 
DT "H5''" H N N 132 
DT "H4'"  H N N 133 
DT "H3'"  H N N 134 
DT "HO3'" H N N 135 
DT "H2'"  H N N 136 
DT "H2''" H N N 137 
DT "H1'"  H N N 138 
DT H3     H N N 139 
DT H71    H N N 140 
DT H72    H N N 141 
DT H73    H N N 142 
DT H6     H N N 143 
# 
loop_
_chem_comp_bond.comp_id 
_chem_comp_bond.atom_id_1 
_chem_comp_bond.atom_id_2 
_chem_comp_bond.value_order 
_chem_comp_bond.pdbx_aromatic_flag 
_chem_comp_bond.pdbx_stereo_config 
_chem_comp_bond.pdbx_ordinal 
DA OP3   P      sing N N 1   
DA OP3   HOP3   sing N N 2   
DA P     OP1    doub N N 3   
DA P     OP2    sing N N 4   
DA P     "O5'"  sing N N 5   
DA OP2   HOP2   sing N N 6   
DA "O5'" "C5'"  sing N N 7   
DA "C5'" "C4'"  sing N N 8   
DA "C5'" "H5'"  sing N N 9   
DA "C5'" "H5''" sing N N 10  
DA "C4'" "O4'"  sing N N 11  
DA "C4'" "C3'"  sing N N 12  
DA "C4'" "H4'"  sing N N 13  
DA "O4'" "C1'"  sing N N 14  
DA "C3'" "O3'"  sing N N 15  
DA "C3'" "C2'"  sing N N 16  
DA "C3'" "H3'"  sing N N 17  
DA "O3'" "HO3'" sing N N 18  
DA "C2'" "C1'"  sing N N 19  
DA "C2'" "H2'"  sing N N 20  
DA "C2'" "H2''" sing N N 21  
DA "C1'" N9     sing N N 22  
DA "C1'" "H1'"  sing N N 23  
DA N9    C8     sing Y N 24  
DA N9    C4     sing Y N 25  
DA C8    N7     doub Y N 26  
DA C8    H8     sing N N 27  
DA N7    C5     sing Y N 28  
DA C5    C6     sing Y N 29  
DA C5    C4     doub Y N 30  
DA C6    N6     sing N N 31  
DA C6    N1     doub Y N 32  
DA N6    H61    sing N N 33  
DA N6    H62    sing N N 34  
DA N1    C2     sing Y N 35  
DA C2    N3     doub Y N 36  
DA C2    H2     sing N N 37  
DA N3    C4     sing Y N 38  
DC OP3   P      sing N N 39  
DC OP3   HOP3   sing N N 40  
DC P     OP1    doub N N 41  
DC P     OP2    sing N N 42  
DC P     "O5'"  sing N N 43  
DC OP2   HOP2   sing N N 44  
DC "O5'" "C5'"  sing N N 45  
DC "C5'" "C4'"  sing N N 46  
DC "C5'" "H5'"  sing N N 47  
DC "C5'" "H5''" sing N N 48  
DC "C4'" "O4'"  sing N N 49  
DC "C4'" "C3'"  sing N N 50  
DC "C4'" "H4'"  sing N N 51  
DC "O4'" "C1'"  sing N N 52  
DC "C3'" "O3'"  sing N N 53  
DC "C3'" "C2'"  sing N N 54  
DC "C3'" "H3'"  sing N N 55  
DC "O3'" "HO3'" sing N N 56  
DC "C2'" "C1'"  sing N N 57  
DC "C2'" "H2'"  sing N N 58  
DC "C2'" "H2''" sing N N 59  
DC "C1'" N1     sing N N 60  
DC "C1'" "H1'"  sing N N 61  
DC N1    C2     sing N N 62  
DC N1    C6     sing N N 63  
DC C2    O2     doub N N 64  
DC C2    N3     sing N N 65  
DC N3    C4     doub N N 66  
DC C4    N4     sing N N 67  
DC C4    C5     sing N N 68  
DC N4    H41    sing N N 69  
DC N4    H42    sing N N 70  
DC C5    C6     doub N N 71  
DC C5    H5     sing N N 72  
DC C6    H6     sing N N 73  
DG OP3   P      sing N N 74  
DG OP3   HOP3   sing N N 75  
DG P     OP1    doub N N 76  
DG P     OP2    sing N N 77  
DG P     "O5'"  sing N N 78  
DG OP2   HOP2   sing N N 79  
DG "O5'" "C5'"  sing N N 80  
DG "C5'" "C4'"  sing N N 81  
DG "C5'" "H5'"  sing N N 82  
DG "C5'" "H5''" sing N N 83  
DG "C4'" "O4'"  sing N N 84  
DG "C4'" "C3'"  sing N N 85  
DG "C4'" "H4'"  sing N N 86  
DG "O4'" "C1'"  sing N N 87  
DG "C3'" "O3'"  sing N N 88  
DG "C3'" "C2'"  sing N N 89  
DG "C3'" "H3'"  sing N N 90  
DG "O3'" "HO3'" sing N N 91  
DG "C2'" "C1'"  sing N N 92  
DG "C2'" "H2'"  sing N N 93  
DG "C2'" "H2''" sing N N 94  
DG "C1'" N9     sing N N 95  
DG "C1'" "H1'"  sing N N 96  
DG N9    C8     sing Y N 97  
DG N9    C4     sing Y N 98  
DG C8    N7     doub Y N 99  
DG C8    H8     sing N N 100 
DG N7    C5     sing Y N 101 
DG C5    C6     sing N N 102 
DG C5    C4     doub Y N 103 
DG C6    O6     doub N N 104 
DG C6    N1     sing N N 105 
DG N1    C2     sing N N 106 
DG N1    H1     sing N N 107 
DG C2    N2     sing N N 108 
DG C2    N3     doub N N 109 
DG N2    H21    sing N N 110 
DG N2    H22    sing N N 111 
DG N3    C4     sing N N 112 
DT OP3   P      sing N N 113 
DT OP3   HOP3   sing N N 114 
DT P     OP1    doub N N 115 
DT P     OP2    sing N N 116 
DT P     "O5'"  sing N N 117 
DT OP2   HOP2   sing N N 118 
DT "O5'" "C5'"  sing N N 119 
DT "C5'" "C4'"  sing N N 120 
DT "C5'" "H5'"  sing N N 121 
DT "C5'" "H5''" sing N N 122 
DT "C4'" "O4'"  sing N N 123 
DT "C4'" "C3'"  sing N N 124 
DT "C4'" "H4'"  sing N N 125 
DT "O4'" "C1'"  sing N N 126 
DT "C3'" "O3'"  sing N N 127 
DT "C3'" "C2'"  sing N N 128 
DT "C3'" "H3'"  sing N N 129 
DT "O3'" "HO3'" sing N N 130 
DT "C2'" "C1'"  sing N N 131 
DT "C2'" "H2'"  sing N N 132 
DT "C2'" "H2''" sing N N 133 
DT "C1'" N1     sing N N 134 
DT "C1'" "H1'"  sing N N 135 
DT N1    C2     sing N N 136 
DT N1    C6     sing N N 137 
DT C2    O2     doub N N 138 
DT C2    N3     sing N N 139 
DT N3    C4     sing N N 140 
DT N3    H3     sing N N 141 
DT C4    O4     doub N N 142 
DT C4    C5     sing N N 143 
DT C5    C7     sing N N 144 
DT C5    C6     doub N N 145 
DT C7    H71    sing N N 146 
DT C7    H72    sing N N 147 
DT C7    H73    sing N N 148 
DT C6    H6     sing N N 149 
# 
loop_
_ndb_struct_conf_na.entry_id 
_ndb_struct_conf_na.feature 
9NKA 'double helix'        
9NKA 'b-form double helix' 
# 
loop_
_ndb_struct_na_base_pair.model_number 
_ndb_struct_na_base_pair.i_label_asym_id 
_ndb_struct_na_base_pair.i_label_comp_id 
_ndb_struct_na_base_pair.i_label_seq_id 
_ndb_struct_na_base_pair.i_symmetry 
_ndb_struct_na_base_pair.j_label_asym_id 
_ndb_struct_na_base_pair.j_label_comp_id 
_ndb_struct_na_base_pair.j_label_seq_id 
_ndb_struct_na_base_pair.j_symmetry 
_ndb_struct_na_base_pair.shear 
_ndb_struct_na_base_pair.stretch 
_ndb_struct_na_base_pair.stagger 
_ndb_struct_na_base_pair.buckle 
_ndb_struct_na_base_pair.propeller 
_ndb_struct_na_base_pair.opening 
_ndb_struct_na_base_pair.pair_number 
_ndb_struct_na_base_pair.pair_name 
_ndb_struct_na_base_pair.i_auth_asym_id 
_ndb_struct_na_base_pair.i_auth_seq_id 
_ndb_struct_na_base_pair.i_PDB_ins_code 
_ndb_struct_na_base_pair.j_auth_asym_id 
_ndb_struct_na_base_pair.j_auth_seq_id 
_ndb_struct_na_base_pair.j_PDB_ins_code 
_ndb_struct_na_base_pair.hbond_type_28 
_ndb_struct_na_base_pair.hbond_type_12 
1 A DA 3  1_555 B DT 15 1_555 0.372  -0.180 -1.201 -22.099 -24.682 -1.283  1  A_DA3:DT21_B  A 3  ? B 21 ? 20 1 
1 A DT 4  1_555 B DA 14 1_555 -0.069 -0.443 -1.472 -11.098 -12.035 0.844   2  A_DT4:DA20_B  A 4  ? B 20 ? 20 1 
1 A DG 5  1_555 B DC 13 1_555 -0.118 -0.191 -1.036 -12.090 3.712   -2.090  3  A_DG5:DC19_B  A 5  ? B 19 ? 19 1 
1 A DC 6  1_555 B DG 12 1_555 0.209  -0.137 -0.345 2.818   0.127   -0.542  4  A_DC6:DG18_B  A 6  ? B 18 ? 19 1 
1 A DA 7  1_555 B DT 11 1_555 0.158  -0.079 -0.086 3.467   2.801   -9.191  5  A_DA7:DT17_B  A 7  ? B 17 ? 20 1 
1 A DC 8  1_555 B DG 10 1_555 0.209  -0.150 -0.260 2.313   1.392   -0.027  6  A_DC8:DG16_B  A 8  ? B 16 ? 19 1 
1 A DT 9  1_555 B DA 9  1_555 -0.125 -0.131 -0.177 0.983   -0.601  0.343   7  A_DT9:DA15_B  A 9  ? B 15 ? 20 1 
1 A DG 10 1_555 B DC 8  1_555 -0.220 -0.187 0.406  0.931   -0.401  1.089   8  A_DG10:DC14_B A 10 ? B 14 ? 19 1 
1 A DC 11 1_555 B DG 7  1_555 0.187  -0.198 0.598  -0.622  -1.974  -0.793  9  A_DC11:DG13_B A 11 ? B 13 ? 19 1 
1 A DT 12 1_555 B DA 6  1_555 -2.354 0.383  -0.379 2.441   -2.433  -14.067 10 A_DT12:DA12_B A 12 ? B 12 ? ?  ? 
1 A DG 13 1_555 B DC 5  1_555 -0.225 -0.182 -0.365 1.347   -1.442  2.011   11 A_DG13:DC11_B A 13 ? B 11 ? 19 1 
1 A DT 14 1_555 B DA 4  1_555 -0.130 -0.332 -1.082 0.233   -2.762  -2.111  12 A_DT14:DA10_B A 14 ? B 10 ? 20 1 
1 C DC 4  1_555 B DG 3  1_555 0.156  -0.438 -1.373 9.287   -0.802  0.245   13 C_DC22:DG9_B  C 22 ? B 9  ? 19 1 
1 C DC 5  1_555 B DG 2  1_555 0.202  -0.183 -0.653 10.364  -3.959  0.084   14 C_DC23:DG8_B  C 23 ? B 8  ? 19 1 
1 C DG 6  1_555 B DC 1  1_555 -0.247 -0.185 0.055  5.178   -11.217 4.107   15 C_DG24:DC7_B  C 24 ? B 7  ? 19 1 
1 C DC 1  1_555 D DG 5  1_555 0.181  -0.177 -0.350 -0.396  -1.836  -1.274  16 C_DC19:DG5_F  C 19 ? F 5  ? 19 1 
1 C DA 2  1_555 D DT 4  1_555 0.124  -0.185 0.399  -3.201  0.145   -0.309  17 C_DA20:DT4_F  C 20 ? F 4  ? 20 1 
1 C DC 3  1_555 D DG 3  1_555 0.241  -0.309 0.873  0.819   1.758   1.928   18 C_DC21:DG3_F  C 21 ? F 3  ? 19 1 
# 
loop_
_ndb_struct_na_base_pair_step.model_number 
_ndb_struct_na_base_pair_step.i_label_asym_id_1 
_ndb_struct_na_base_pair_step.i_label_comp_id_1 
_ndb_struct_na_base_pair_step.i_label_seq_id_1 
_ndb_struct_na_base_pair_step.i_symmetry_1 
_ndb_struct_na_base_pair_step.j_label_asym_id_1 
_ndb_struct_na_base_pair_step.j_label_comp_id_1 
_ndb_struct_na_base_pair_step.j_label_seq_id_1 
_ndb_struct_na_base_pair_step.j_symmetry_1 
_ndb_struct_na_base_pair_step.i_label_asym_id_2 
_ndb_struct_na_base_pair_step.i_label_comp_id_2 
_ndb_struct_na_base_pair_step.i_label_seq_id_2 
_ndb_struct_na_base_pair_step.i_symmetry_2 
_ndb_struct_na_base_pair_step.j_label_asym_id_2 
_ndb_struct_na_base_pair_step.j_label_comp_id_2 
_ndb_struct_na_base_pair_step.j_label_seq_id_2 
_ndb_struct_na_base_pair_step.j_symmetry_2 
_ndb_struct_na_base_pair_step.shift 
_ndb_struct_na_base_pair_step.slide 
_ndb_struct_na_base_pair_step.rise 
_ndb_struct_na_base_pair_step.tilt 
_ndb_struct_na_base_pair_step.roll 
_ndb_struct_na_base_pair_step.twist 
_ndb_struct_na_base_pair_step.x_displacement 
_ndb_struct_na_base_pair_step.y_displacement 
_ndb_struct_na_base_pair_step.helical_rise 
_ndb_struct_na_base_pair_step.inclination 
_ndb_struct_na_base_pair_step.tip 
_ndb_struct_na_base_pair_step.helical_twist 
_ndb_struct_na_base_pair_step.step_number 
_ndb_struct_na_base_pair_step.step_name 
_ndb_struct_na_base_pair_step.i_auth_asym_id_1 
_ndb_struct_na_base_pair_step.i_auth_seq_id_1 
_ndb_struct_na_base_pair_step.i_PDB_ins_code_1 
_ndb_struct_na_base_pair_step.j_auth_asym_id_1 
_ndb_struct_na_base_pair_step.j_auth_seq_id_1 
_ndb_struct_na_base_pair_step.j_PDB_ins_code_1 
_ndb_struct_na_base_pair_step.i_auth_asym_id_2 
_ndb_struct_na_base_pair_step.i_auth_seq_id_2 
_ndb_struct_na_base_pair_step.i_PDB_ins_code_2 
_ndb_struct_na_base_pair_step.j_auth_asym_id_2 
_ndb_struct_na_base_pair_step.j_auth_seq_id_2 
_ndb_struct_na_base_pair_step.j_PDB_ins_code_2 
1 A DA 3  1_555 B DT 15 1_555 A DT 4  1_555 B DA 14 1_555 -0.709 1.067  3.150 -6.563 -0.116 23.033 2.610  -0.408 3.220 -0.282 
16.023  23.938 1  AA_DA3DT4:DA20DT21_BB   A 3  ? B 21 ? A 4  ? B 20 ? 
1 A DT 4  1_555 B DA 14 1_555 A DG 5  1_555 B DC 13 1_555 0.052  0.402  3.735 -3.749 7.993  16.634 -3.698 -2.471 3.464 25.430 
11.927  18.817 2  AA_DT4DG5:DC19DA20_BB   A 4  ? B 20 ? A 5  ? B 19 ? 
1 A DG 5  1_555 B DC 13 1_555 A DC 6  1_555 B DG 12 1_555 -0.230 0.193  2.798 -6.329 1.575  29.707 0.095  -0.658 2.793 3.026  
12.160  30.398 3  AA_DG5DC6:DG18DC19_BB   A 5  ? B 19 ? A 6  ? B 18 ? 
1 A DC 6  1_555 B DG 12 1_555 A DA 7  1_555 B DT 11 1_555 -0.398 0.276  3.051 -1.751 9.520  40.236 -0.575 0.387  3.050 13.602 
2.502   41.337 4  AA_DC6DA7:DT17DG18_BB   A 6  ? B 18 ? A 7  ? B 17 ? 
1 A DA 7  1_555 B DT 11 1_555 A DC 8  1_555 B DG 10 1_555 1.129  -1.060 3.327 0.435  -0.158 32.142 -1.886 -1.960 3.347 -0.285 
-0.785  32.145 5  AA_DA7DC8:DG16DT17_BB   A 7  ? B 17 ? A 8  ? B 16 ? 
1 A DC 8  1_555 B DG 10 1_555 A DT 9  1_555 B DA 9  1_555 0.547  -1.106 3.321 1.501  0.584  35.588 -1.893 -0.673 3.323 0.956  
-2.454  35.623 6  AA_DC8DT9:DA15DG16_BB   A 8  ? B 16 ? A 9  ? B 15 ? 
1 A DT 9  1_555 B DA 9  1_555 A DG 10 1_555 B DC 8  1_555 0.791  -0.019 3.283 -0.812 0.039  36.811 -0.035 -1.363 3.265 0.062  
1.286   36.820 7  AA_DT9DG10:DC14DA15_BB  A 9  ? B 15 ? A 10 ? B 14 ? 
1 A DG 10 1_555 B DC 8  1_555 A DC 11 1_555 B DG 7  1_555 0.357  -1.204 3.294 -0.976 -0.262 36.095 -1.905 -0.715 3.291 -0.423 
1.574   36.109 8  AA_DG10DC11:DG13DC14_BB A 10 ? B 14 ? A 11 ? B 13 ? 
1 A DC 11 1_555 B DG 7  1_555 A DT 12 1_555 B DA 6  1_555 -0.952 -1.167 3.054 8.319  7.766  22.929 -4.473 4.117  2.088 18.170 
-19.462 25.564 9  AA_DC11DT12:DA12DG13_BB A 11 ? B 13 ? A 12 ? B 12 ? 
1 A DT 12 1_555 B DA 6  1_555 A DG 13 1_555 B DC 5  1_555 1.555  0.871  3.445 2.067  0.464  42.688 1.145  -1.914 3.522 0.637  
-2.838  42.739 10 AA_DT12DG13:DC11DA12_BB A 12 ? B 12 ? A 13 ? B 11 ? 
1 A DG 13 1_555 B DC 5  1_555 A DT 14 1_555 B DA 4  1_555 -0.167 -0.526 3.651 1.073  -0.149 36.335 -0.820 0.435  3.647 -0.239 
-1.720  36.351 11 AA_DG13DT14:DA10DC11_BB A 13 ? B 11 ? A 14 ? B 10 ? 
1 A DT 14 1_555 B DA 4  1_555 C DC 4  1_555 B DG 3  1_555 0.663  0.547  3.021 5.792  6.004  39.317 0.146  -0.338 3.131 8.804  
-8.493  40.159 12 AC_DT14DC22:DG9DA10_BB  A 14 ? B 10 ? C 22 ? B 9  ? 
1 C DC 4  1_555 B DG 3  1_555 C DC 5  1_555 B DG 2  1_555 0.161  -0.358 3.499 1.897  0.992  30.619 -0.885 0.094  3.489 1.876  
-3.586  30.692 13 CC_DC22DC23:DG8DG9_BB   C 22 ? B 9  ? C 23 ? B 8  ? 
1 C DC 5  1_555 B DG 2  1_555 C DG 6  1_555 B DC 1  1_555 1.337  0.971  3.423 1.091  0.526  34.130 1.566  -2.094 3.476 0.895  
-1.859  34.151 14 CC_DC23DG24:DC7DG8_BB   C 23 ? B 8  ? C 24 ? B 7  ? 
1 C DC 1  1_555 D DG 5  1_555 C DA 2  1_555 D DT 4  1_555 -0.638 0.295  3.404 -4.181 2.805  36.197 0.062  0.410  3.466 4.488  
6.689   36.534 15 CC_DC19DA20:DT4DG5_FF   C 19 ? F 5  ? C 20 ? F 4  ? 
1 C DA 2  1_555 D DT 4  1_555 C DC 3  1_555 D DG 3  1_555 1.089  -1.065 3.222 -2.272 2.575  32.505 -2.321 -2.313 3.050 4.584  
4.045   32.681 16 CC_DA20DC21:DG3DT4_FF   C 20 ? F 4  ? C 21 ? F 3  ? 
# 
loop_
_pdbx_audit_support.funding_organization 
_pdbx_audit_support.country 
_pdbx_audit_support.grant_number 
_pdbx_audit_support.ordinal 
'Office of Naval Research (ONR)'                   'United States' N000141912596 1 
'Department of Energy (DOE, United States)'        'United States' DE-SC0007991  2 
'National Science Foundation (NSF, United States)' 'United States' CCF-2106790   3 
'National Science Foundation (NSF, United States)' 'United States' GCR-2317843   4 
# 
_pdbx_initial_refinement_model.id               1 
_pdbx_initial_refinement_model.entity_id_list   ? 
_pdbx_initial_refinement_model.type             'experimental model' 
_pdbx_initial_refinement_model.source_name      PDB 
_pdbx_initial_refinement_model.accession_code   8D93 
_pdbx_initial_refinement_model.details          'tensegrity triangle' 
# 
_space_group.name_H-M_alt     'R 3 :H' 
_space_group.name_Hall        'R 3' 
_space_group.IT_number        146 
_space_group.crystal_system   trigonal 
_space_group.id               1 
# 
_atom_sites.entry_id                    9NKA 
_atom_sites.Cartn_transf_matrix[1][1]   ? 
_atom_sites.Cartn_transf_matrix[1][2]   ? 
_atom_sites.Cartn_transf_matrix[1][3]   ? 
_atom_sites.Cartn_transf_matrix[2][1]   ? 
_atom_sites.Cartn_transf_matrix[2][2]   ? 
_atom_sites.Cartn_transf_matrix[2][3]   ? 
_atom_sites.Cartn_transf_matrix[3][1]   ? 
_atom_sites.Cartn_transf_matrix[3][2]   ? 
_atom_sites.Cartn_transf_matrix[3][3]   ? 
_atom_sites.Cartn_transf_vector[1]      ? 
_atom_sites.Cartn_transf_vector[2]      ? 
_atom_sites.Cartn_transf_vector[3]      ? 
_atom_sites.Cartn_transform_axes        ? 
_atom_sites.fract_transf_matrix[1][1]   -0.00091521 
_atom_sites.fract_transf_matrix[1][2]   -0.00237301 
_atom_sites.fract_transf_matrix[1][3]   -0.00997497 
_atom_sites.fract_transf_matrix[2][1]   -0.00613101 
_atom_sites.fract_transf_matrix[2][2]   -0.00774102 
_atom_sites.fract_transf_matrix[2][3]   -0.00290753 
_atom_sites.fract_transf_matrix[3][1]   -0.01128949 
_atom_sites.fract_transf_matrix[3][2]   0.00939159 
_atom_sites.fract_transf_matrix[3][3]   -0.00119841 
_atom_sites.fract_transf_vector[1]      -0.214515 
_atom_sites.fract_transf_vector[2]      -0.119483 
_atom_sites.fract_transf_vector[3]      0.373984 
_atom_sites.solution_primary            ? 
_atom_sites.solution_secondary          ? 
_atom_sites.solution_hydrogens          ? 
_atom_sites.special_details             ? 
# 
loop_
_atom_type.symbol 
_atom_type.scat_dispersion_real 
_atom_type.scat_dispersion_imag 
_atom_type.scat_Cromer_Mann_a1 
_atom_type.scat_Cromer_Mann_a2 
_atom_type.scat_Cromer_Mann_a3 
_atom_type.scat_Cromer_Mann_a4 
_atom_type.scat_Cromer_Mann_b1 
_atom_type.scat_Cromer_Mann_b2 
_atom_type.scat_Cromer_Mann_b3 
_atom_type.scat_Cromer_Mann_b4 
_atom_type.scat_Cromer_Mann_c 
_atom_type.scat_source 
_atom_type.scat_dispersion_source 
C ? ? 5.96793  ? ? ? 14.89577 ? ? ? 0.0 
;1-Gaussian fit: Grosse-Kunstleve RW, Sauter NK, Adams PD: Newsletter of the IUCr Commission on Crystallographic Computing 2004, 3, 22-31.
;
? 
N ? ? 6.96715  ? ? ? 11.43723 ? ? ? 0.0 
;1-Gaussian fit: Grosse-Kunstleve RW, Sauter NK, Adams PD: Newsletter of the IUCr Commission on Crystallographic Computing 2004, 3, 22-31.
;
? 
O ? ? 7.96527  ? ? ? 9.05267  ? ? ? 0.0 
;1-Gaussian fit: Grosse-Kunstleve RW, Sauter NK, Adams PD: Newsletter of the IUCr Commission on Crystallographic Computing 2004, 3, 22-31.
;
? 
P ? ? 14.90797 ? ? ? 11.91318 ? ? ? 0.0 
;1-Gaussian fit: Grosse-Kunstleve RW, Sauter NK, Adams PD: Newsletter of the IUCr Commission on Crystallographic Computing 2004, 3, 22-31.
;
? 
# 
loop_
_atom_site.group_PDB 
_atom_site.id 
_atom_site.type_symbol 
_atom_site.label_atom_id 
_atom_site.label_alt_id 
_atom_site.label_comp_id 
_atom_site.label_asym_id 
_atom_site.label_entity_id 
_atom_site.label_seq_id 
_atom_site.pdbx_PDB_ins_code 
_atom_site.Cartn_x 
_atom_site.Cartn_y 
_atom_site.Cartn_z 
_atom_site.occupancy 
_atom_site.B_iso_or_equiv 
_atom_site.pdbx_formal_charge 
_atom_site.auth_seq_id 
_atom_site.auth_comp_id 
_atom_site.auth_asym_id 
_atom_site.auth_atom_id 
_atom_site.pdbx_PDB_model_num 
ATOM 1   O "O5'" . DA A 1 1  ? 18.33903  12.53801  -28.08255 1.000 439.65312 ? 1  DA A "O5'" 1 
ATOM 2   C "C5'" . DA A 1 1  ? 17.03154  11.97408  -28.07556 1.000 429.90560 ? 1  DA A "C5'" 1 
ATOM 3   C "C4'" . DA A 1 1  ? 17.09245  10.46254  -28.21284 1.000 425.85303 ? 1  DA A "C4'" 1 
ATOM 4   O "O4'" . DA A 1 1  ? 18.34752  9.98432   -27.68216 1.000 431.98416 ? 1  DA A "O4'" 1 
ATOM 5   C "C3'" . DA A 1 1  ? 16.03192  9.70959   -27.43117 1.000 416.87080 ? 1  DA A "C3'" 1 
ATOM 6   O "O3'" . DA A 1 1  ? 15.82367  8.42193   -27.99943 1.000 412.13353 ? 1  DA A "O3'" 1 
ATOM 7   C "C2'" . DA A 1 1  ? 16.66355  9.61345   -26.04776 1.000 419.92794 ? 1  DA A "C2'" 1 
ATOM 8   C "C1'" . DA A 1 1  ? 18.15519  9.48503   -26.37005 1.000 428.83199 ? 1  DA A "C1'" 1 
ATOM 9   N N9    . DA A 1 1  ? 19.00476  10.24559  -25.46322 1.000 435.88187 ? 1  DA A N9    1 
ATOM 10  C C8    . DA A 1 1  ? 18.95893  11.59010  -25.23155 1.000 439.33893 ? 1  DA A C8    1 
ATOM 11  N N7    . DA A 1 1  ? 19.84122  12.00647  -24.35952 1.000 445.62998 ? 1  DA A N7    1 
ATOM 12  C C5    . DA A 1 1  ? 20.52021  10.85821  -23.99730 1.000 446.45862 ? 1  DA A C5    1 
ATOM 13  C C6    . DA A 1 1  ? 21.57986  10.62610  -23.10423 1.000 452.11826 ? 1  DA A C6    1 
ATOM 14  N N6    . DA A 1 1  ? 22.15849  11.59472  -22.38627 1.000 458.15175 ? 1  DA A N6    1 
ATOM 15  N N1    . DA A 1 1  ? 22.02020  9.35809   -22.96849 1.000 451.42136 ? 1  DA A N1    1 
ATOM 16  C C2    . DA A 1 1  ? 21.43337  8.39295   -23.68685 1.000 445.39007 ? 1  DA A C2    1 
ATOM 17  N N3    . DA A 1 1  ? 20.42842  8.48879   -24.55527 1.000 439.60119 ? 1  DA A N3    1 
ATOM 18  C C4    . DA A 1 1  ? 20.01502  9.76085   -24.66553 1.000 440.51196 ? 1  DA A C4    1 
ATOM 19  P P     . DG A 1 2  ? 14.76582  7.40456   -27.34047 1.000 407.25788 ? 2  DG A P     1 
ATOM 20  O OP1   . DG A 1 2  ? 14.13199  6.65161   -28.44449 1.000 401.67453 ? 2  DG A OP1   1 
ATOM 21  O OP2   . DG A 1 2  ? 13.90895  8.15594   -26.39606 1.000 403.96386 ? 2  DG A OP2   1 
ATOM 22  O "O5'" . DG A 1 2  ? 15.68109  6.40439   -26.49501 1.000 409.82794 ? 2  DG A "O5'" 1 
ATOM 23  C "C5'" . DG A 1 2  ? 15.44870  6.22198   -25.10845 1.000 407.60758 ? 2  DG A "C5'" 1 
ATOM 24  C "C4'" . DG A 1 2  ? 16.64414  5.55179   -24.46088 1.000 412.97633 ? 2  DG A "C4'" 1 
ATOM 25  O "O4'" . DG A 1 2  ? 17.65673  6.55187   -24.16298 1.000 421.70099 ? 2  DG A "O4'" 1 
ATOM 26  C "C3'" . DG A 1 2  ? 16.36078  4.86309   -23.13307 1.000 409.27099 ? 2  DG A "C3'" 1 
ATOM 27  O "O3'" . DG A 1 2  ? 17.28986  3.80255   -22.95166 1.000 412.29427 ? 2  DG A "O3'" 1 
ATOM 28  C "C2'" . DG A 1 2  ? 16.61001  5.99252   -22.14594 1.000 413.47715 ? 2  DG A "C2'" 1 
ATOM 29  C "C1'" . DG A 1 2  ? 17.84555  6.62624   -22.76157 1.000 422.73293 ? 2  DG A "C1'" 1 
ATOM 30  N N9    . DG A 1 2  ? 18.04580  8.02194   -22.39009 1.000 427.50400 ? 2  DG A N9    1 
ATOM 31  C C8    . DG A 1 2  ? 17.34067  9.10745   -22.84381 1.000 426.22413 ? 2  DG A C8    1 
ATOM 32  N N7    . DG A 1 2  ? 17.75193  10.23881  -22.34645 1.000 431.66723 ? 2  DG A N7    1 
ATOM 33  C C5    . DG A 1 2  ? 18.79754  9.87974   -21.50584 1.000 436.81777 ? 2  DG A C5    1 
ATOM 34  C C6    . DG A 1 2  ? 19.62829  10.68005  -20.69153 1.000 443.83534 ? 2  DG A C6    1 
ATOM 35  O O6    . DG A 1 2  ? 19.60911  11.90956  -20.54942 1.000 447.03717 ? 2  DG A O6    1 
ATOM 36  N N1    . DG A 1 2  ? 20.56893  9.91535   -20.00578 1.000 447.39911 ? 2  DG A N1    1 
ATOM 37  C C2    . DG A 1 2  ? 20.68489  8.55109   -20.08759 1.000 444.59436 ? 2  DG A C2    1 
ATOM 38  N N2    . DG A 1 2  ? 21.65068  7.99050   -19.34458 1.000 449.03131 ? 2  DG A N2    1 
ATOM 39  N N3    . DG A 1 2  ? 19.91146  7.78868   -20.84524 1.000 438.02051 ? 2  DG A N3    1 
ATOM 40  C C4    . DG A 1 2  ? 18.99187  8.51835   -21.52394 1.000 434.39482 ? 2  DG A C4    1 
ATOM 41  P P     . DA A 1 3  ? 17.08337  2.71230   -21.78905 1.000 446.11410 ? 3  DA A P     1 
ATOM 42  O OP1   . DA A 1 3  ? 16.81832  1.41492   -22.44599 1.000 441.51616 ? 3  DA A OP1   1 
ATOM 43  O OP2   . DA A 1 3  ? 16.11429  3.23686   -20.80221 1.000 441.41312 ? 3  DA A OP2   1 
ATOM 44  O "O5'" . DA A 1 3  ? 18.51503  2.64748   -21.08246 1.000 454.71521 ? 3  DA A "O5'" 1 
ATOM 45  C "C5'" . DA A 1 3  ? 19.00653  3.77692   -20.37410 1.000 460.31880 ? 3  DA A "C5'" 1 
ATOM 46  C "C4'" . DA A 1 3  ? 19.48517  3.37015   -18.99366 1.000 462.23251 ? 3  DA A "C4'" 1 
ATOM 47  O "O4'" . DA A 1 3  ? 19.67821  4.54547   -18.18155 1.000 466.06648 ? 3  DA A "O4'" 1 
ATOM 48  C "C3'" . DA A 1 3  ? 18.51409  2.50549   -18.20894 1.000 454.27634 ? 3  DA A "C3'" 1 
ATOM 49  O "O3'" . DA A 1 3  ? 19.23522  1.66097   -17.31009 1.000 456.88322 ? 3  DA A "O3'" 1 
ATOM 50  C "C2'" . DA A 1 3  ? 17.64146  3.53064   -17.47289 1.000 451.25903 ? 3  DA A "C2'" 1 
ATOM 51  C "C1'" . DA A 1 3  ? 18.51946  4.78694   -17.40610 1.000 459.46882 ? 3  DA A "C1'" 1 
ATOM 52  N N9    . DA A 1 3  ? 17.86182  5.98304   -17.92621 1.000 458.33391 ? 3  DA A N9    1 
ATOM 53  C C8    . DA A 1 3  ? 16.83817  6.03157   -18.83013 1.000 452.35744 ? 3  DA A C8    1 
ATOM 54  N N7    . DA A 1 3  ? 16.44732  7.24859   -19.12348 1.000 453.06820 ? 3  DA A N7    1 
ATOM 55  C C5    . DA A 1 3  ? 17.27095  8.05524   -18.35933 1.000 459.93736 ? 3  DA A C5    1 
ATOM 56  C C6    . DA A 1 3  ? 17.36255  9.45199   -18.21620 1.000 464.04939 ? 3  DA A C6    1 
ATOM 57  N N6    . DA A 1 3  ? 16.57680  10.31037  -18.87353 1.000 461.75273 ? 3  DA A N6    1 
ATOM 58  N N1    . DA A 1 3  ? 18.29464  9.93494   -17.36952 1.000 470.74560 ? 3  DA A N1    1 
ATOM 59  C C2    . DA A 1 3  ? 19.07885  9.07166   -16.71366 1.000 473.16424 ? 3  DA A C2    1 
ATOM 60  N N3    . DA A 1 3  ? 19.08700  7.74078   -16.76587 1.000 469.91354 ? 3  DA A N3    1 
ATOM 61  C C4    . DA A 1 3  ? 18.14977  7.29196   -17.61522 1.000 463.22945 ? 3  DA A C4    1 
ATOM 62  P P     . DT A 1 4  ? 18.48399  0.88049   -16.12109 1.000 474.62496 ? 4  DT A P     1 
ATOM 63  O OP1   . DT A 1 4  ? 19.29828  -0.31774  -15.82195 1.000 468.96942 ? 4  DT A OP1   1 
ATOM 64  O OP2   . DT A 1 4  ? 17.05919  0.69859   -16.47389 1.000 472.23130 ? 4  DT A OP2   1 
ATOM 65  O "O5'" . DT A 1 4  ? 18.59558  1.89791   -14.89267 1.000 479.08356 ? 4  DT A "O5'" 1 
ATOM 66  C "C5'" . DT A 1 4  ? 19.81655  2.60454   -14.68784 1.000 488.38821 ? 4  DT A "C5'" 1 
ATOM 67  C "C4'" . DT A 1 4  ? 19.77974  3.44166   -13.41846 1.000 493.93781 ? 4  DT A "C4'" 1 
ATOM 68  O "O4'" . DT A 1 4  ? 19.28798  4.77728   -13.70508 1.000 494.00628 ? 4  DT A "O4'" 1 
ATOM 69  C "C3'" . DT A 1 4  ? 18.90940  2.90820   -12.29057 1.000 491.97909 ? 4  DT A "C3'" 1 
ATOM 70  O "O3'" . DT A 1 4  ? 19.54518  3.21030   -11.06288 1.000 493.01788 ? 4  DT A "O3'" 1 
ATOM 71  C "C2'" . DT A 1 4  ? 17.60692  3.69968   -12.46623 1.000 487.90907 ? 4  DT A "C2'" 1 
ATOM 72  C "C1'" . DT A 1 4  ? 18.13467  5.05369   -12.92728 1.000 490.94260 ? 4  DT A "C1'" 1 
ATOM 73  N N1    . DT A 1 4  ? 17.19395  5.82486   -13.79670 1.000 491.49708 ? 4  DT A N1    1 
ATOM 74  C C2    . DT A 1 4  ? 17.24814  7.20495   -13.79440 1.000 496.15167 ? 4  DT A C2    1 
ATOM 75  O O2    . DT A 1 4  ? 18.00562  7.84140   -13.08294 1.000 500.64793 ? 4  DT A O2    1 
ATOM 76  N N3    . DT A 1 4  ? 16.36288  7.81861   -14.64562 1.000 495.89529 ? 4  DT A N3    1 
ATOM 77  C C4    . DT A 1 4  ? 15.46840  7.19326   -15.49928 1.000 484.79852 ? 4  DT A C4    1 
ATOM 78  O O4    . DT A 1 4  ? 14.71596  7.82112   -16.23365 1.000 482.79835 ? 4  DT A O4    1 
ATOM 79  C C5    . DT A 1 4  ? 15.47443  5.74769   -15.46030 1.000 480.92918 ? 4  DT A C5    1 
ATOM 80  C C7    . DT A 1 4  ? 14.54161  4.96431   -16.33503 1.000 475.98678 ? 4  DT A C7    1 
ATOM 81  C C6    . DT A 1 4  ? 16.33044  5.14351   -14.62531 1.000 484.38542 ? 4  DT A C6    1 
ATOM 82  P P     . DG A 1 5  ? 19.17972  2.41858   -9.71651  1.000 502.86140 ? 5  DG A P     1 
ATOM 83  O OP1   . DG A 1 5  ? 20.30631  1.50694   -9.41378  1.000 503.27277 ? 5  DG A OP1   1 
ATOM 84  O OP2   . DG A 1 5  ? 17.80640  1.88334   -9.84640  1.000 489.26089 ? 5  DG A OP2   1 
ATOM 85  O "O5'" . DG A 1 5  ? 19.15605  3.58223   -8.62568  1.000 496.80943 ? 5  DG A "O5'" 1 
ATOM 86  C "C5'" . DG A 1 5  ? 18.92962  4.92451   -9.04493  1.000 491.23928 ? 5  DG A "C5'" 1 
ATOM 87  C "C4'" . DG A 1 5  ? 17.67264  5.47416   -8.40635  1.000 485.69429 ? 5  DG A "C4'" 1 
ATOM 88  O "O4'" . DG A 1 5  ? 16.90159  6.22295   -9.38880  1.000 484.10182 ? 5  DG A "O4'" 1 
ATOM 89  C "C3'" . DG A 1 5  ? 16.71209  4.40691   -7.85214  1.000 481.11620 ? 5  DG A "C3'" 1 
ATOM 90  O "O3'" . DG A 1 5  ? 16.17884  4.84309   -6.61389  1.000 476.15658 ? 5  DG A "O3'" 1 
ATOM 91  C "C2'" . DG A 1 5  ? 15.62024  4.37407   -8.91354  1.000 479.38100 ? 5  DG A "C2'" 1 
ATOM 92  C "C1'" . DG A 1 5  ? 15.56059  5.85184   -9.22615  1.000 478.05413 ? 5  DG A "C1'" 1 
ATOM 93  N N9    . DG A 1 5  ? 14.77765  6.20186   -10.40734 1.000 476.94146 ? 5  DG A N9    1 
ATOM 94  C C8    . DG A 1 5  ? 14.25220  5.34380   -11.34166 1.000 475.60966 ? 5  DG A C8    1 
ATOM 95  N N7    . DG A 1 5  ? 13.56766  5.94842   -12.27386 1.000 474.50675 ? 5  DG A N7    1 
ATOM 96  C C5    . DG A 1 5  ? 13.63033  7.29174   -11.92653 1.000 474.51400 ? 5  DG A C5    1 
ATOM 97  C C6    . DG A 1 5  ? 13.07348  8.42964   -12.56313 1.000 471.78151 ? 5  DG A C6    1 
ATOM 98  O O6    . DG A 1 5  ? 12.38917  8.47414   -13.59847 1.000 469.28621 ? 5  DG A O6    1 
ATOM 99  N N1    . DG A 1 5  ? 13.37424  9.60601   -11.87551 1.000 476.07634 ? 5  DG A N1    1 
ATOM 100 C C2    . DG A 1 5  ? 14.11930  9.67206   -10.71755 1.000 479.51483 ? 5  DG A C2    1 
ATOM 101 N N2    . DG A 1 5  ? 14.31114  10.89918  -10.20065 1.000 479.73095 ? 5  DG A N2    1 
ATOM 102 N N3    . DG A 1 5  ? 14.65163  8.61531   -10.11623 1.000 479.73595 ? 5  DG A N3    1 
ATOM 103 C C4    . DG A 1 5  ? 14.36668  7.46393   -10.77249 1.000 476.57732 ? 5  DG A C4    1 
ATOM 104 P P     . DC A 1 6  ? 16.95788  4.58045   -5.23371  1.000 499.73531 ? 6  DC A P     1 
ATOM 105 O OP1   . DC A 1 6  ? 18.39015  4.33800   -5.51598  1.000 501.49843 ? 6  DC A OP1   1 
ATOM 106 O OP2   . DC A 1 6  ? 16.17234  3.57477   -4.48562  1.000 496.10379 ? 6  DC A OP2   1 
ATOM 107 O "O5'" . DC A 1 6  ? 16.81524  5.97356   -4.46427  1.000 499.80278 ? 6  DC A "O5'" 1 
ATOM 108 C "C5'" . DC A 1 6  ? 16.99025  7.19446   -5.17695  1.000 499.37756 ? 6  DC A "C5'" 1 
ATOM 109 C "C4'" . DC A 1 6  ? 15.78985  8.10704   -4.99247  1.000 496.23002 ? 6  DC A "C4'" 1 
ATOM 110 O "O4'" . DC A 1 6  ? 15.07166  8.24722   -6.24918  1.000 494.05814 ? 6  DC A "O4'" 1 
ATOM 111 C "C3'" . DC A 1 6  ? 14.75458  7.62663   -3.96348  1.000 490.98461 ? 6  DC A "C3'" 1 
ATOM 112 O "O3'" . DC A 1 6  ? 14.46055  8.67661   -3.05002  1.000 495.42894 ? 6  DC A "O3'" 1 
ATOM 113 C "C2'" . DC A 1 6  ? 13.53667  7.27996   -4.82241  1.000 487.05145 ? 6  DC A "C2'" 1 
ATOM 114 C "C1'" . DC A 1 6  ? 13.69700  8.26327   -5.96292  1.000 487.06491 ? 6  DC A "C1'" 1 
ATOM 115 N N1    . DC A 1 6  ? 12.92627  7.89184   -7.18373  1.000 486.67767 ? 6  DC A N1    1 
ATOM 116 C C2    . DC A 1 6  ? 12.29927  8.89176   -7.93672  1.000 483.91837 ? 6  DC A C2    1 
ATOM 117 O O2    . DC A 1 6  ? 12.41584  10.07185  -7.58161  1.000 487.66608 ? 6  DC A O2    1 
ATOM 118 N N3    . DC A 1 6  ? 11.59049  8.53659   -9.03879  1.000 481.21347 ? 6  DC A N3    1 
ATOM 119 C C4    . DC A 1 6  ? 11.49505  7.24899   -9.38245  1.000 482.53042 ? 6  DC A C4    1 
ATOM 120 N N4    . DC A 1 6  ? 10.78792  6.94138   -10.47361 1.000 480.76655 ? 6  DC A N4    1 
ATOM 121 C C5    . DC A 1 6  ? 12.11717  6.21819   -8.61904  1.000 486.85708 ? 6  DC A C5    1 
ATOM 122 C C6    . DC A 1 6  ? 12.80769  6.58114   -7.53455  1.000 487.85140 ? 6  DC A C6    1 
ATOM 123 P P     . DA A 1 7  ? 13.71133  8.37333   -1.65940  1.000 498.92473 ? 7  DA A P     1 
ATOM 124 O OP1   . DA A 1 7  ? 14.72525  8.44001   -0.58567  1.000 500.84659 ? 7  DA A OP1   1 
ATOM 125 O OP2   . DA A 1 7  ? 12.88727  7.15297   -1.80784  1.000 482.50834 ? 7  DA A OP2   1 
ATOM 126 O "O5'" . DA A 1 7  ? 12.71754  9.61382   -1.49050  1.000 487.89511 ? 7  DA A "O5'" 1 
ATOM 127 C "C5'" . DA A 1 7  ? 13.21946  10.94490  -1.58131  1.000 487.78157 ? 7  DA A "C5'" 1 
ATOM 128 C "C4'" . DA A 1 7  ? 12.12173  11.90545  -2.00259  1.000 484.82320 ? 7  DA A "C4'" 1 
ATOM 129 O "O4'" . DA A 1 7  ? 11.78305  11.66447  -3.39394  1.000 482.21056 ? 7  DA A "O4'" 1 
ATOM 130 C "C3'" . DA A 1 7  ? 10.82431  11.77769  -1.20472  1.000 480.17527 ? 7  DA A "C3'" 1 
ATOM 131 O "O3'" . DA A 1 7  ? 10.33295  13.05698  -0.82460  1.000 480.85441 ? 7  DA A "O3'" 1 
ATOM 132 C "C2'" . DA A 1 7  ? 9.86793   11.07106  -2.15861  1.000 470.50280 ? 7  DA A "C2'" 1 
ATOM 133 C "C1'" . DA A 1 7  ? 10.39561  11.45627  -3.53579  1.000 471.09373 ? 7  DA A "C1'" 1 
ATOM 134 N N9    . DA A 1 7  ? 10.18775  10.39338  -4.51082  1.000 470.41152 ? 7  DA A N9    1 
ATOM 135 C C8    . DA A 1 7  ? 10.67780  9.12259   -4.43484  1.000 472.14084 ? 7  DA A C8    1 
ATOM 136 N N7    . DA A 1 7  ? 10.32212  8.35623   -5.43172  1.000 470.76347 ? 7  DA A N7    1 
ATOM 137 C C5    . DA A 1 7  ? 9.53273   9.17579   -6.21712  1.000 468.04881 ? 7  DA A C5    1 
ATOM 138 C C6    . DA A 1 7  ? 8.85220   8.94595   -7.42145  1.000 466.27229 ? 7  DA A C6    1 
ATOM 139 N N6    . DA A 1 7  ? 8.87306   7.77250   -8.04903  1.000 472.77543 ? 7  DA A N6    1 
ATOM 140 N N1    . DA A 1 7  ? 8.15033   9.96646   -7.95519  1.000 463.76093 ? 7  DA A N1    1 
ATOM 141 C C2    . DA A 1 7  ? 8.13476   11.14408  -7.31353  1.000 462.13750 ? 7  DA A C2    1 
ATOM 142 N N3    . DA A 1 7  ? 8.73927   11.48013  -6.16657  1.000 464.67926 ? 7  DA A N3    1 
ATOM 143 C C4    . DA A 1 7  ? 9.43078   10.43771  -5.66689  1.000 467.72243 ? 7  DA A C4    1 
ATOM 144 P P     . DC A 1 8  ? 9.01336   13.16569  0.08979   1.000 477.65518 ? 8  DC A P     1 
ATOM 145 O OP1   . DC A 1 8  ? 9.05006   14.46632  0.79326   1.000 475.68257 ? 8  DC A OP1   1 
ATOM 146 O OP2   . DC A 1 8  ? 8.90586   11.91163  0.86859   1.000 471.16972 ? 8  DC A OP2   1 
ATOM 147 O "O5'" . DC A 1 8  ? 7.81423   13.18707  -0.96787  1.000 462.94898 ? 8  DC A "O5'" 1 
ATOM 148 C "C5'" . DC A 1 8  ? 7.81951   14.13719  -2.02561  1.000 461.57329 ? 8  DC A "C5'" 1 
ATOM 149 C "C4'" . DC A 1 8  ? 6.71052   13.84493  -3.01823  1.000 454.93658 ? 8  DC A "C4'" 1 
ATOM 150 O "O4'" . DC A 1 8  ? 7.04642   12.66969  -3.79212  1.000 458.11230 ? 8  DC A "O4'" 1 
ATOM 151 C "C3'" . DC A 1 8  ? 5.34047   13.56402  -2.38877  1.000 450.61809 ? 8  DC A "C3'" 1 
ATOM 152 O "O3'" . DC A 1 8  ? 4.39472   14.53604  -2.81681  1.000 446.85841 ? 8  DC A "O3'" 1 
ATOM 153 C "C2'" . DC A 1 8  ? 4.97125   12.15939  -2.88474  1.000 451.74384 ? 8  DC A "C2'" 1 
ATOM 154 C "C1'" . DC A 1 8  ? 5.85958   11.99402  -4.10554  1.000 452.86010 ? 8  DC A "C1'" 1 
ATOM 155 N N1    . DC A 1 8  ? 6.17849   10.57106  -4.41075  1.000 455.11175 ? 8  DC A N1    1 
ATOM 156 C C2    . DC A 1 8  ? 5.63733   9.97281   -5.55312  1.000 452.98079 ? 8  DC A C2    1 
ATOM 157 O O2    . DC A 1 8  ? 4.91675   10.64947  -6.29711  1.000 449.45427 ? 8  DC A O2    1 
ATOM 158 N N3    . DC A 1 8  ? 5.93080   8.67401   -5.81614  1.000 454.24453 ? 8  DC A N3    1 
ATOM 159 C C4    . DC A 1 8  ? 6.71629   7.98693   -4.98260  1.000 458.94299 ? 8  DC A C4    1 
ATOM 160 N N4    . DC A 1 8  ? 6.97984   6.70983   -5.27678  1.000 462.09553 ? 8  DC A N4    1 
ATOM 161 C C5    . DC A 1 8  ? 7.26885   8.58000   -3.80939  1.000 461.49760 ? 8  DC A C5    1 
ATOM 162 C C6    . DC A 1 8  ? 6.97371   9.85958   -3.56400  1.000 458.43397 ? 8  DC A C6    1 
ATOM 163 P P     . DT A 1 9  ? 2.86747   14.45071  -2.32064  1.000 442.95449 ? 9  DT A P     1 
ATOM 164 O OP1   . DT A 1 9  ? 2.30215   15.81703  -2.36553  1.000 433.57611 ? 9  DT A OP1   1 
ATOM 165 O OP2   . DT A 1 9  ? 2.84678   13.69262  -1.04932  1.000 440.11104 ? 9  DT A OP2   1 
ATOM 166 O "O5'" . DT A 1 9  ? 2.14971   13.55815  -3.43824  1.000 435.94526 ? 9  DT A "O5'" 1 
ATOM 167 C "C5'" . DT A 1 9  ? 2.25468   13.91737  -4.81251  1.000 436.42028 ? 9  DT A "C5'" 1 
ATOM 168 C "C4'" . DT A 1 9  ? 1.33122   13.06469  -5.66349  1.000 432.32536 ? 9  DT A "C4'" 1 
ATOM 169 O "O4'" . DT A 1 9  ? 1.95071   11.77471  -5.91540  1.000 436.86462 ? 9  DT A "O4'" 1 
ATOM 170 C "C3'" . DT A 1 9  ? -0.03111  12.77430  -5.03299  1.000 425.34724 ? 9  DT A "C3'" 1 
ATOM 171 O "O3'" . DT A 1 9  ? -1.06482  12.95295  -5.99010  1.000 418.84532 ? 9  DT A "O3'" 1 
ATOM 172 C "C2'" . DT A 1 9  ? 0.08328   11.31776  -4.59140  1.000 427.56113 ? 9  DT A "C2'" 1 
ATOM 173 C "C1'" . DT A 1 9  ? 1.03222   10.74601  -5.63234  1.000 432.73657 ? 9  DT A "C1'" 1 
ATOM 174 N N1    . DT A 1 9  ? 1.79006   9.55297   -5.14693  1.000 437.40073 ? 9  DT A N1    1 
ATOM 175 C C2    . DT A 1 9  ? 1.75047   8.38313   -5.87227  1.000 437.06585 ? 9  DT A C2    1 
ATOM 176 O O2    . DT A 1 9  ? 1.12778   8.26191   -6.91219  1.000 433.25757 ? 9  DT A O2    1 
ATOM 177 N N3    . DT A 1 9  ? 2.47742   7.35200   -5.33335  1.000 440.65321 ? 9  DT A N3    1 
ATOM 178 C C4    . DT A 1 9  ? 3.21948   7.37146   -4.16657  1.000 444.56962 ? 9  DT A C4    1 
ATOM 179 O O4    . DT A 1 9  ? 3.83950   6.39144   -3.76357  1.000 447.09755 ? 9  DT A O4    1 
ATOM 180 C C5    . DT A 1 9  ? 3.21494   8.62585   -3.45448  1.000 444.71178 ? 9  DT A C5    1 
ATOM 181 C C7    . DT A 1 9  ? 3.98274   8.76564   -2.17384  1.000 451.99021 ? 9  DT A C7    1 
ATOM 182 C C6    . DT A 1 9  ? 2.50800   9.64324   -3.97165  1.000 441.12150 ? 9  DT A C6    1 
ATOM 183 P P     . DG A 1 10 ? -2.55411  13.31426  -5.50713  1.000 399.44967 ? 10 DG A P     1 
ATOM 184 O OP1   . DG A 1 10 ? -3.01018  14.48378  -6.29023  1.000 394.01022 ? 10 DG A OP1   1 
ATOM 185 O OP2   . DG A 1 10 ? -2.54162  13.37420  -4.02779  1.000 401.19957 ? 10 DG A OP2   1 
ATOM 186 O "O5'" . DG A 1 10 ? -3.41577  12.03820  -5.93614  1.000 394.73608 ? 10 DG A "O5'" 1 
ATOM 187 C "C5'" . DG A 1 10 ? -3.40921  11.60021  -7.28864  1.000 391.99971 ? 10 DG A "C5'" 1 
ATOM 188 C "C4'" . DG A 1 10 ? -3.57925  10.09496  -7.36457  1.000 391.85548 ? 10 DG A "C4'" 1 
ATOM 189 O "O4'" . DG A 1 10 ? -2.45701  9.45531   -6.72475  1.000 401.30934 ? 10 DG A "O4'" 1 
ATOM 190 C "C3'" . DG A 1 10 ? -4.82266  9.55336   -6.65295  1.000 387.81450 ? 10 DG A "C3'" 1 
ATOM 191 O "O3'" . DG A 1 10 ? -5.80219  9.14216   -7.60109  1.000 382.03765 ? 10 DG A "O3'" 1 
ATOM 192 C "C2'" . DG A 1 10 ? -4.31469  8.36435   -5.82259  1.000 396.54162 ? 10 DG A "C2'" 1 
ATOM 193 C "C1'" . DG A 1 10 ? -2.86999  8.19530   -6.27624  1.000 403.37594 ? 10 DG A "C1'" 1 
ATOM 194 N N9    . DG A 1 10 ? -1.98897  7.76223   -5.19794  1.000 408.16632 ? 10 DG A N9    1 
ATOM 195 C C8    . DG A 1 10 ? -1.56324  8.50579   -4.12579  1.000 409.21270 ? 10 DG A C8    1 
ATOM 196 N N7    . DG A 1 10 ? -0.79019  7.84517   -3.30959  1.000 413.80297 ? 10 DG A N7    1 
ATOM 197 C C5    . DG A 1 10 ? -0.70861  6.57820   -3.87163  1.000 414.02402 ? 10 DG A C5    1 
ATOM 198 C C6    . DG A 1 10 ? -0.01241  5.42827   -3.43200  1.000 417.36398 ? 10 DG A C6    1 
ATOM 199 O O6    . DG A 1 10 ? 0.69467   5.29884   -2.42275  1.000 425.72242 ? 10 DG A O6    1 
ATOM 200 N N1    . DG A 1 10 ? -0.19864  4.35220   -4.29801  1.000 415.54371 ? 10 DG A N1    1 
ATOM 201 C C2    . DG A 1 10 ? -0.96111  4.38918   -5.44189  1.000 412.57103 ? 10 DG A C2    1 
ATOM 202 N N2    . DG A 1 10 ? -1.02769  3.25699   -6.15303  1.000 412.59871 ? 10 DG A N2    1 
ATOM 203 N N3    . DG A 1 10 ? -1.61676  5.45933   -5.86156  1.000 409.07890 ? 10 DG A N3    1 
ATOM 204 C C4    . DG A 1 10 ? -1.44497  6.51263   -5.03233  1.000 409.43184 ? 10 DG A C4    1 
ATOM 205 P P     . DC A 1 11 ? -7.23175  8.60381   -7.09503  1.000 372.51864 ? 11 DC A P     1 
ATOM 206 O OP1   . DC A 1 11 ? -8.19832  8.76621   -8.20330  1.000 362.55653 ? 11 DC A OP1   1 
ATOM 207 O OP2   . DC A 1 11 ? -7.50484  9.23976   -5.78771  1.000 370.78960 ? 11 DC A OP2   1 
ATOM 208 O "O5'" . DC A 1 11 ? -6.99093  7.04165   -6.83465  1.000 376.44692 ? 11 DC A "O5'" 1 
ATOM 209 C "C5'" . DC A 1 11 ? -6.55506  6.20053   -7.89748  1.000 378.98293 ? 11 DC A "C5'" 1 
ATOM 210 C "C4'" . DC A 1 11 ? -6.16724  4.82527   -7.38063  1.000 384.41067 ? 11 DC A "C4'" 1 
ATOM 211 O "O4'" . DC A 1 11 ? -5.01887  4.93612   -6.52747  1.000 395.03214 ? 11 DC A "O4'" 1 
ATOM 212 C "C3'" . DC A 1 11 ? -7.21626  4.14158   -6.51791  1.000 378.01454 ? 11 DC A "C3'" 1 
ATOM 213 O "O3'" . DC A 1 11 ? -8.06586  3.34292   -7.33155  1.000 370.27135 ? 11 DC A "O3'" 1 
ATOM 214 C "C2'" . DC A 1 11 ? -6.39113  3.27561   -5.54930  1.000 385.47663 ? 11 DC A "C2'" 1 
ATOM 215 C "C1'" . DC A 1 11 ? -4.95508  3.78451   -5.72147  1.000 395.92642 ? 11 DC A "C1'" 1 
ATOM 216 N N1    . DC A 1 11 ? -4.28912  4.13963   -4.43637  1.000 400.54898 ? 11 DC A N1    1 
ATOM 217 C C2    . DC A 1 11 ? -3.54348  3.17276   -3.75046  1.000 408.87492 ? 11 DC A C2    1 
ATOM 218 O O2    . DC A 1 11 ? -3.45482  2.03315   -4.22521  1.000 415.45841 ? 11 DC A O2    1 
ATOM 219 N N3    . DC A 1 11 ? -2.94137  3.51481   -2.58237  1.000 411.98470 ? 11 DC A N3    1 
ATOM 220 C C4    . DC A 1 11 ? -3.06585  4.75687   -2.10735  1.000 408.21087 ? 11 DC A C4    1 
ATOM 221 N N4    . DC A 1 11 ? -2.45774  5.05195   -0.95384  1.000 411.39521 ? 11 DC A N4    1 
ATOM 222 C C5    . DC A 1 11 ? -3.82174  5.75231   -2.79371  1.000 401.60759 ? 11 DC A C5    1 
ATOM 223 C C6    . DC A 1 11 ? -4.40959  5.40324   -3.94172  1.000 397.20928 ? 11 DC A C6    1 
ATOM 224 P P     . DT A 1 12 ? -9.36922  2.64412   -6.69918  1.000 364.18018 ? 12 DT A P     1 
ATOM 225 O OP1   . DT A 1 12 ? -10.30088 2.33365   -7.80682  1.000 350.29038 ? 12 DT A OP1   1 
ATOM 226 O OP2   . DT A 1 12 ? -9.82350  3.48609   -5.57082  1.000 368.39702 ? 12 DT A OP2   1 
ATOM 227 O "O5'" . DT A 1 12 ? -8.81564  1.27123   -6.09114  1.000 360.55127 ? 12 DT A "O5'" 1 
ATOM 228 C "C5'" . DT A 1 12 ? -8.12036  0.35076   -6.92552  1.000 362.59606 ? 12 DT A "C5'" 1 
ATOM 229 C "C4'" . DT A 1 12 ? -7.84186  -0.94533  -6.18576  1.000 366.76601 ? 12 DT A "C4'" 1 
ATOM 230 O "O4'" . DT A 1 12 ? -6.73500  -0.75652  -5.26435  1.000 377.26108 ? 12 DT A "O4'" 1 
ATOM 231 C "C3'" . DT A 1 12 ? -9.00668  -1.47346  -5.34930  1.000 359.98660 ? 12 DT A "C3'" 1 
ATOM 232 O "O3'" . DT A 1 12 ? -9.10550  -2.88314  -5.49734  1.000 363.17267 ? 12 DT A "O3'" 1 
ATOM 233 C "C2'" . DT A 1 12 ? -8.61804  -1.07999  -3.92513  1.000 366.59437 ? 12 DT A "C2'" 1 
ATOM 234 C "C1'" . DT A 1 12 ? -7.10612  -1.20897  -3.98183  1.000 377.49501 ? 12 DT A "C1'" 1 
ATOM 235 N N1    . DT A 1 12 ? -6.39156  -0.38104  -2.96819  1.000 383.73006 ? 12 DT A N1    1 
ATOM 236 C C2    . DT A 1 12 ? -5.42626  -0.96611  -2.18263  1.000 390.61819 ? 12 DT A C2    1 
ATOM 237 O O2    . DT A 1 12 ? -5.12026  -2.14265  -2.26506  1.000 401.69710 ? 12 DT A O2    1 
ATOM 238 N N3    . DT A 1 12 ? -4.82589  -0.11967  -1.28902  1.000 397.43840 ? 12 DT A N3    1 
ATOM 239 C C4    . DT A 1 12 ? -5.08846  1.22593   -1.10633  1.000 391.85189 ? 12 DT A C4    1 
ATOM 240 O O4    . DT A 1 12 ? -4.49407  1.90360   -0.27445  1.000 395.10869 ? 12 DT A O4    1 
ATOM 241 C C5    . DT A 1 12 ? -6.11105  1.77731   -1.96310  1.000 386.21748 ? 12 DT A C5    1 
ATOM 242 C C7    . DT A 1 12 ? -6.48333  3.22659   -1.85650  1.000 384.46534 ? 12 DT A C7    1 
ATOM 243 C C6    . DT A 1 12 ? -6.70564  0.95694   -2.84271  1.000 382.28089 ? 12 DT A C6    1 
ATOM 244 P P     . DG A 1 13 ? -10.23614 -3.70457  -4.70569  1.000 328.61373 ? 13 DG A P     1 
ATOM 245 O OP1   . DG A 1 13 ? -10.56001 -4.90725  -5.50360  1.000 320.93914 ? 13 DG A OP1   1 
ATOM 246 O OP2   . DG A 1 13 ? -11.31539 -2.76204  -4.33396  1.000 321.43837 ? 13 DG A OP2   1 
ATOM 247 O "O5'" . DG A 1 13 ? -9.50109  -4.16310  -3.36267  1.000 334.97857 ? 13 DG A "O5'" 1 
ATOM 248 C "C5'" . DG A 1 13 ? -8.36709  -5.02454  -3.42836  1.000 343.77884 ? 13 DG A "C5'" 1 
ATOM 249 C "C4'" . DG A 1 13 ? -7.76397  -5.23928  -2.04964  1.000 359.87352 ? 13 DG A "C4'" 1 
ATOM 250 O "O4'" . DG A 1 13 ? -7.30037  -3.96629  -1.51799  1.000 375.73874 ? 13 DG A "O4'" 1 
ATOM 251 C "C3'" . DG A 1 13 ? -8.72618  -5.79498  -0.99215  1.000 355.91440 ? 13 DG A "C3'" 1 
ATOM 252 O "O3'" . DG A 1 13 ? -8.00332  -6.62135  -0.07448  1.000 359.31966 ? 13 DG A "O3'" 1 
ATOM 253 C "C2'" . DG A 1 13 ? -9.20536  -4.52300  -0.31591  1.000 354.89128 ? 13 DG A "C2'" 1 
ATOM 254 C "C1'" . DG A 1 13 ? -7.89785  -3.76331  -0.25709  1.000 375.45173 ? 13 DG A "C1'" 1 
ATOM 255 N N9    . DG A 1 13 ? -8.04697  -2.33541  -0.01473  1.000 363.59132 ? 13 DG A N9    1 
ATOM 256 C C8    . DG A 1 13 ? -8.93076  -1.47066  -0.61248  1.000 349.62123 ? 13 DG A C8    1 
ATOM 257 N N7    . DG A 1 13 ? -8.82557  -0.24357  -0.17996  1.000 353.86325 ? 13 DG A N7    1 
ATOM 258 C C5    . DG A 1 13 ? -7.81021  -0.30575  0.76663   1.000 362.22644 ? 13 DG A C5    1 
ATOM 259 C C6    . DG A 1 13 ? -7.24850  0.71037   1.57556   1.000 368.50021 ? 13 DG A C6    1 
ATOM 260 O O6    . DG A 1 13 ? -7.54706  1.91204   1.61802   1.000 368.09581 ? 13 DG A O6    1 
ATOM 261 N N1    . DG A 1 13 ? -6.23939  0.21192   2.39831   1.000 386.54621 ? 13 DG A N1    1 
ATOM 262 C C2    . DG A 1 13 ? -5.83011  -1.09996  2.43037   1.000 401.95728 ? 13 DG A C2    1 
ATOM 263 N N2    . DG A 1 13 ? -4.84545  -1.39907  3.28465   1.000 421.54721 ? 13 DG A N2    1 
ATOM 264 N N3    . DG A 1 13 ? -6.34729  -2.05493  1.67980   1.000 396.73502 ? 13 DG A N3    1 
ATOM 265 C C4    . DG A 1 13 ? -7.32700  -1.58804  0.87682   1.000 374.24998 ? 13 DG A C4    1 
ATOM 266 P P     . DT A 1 14 ? -8.75366  -7.38891  1.12800   1.000 329.84572 ? 14 DT A P     1 
ATOM 267 O OP1   . DT A 1 14 ? -9.55552  -8.47662  0.52621   1.000 314.39413 ? 14 DT A OP1   1 
ATOM 268 O OP2   . DT A 1 14 ? -9.41194  -6.40965  2.01912   1.000 327.06261 ? 14 DT A OP2   1 
ATOM 269 O "O5'" . DT A 1 14 ? -7.55116  -8.02992  1.96568   1.000 318.01390 ? 14 DT A "O5'" 1 
ATOM 270 C "C5'" . DT A 1 14 ? -6.36602  -7.27051  2.20761   1.000 329.08327 ? 14 DT A "C5'" 1 
ATOM 271 C "C4'" . DT A 1 14 ? -6.38050  -6.66554  3.60118   1.000 343.17768 ? 14 DT A "C4'" 1 
ATOM 272 O "O4'" . DT A 1 14 ? -6.63322  -5.24537  3.51639   1.000 373.84057 ? 14 DT A "O4'" 1 
ATOM 273 C "C3'" . DT A 1 14 ? -7.44369  -7.23705  4.54402   1.000 327.43904 ? 14 DT A "C3'" 1 
ATOM 274 O "O3'" . DT A 1 14 ? -6.81808  -7.86759  5.65221   1.000 325.66050 ? 14 DT A "O3'" 1 
ATOM 275 C "C2'" . DT A 1 14 ? -8.27560  -6.01685  4.97573   1.000 347.67405 ? 14 DT A "C2'" 1 
ATOM 276 C "C1'" . DT A 1 14 ? -7.35632  -4.84806  4.65028   1.000 377.87859 ? 14 DT A "C1'" 1 
ATOM 277 N N1    . DT A 1 14 ? -8.08079  -3.57988  4.32343   1.000 375.28964 ? 14 DT A N1    1 
ATOM 278 C C2    . DT A 1 14 ? -7.71280  -2.41104  4.95186   1.000 381.31181 ? 14 DT A C2    1 
ATOM 279 O O2    . DT A 1 14 ? -6.82087  -2.34842  5.77855   1.000 397.91490 ? 14 DT A O2    1 
ATOM 280 N N3    . DT A 1 14 ? -8.43376  -1.30833  4.57787   1.000 363.25133 ? 14 DT A N3    1 
ATOM 281 C C4    . DT A 1 14 ? -9.46142  -1.25891  3.65314   1.000 342.10862 ? 14 DT A C4    1 
ATOM 282 O O4    . DT A 1 14 ? -10.05027 -0.22082  3.38066   1.000 340.30735 ? 14 DT A O4    1 
ATOM 283 C C5    . DT A 1 14 ? -9.79574  -2.51459  3.03183   1.000 338.70135 ? 14 DT A C5    1 
ATOM 284 C C7    . DT A 1 14 ? -10.89835 -2.57762  2.01829   1.000 325.39451 ? 14 DT A C7    1 
ATOM 285 C C6    . DT A 1 14 ? -9.09755  -3.60237  3.39064   1.000 354.66428 ? 14 DT A C6    1 
ATOM 286 P P     . DC B 2 1  ? -23.99426 0.58712   5.43345   1.000 280.64119 ? 7  DC B P     1 
ATOM 287 O OP1   . DC B 2 1  ? -24.68576 1.88406   5.26102   1.000 283.64372 ? 7  DC B OP1   1 
ATOM 288 O OP2   . DC B 2 1  ? -22.95805 0.16157   4.46712   1.000 287.42008 ? 7  DC B OP2   1 
ATOM 289 O "O5'" . DC B 2 1  ? -23.34234 0.52921   6.89199   1.000 284.25161 ? 7  DC B "O5'" 1 
ATOM 290 C "C5'" . DC B 2 1  ? -23.48690 1.62212   7.78293   1.000 286.77634 ? 7  DC B "C5'" 1 
ATOM 291 C "C4'" . DC B 2 1  ? -22.16212 2.33767   7.98924   1.000 294.66194 ? 7  DC B "C4'" 1 
ATOM 292 O "O4'" . DC B 2 1  ? -21.25905 1.50189   8.76018   1.000 295.55055 ? 7  DC B "O4'" 1 
ATOM 293 C "C3'" . DC B 2 1  ? -21.39859 2.68864   6.71545   1.000 297.03745 ? 7  DC B "C3'" 1 
ATOM 294 O "O3'" . DC B 2 1  ? -20.70155 3.89497   6.92659   1.000 301.51091 ? 7  DC B "O3'" 1 
ATOM 295 C "C2'" . DC B 2 1  ? -20.42911 1.51746   6.58718   1.000 293.93066 ? 7  DC B "C2'" 1 
ATOM 296 C "C1'" . DC B 2 1  ? -20.05138 1.34534   8.04307   1.000 292.61397 ? 7  DC B "C1'" 1 
ATOM 297 N N1    . DC B 2 1  ? -19.47333 0.02605   8.39213   1.000 292.35066 ? 7  DC B N1    1 
ATOM 298 C C2    . DC B 2 1  ? -18.58863 -0.04748  9.46064   1.000 293.87195 ? 7  DC B C2    1 
ATOM 299 O O2    . DC B 2 1  ? -18.30871 0.99151   10.06618  1.000 298.87533 ? 7  DC B O2    1 
ATOM 300 N N3    . DC B 2 1  ? -18.06555 -1.24513  9.80403   1.000 293.89035 ? 7  DC B N3    1 
ATOM 301 C C4    . DC B 2 1  ? -18.39958 -2.33777  9.12083   1.000 292.29019 ? 7  DC B C4    1 
ATOM 302 N N4    . DC B 2 1  ? -17.85567 -3.49799  9.50155   1.000 292.42525 ? 7  DC B N4    1 
ATOM 303 C C5    . DC B 2 1  ? -19.30749 -2.28702  8.01965   1.000 291.09816 ? 7  DC B C5    1 
ATOM 304 C C6    . DC B 2 1  ? -19.82104 -1.09291  7.69565   1.000 291.53850 ? 7  DC B C6    1 
ATOM 305 P P     . DG B 2 2  ? -20.33569 4.85441   5.69528   1.000 296.12036 ? 8  DG B P     1 
ATOM 306 O OP1   . DG B 2 2  ? -21.59834 5.39155   5.14130   1.000 293.69963 ? 8  DG B OP1   1 
ATOM 307 O OP2   . DG B 2 2  ? -19.39837 4.11681   4.81877   1.000 307.04427 ? 8  DG B OP2   1 
ATOM 308 O "O5'" . DG B 2 2  ? -19.52343 6.04467   6.38363   1.000 298.96455 ? 8  DG B "O5'" 1 
ATOM 309 C "C5'" . DG B 2 2  ? -19.65095 6.27118   7.78372   1.000 299.31900 ? 8  DG B "C5'" 1 
ATOM 310 C "C4'" . DG B 2 2  ? -18.32706 6.71199   8.38582   1.000 307.96844 ? 8  DG B "C4'" 1 
ATOM 311 O "O4'" . DG B 2 2  ? -17.63723 5.56757   8.95048   1.000 306.35331 ? 8  DG B "O4'" 1 
ATOM 312 C "C3'" . DG B 2 2  ? -17.34892 7.35180   7.41013   1.000 310.06787 ? 8  DG B "C3'" 1 
ATOM 313 O "O3'" . DG B 2 2  ? -16.60833 8.37652   8.07960   1.000 322.29782 ? 8  DG B "O3'" 1 
ATOM 314 C "C2'" . DG B 2 2  ? -16.46758 6.17408   6.98446   1.000 307.82629 ? 8  DG B "C2'" 1 
ATOM 315 C "C1'" . DG B 2 2  ? -16.44042 5.30764   8.23803   1.000 305.05366 ? 8  DG B "C1'" 1 
ATOM 316 N N9    . DG B 2 2  ? -16.39255 3.87598   7.95823   1.000 304.74015 ? 8  DG B N9    1 
ATOM 317 C C8    . DG B 2 2  ? -17.10785 3.19368   7.00294   1.000 302.64634 ? 8  DG B C8    1 
ATOM 318 N N7    . DG B 2 2  ? -16.87291 1.91171   6.99600   1.000 304.48939 ? 8  DG B N7    1 
ATOM 319 C C5    . DG B 2 2  ? -15.94760 1.73092   8.01545   1.000 307.60935 ? 8  DG B C5    1 
ATOM 320 C C6    . DG B 2 2  ? -15.32330 0.55012   8.47777   1.000 318.59845 ? 8  DG B C6    1 
ATOM 321 O O6    . DG B 2 2  ? -15.47113 -0.60743  8.05998   1.000 324.09616 ? 8  DG B O6    1 
ATOM 322 N N1    . DG B 2 2  ? -14.44653 0.80910   9.53104   1.000 325.87561 ? 8  DG B N1    1 
ATOM 323 C C2    . DG B 2 2  ? -14.20664 2.05584   10.06660  1.000 318.96931 ? 8  DG B C2    1 
ATOM 324 N N2    . DG B 2 2  ? -13.33483 2.11126   11.08492  1.000 325.83709 ? 8  DG B N2    1 
ATOM 325 N N3    . DG B 2 2  ? -14.79204 3.16836   9.64453   1.000 313.53452 ? 8  DG B N3    1 
ATOM 326 C C4    . DG B 2 2  ? -15.64729 2.93093   8.62111   1.000 309.64229 ? 8  DG B C4    1 
ATOM 327 P P     . DG B 2 3  ? -15.27126 9.00010   7.43758   1.000 304.83992 ? 9  DG B P     1 
ATOM 328 O OP1   . DG B 2 3  ? -15.15260 10.38417  7.94712   1.000 297.14513 ? 9  DG B OP1   1 
ATOM 329 O OP2   . DG B 2 3  ? -15.26979 8.77932   5.97382   1.000 297.01079 ? 9  DG B OP2   1 
ATOM 330 O "O5'" . DG B 2 3  ? -14.10601 8.12389   8.09326   1.000 297.89903 ? 9  DG B "O5'" 1 
ATOM 331 C "C5'" . DG B 2 3  ? -14.06894 7.93905   9.50816   1.000 296.01297 ? 9  DG B "C5'" 1 
ATOM 332 C "C4'" . DG B 2 3  ? -12.76467 7.29426   9.93844   1.000 301.35063 ? 9  DG B "C4'" 1 
ATOM 333 O "O4'" . DG B 2 3  ? -12.84828 5.85744   9.75287   1.000 301.42033 ? 9  DG B "O4'" 1 
ATOM 334 C "C3'" . DG B 2 3  ? -11.53583 7.74431   9.15060   1.000 310.17978 ? 9  DG B "C3'" 1 
ATOM 335 O "O3'" . DG B 2 3  ? -10.39891 7.78941   10.00442  1.000 325.95332 ? 9  DG B "O3'" 1 
ATOM 336 C "C2'" . DG B 2 3  ? -11.39833 6.64858   8.10112   1.000 311.72796 ? 9  DG B "C2'" 1 
ATOM 337 C "C1'" . DG B 2 3  ? -11.79353 5.43358   8.91723   1.000 309.19193 ? 9  DG B "C1'" 1 
ATOM 338 N N9    . DG B 2 3  ? -12.26024 4.31008   8.12025   1.000 306.75445 ? 9  DG B N9    1 
ATOM 339 C C8    . DG B 2 3  ? -13.17619 4.33357   7.09605   1.000 301.12296 ? 9  DG B C8    1 
ATOM 340 N N7    . DG B 2 3  ? -13.39773 3.15845   6.57404   1.000 300.69423 ? 9  DG B N7    1 
ATOM 341 C C5    . DG B 2 3  ? -12.57815 2.30638   7.30255   1.000 305.92933 ? 9  DG B C5    1 
ATOM 342 C C6    . DG B 2 3  ? -12.38839 0.91006   7.19610   1.000 307.71279 ? 9  DG B C6    1 
ATOM 343 O O6    . DG B 2 3  ? -12.92510 0.11880   6.40724   1.000 308.22164 ? 9  DG B O6    1 
ATOM 344 N N1    . DG B 2 3  ? -11.46184 0.44487   8.12950   1.000 313.05333 ? 9  DG B N1    1 
ATOM 345 C C2    . DG B 2 3  ? -10.81213 1.23234   9.05252   1.000 316.67103 ? 9  DG B C2    1 
ATOM 346 N N2    . DG B 2 3  ? -9.95300  0.60492   9.86964   1.000 321.84901 ? 9  DG B N2    1 
ATOM 347 N N3    . DG B 2 3  ? -10.98057 2.53882   9.15936   1.000 315.31936 ? 9  DG B N3    1 
ATOM 348 C C4    . DG B 2 3  ? -11.87189 3.00556   8.25519   1.000 309.75107 ? 9  DG B C4    1 
ATOM 349 P P     . DA B 2 4  ? -9.14446  8.71869   9.62245   1.000 307.16017 ? 10 DA B P     1 
ATOM 350 O OP1   . DA B 2 4  ? -9.08229  9.81238   10.61688  1.000 306.39617 ? 10 DA B OP1   1 
ATOM 351 O OP2   . DA B 2 4  ? -9.24486  9.03501   8.18059   1.000 306.75239 ? 10 DA B OP2   1 
ATOM 352 O "O5'" . DA B 2 4  ? -7.87423  7.76564   9.81907   1.000 315.50175 ? 10 DA B "O5'" 1 
ATOM 353 C "C5'" . DA B 2 4  ? -7.43298  7.42864   11.12942  1.000 317.24284 ? 10 DA B "C5'" 1 
ATOM 354 C "C4'" . DA B 2 4  ? -6.57351  6.17766   11.10842  1.000 322.64076 ? 10 DA B "C4'" 1 
ATOM 355 O "O4'" . DA B 2 4  ? -7.32055  5.09100   10.50167  1.000 319.46087 ? 10 DA B "O4'" 1 
ATOM 356 C "C3'" . DA B 2 4  ? -5.27197  6.29041   10.31381  1.000 330.16628 ? 10 DA B "C3'" 1 
ATOM 357 O "O3'" . DA B 2 4  ? -4.23033  5.56517   10.99234  1.000 335.05832 ? 10 DA B "O3'" 1 
ATOM 358 C "C2'" . DA B 2 4  ? -5.64221  5.66713   8.97162   1.000 329.44563 ? 10 DA B "C2'" 1 
ATOM 359 C "C1'" . DA B 2 4  ? -6.60490  4.57404   9.40056   1.000 324.27734 ? 10 DA B "C1'" 1 
ATOM 360 N N9    . DA B 2 4  ? -7.55608  4.20655   8.36198   1.000 319.85730 ? 10 DA B N9    1 
ATOM 361 C C8    . DA B 2 4  ? -8.41506  5.03860   7.70354   1.000 314.98945 ? 10 DA B C8    1 
ATOM 362 N N7    . DA B 2 4  ? -9.15934  4.43145   6.81232   1.000 311.38917 ? 10 DA B N7    1 
ATOM 363 C C5    . DA B 2 4  ? -8.75842  3.10911   6.89073   1.000 314.32044 ? 10 DA B C5    1 
ATOM 364 C C6    . DA B 2 4  ? -9.16781  1.95463   6.20047   1.000 312.92654 ? 10 DA B C6    1 
ATOM 365 N N6    . DA B 2 4  ? -10.11366 1.96376   5.25902   1.000 308.13046 ? 10 DA B N6    1 
ATOM 366 N N1    . DA B 2 4  ? -8.56658  0.78846   6.51652   1.000 316.57386 ? 10 DA B N1    1 
ATOM 367 C C2    . DA B 2 4  ? -7.61970  0.78870   7.46276   1.000 320.96758 ? 10 DA B C2    1 
ATOM 368 N N3    . DA B 2 4  ? -7.15198  1.81028   8.17962   1.000 322.72087 ? 10 DA B N3    1 
ATOM 369 C C4    . DA B 2 4  ? -7.76982  2.95253   7.84046   1.000 319.37343 ? 10 DA B C4    1 
ATOM 370 P P     . DC B 2 5  ? -3.01982  4.86394   10.19294  1.000 342.01766 ? 11 DC B P     1 
ATOM 371 O OP1   . DC B 2 5  ? -1.96717  4.57570   11.19032  1.000 344.53401 ? 11 DC B OP1   1 
ATOM 372 O OP2   . DC B 2 5  ? -2.66089  5.65651   8.99573   1.000 346.63445 ? 11 DC B OP2   1 
ATOM 373 O "O5'" . DC B 2 5  ? -3.63117  3.46101   9.73625   1.000 339.54209 ? 11 DC B "O5'" 1 
ATOM 374 C "C5'" . DC B 2 5  ? -3.17095  2.25911   10.33564  1.000 341.04932 ? 11 DC B "C5'" 1 
ATOM 375 C "C4'" . DC B 2 5  ? -2.40200  1.42404   9.33204   1.000 345.70460 ? 11 DC B "C4'" 1 
ATOM 376 O "O4'" . DC B 2 5  ? -3.23573  1.19431   8.16598   1.000 345.82237 ? 11 DC B "O4'" 1 
ATOM 377 C "C3'" . DC B 2 5  ? -1.12536  2.06915   8.80211   1.000 350.84651 ? 11 DC B "C3'" 1 
ATOM 378 O "O3'" . DC B 2 5  ? -0.17254  1.06659   8.49838   1.000 364.58490 ? 11 DC B "O3'" 1 
ATOM 379 C "C2'" . DC B 2 5  ? -1.61337  2.76515   7.53907   1.000 350.28715 ? 11 DC B "C2'" 1 
ATOM 380 C "C1'" . DC B 2 5  ? -2.61093  1.74156   7.02468   1.000 349.77277 ? 11 DC B "C1'" 1 
ATOM 381 N N1    . DC B 2 5  ? -3.65501  2.30963   6.12938   1.000 347.23819 ? 11 DC B N1    1 
ATOM 382 C C2    . DC B 2 5  ? -4.30870  1.46586   5.23480   1.000 345.65779 ? 11 DC B C2    1 
ATOM 383 O O2    . DC B 2 5  ? -4.00641  0.26729   5.22436   1.000 350.67873 ? 11 DC B O2    1 
ATOM 384 N N3    . DC B 2 5  ? -5.25597  1.98183   4.41365   1.000 338.14932 ? 11 DC B N3    1 
ATOM 385 C C4    . DC B 2 5  ? -5.54650  3.28344   4.46795   1.000 332.75252 ? 11 DC B C4    1 
ATOM 386 N N4    . DC B 2 5  ? -6.48646  3.75006   3.63986   1.000 328.16074 ? 11 DC B N4    1 
ATOM 387 C C5    . DC B 2 5  ? -4.88498  4.16447   5.37511   1.000 335.26319 ? 11 DC B C5    1 
ATOM 388 C C6    . DC B 2 5  ? -3.95336  3.63995   6.17923   1.000 341.26010 ? 11 DC B C6    1 
ATOM 389 P P     . DA B 2 6  ? 1.39213   1.42197   8.46925   1.000 390.76872 ? 12 DA B P     1 
ATOM 390 O OP1   . DA B 2 6  ? 1.86494   1.48579   9.87018   1.000 380.22919 ? 12 DA B OP1   1 
ATOM 391 O OP2   . DA B 2 6  ? 1.57146   2.59097   7.57899   1.000 381.25576 ? 12 DA B OP2   1 
ATOM 392 O "O5'" . DA B 2 6  ? 2.05603   0.15685   7.75269   1.000 379.75078 ? 12 DA B "O5'" 1 
ATOM 393 C "C5'" . DA B 2 6  ? 1.75732   -1.15528  8.21073   1.000 381.35545 ? 12 DA B "C5'" 1 
ATOM 394 C "C4'" . DA B 2 6  ? 1.52889   -2.09620  7.04127   1.000 382.52132 ? 12 DA B "C4'" 1 
ATOM 395 O "O4'" . DA B 2 6  ? 0.38315   -1.64434  6.27422   1.000 367.05892 ? 12 DA B "O4'" 1 
ATOM 396 C "C3'" . DA B 2 6  ? 2.68857   -2.19392  6.05631   1.000 392.58221 ? 12 DA B "C3'" 1 
ATOM 397 O "O3'" . DA B 2 6  ? 2.81534   -3.52785  5.58338   1.000 406.13075 ? 12 DA B "O3'" 1 
ATOM 398 C "C2'" . DA B 2 6  ? 2.28377   -1.23496  4.93926   1.000 381.24695 ? 12 DA B "C2'" 1 
ATOM 399 C "C1'" . DA B 2 6  ? 0.76469   -1.35296  4.94516   1.000 370.88272 ? 12 DA B "C1'" 1 
ATOM 400 N N9    . DA B 2 6  ? 0.08856   -0.12489  4.53565   1.000 368.03738 ? 12 DA B N9    1 
ATOM 401 C C8    . DA B 2 6  ? 0.26259   1.12429   5.06210   1.000 368.44900 ? 12 DA B C8    1 
ATOM 402 N N7    . DA B 2 6  ? -0.48133  2.04590   4.49731   1.000 371.03234 ? 12 DA B N7    1 
ATOM 403 C C5    . DA B 2 6  ? -1.19611  1.35285   3.53559   1.000 367.86259 ? 12 DA B C5    1 
ATOM 404 C C6    . DA B 2 6  ? -2.16198  1.75973   2.59313   1.000 361.89631 ? 12 DA B C6    1 
ATOM 405 N N6    . DA B 2 6  ? -2.58615  3.02193   2.47001   1.000 355.34392 ? 12 DA B N6    1 
ATOM 406 N N1    . DA B 2 6  ? -2.67659  0.81531   1.77977   1.000 359.93504 ? 12 DA B N1    1 
ATOM 407 C C2    . DA B 2 6  ? -2.24792  -0.44615  1.90357   1.000 363.35688 ? 12 DA B C2    1 
ATOM 408 N N3    . DA B 2 6  ? -1.35035  -0.94802  2.75016   1.000 363.42227 ? 12 DA B N3    1 
ATOM 409 C C4    . DA B 2 6  ? -0.85810  0.01251   3.54646   1.000 365.31381 ? 12 DA B C4    1 
ATOM 410 P P     . DG B 2 7  ? 4.01931   -3.92432  4.59497   1.000 429.01800 ? 13 DG B P     1 
ATOM 411 O OP1   . DG B 2 7  ? 4.38441   -5.33173  4.86985   1.000 420.99595 ? 13 DG B OP1   1 
ATOM 412 O OP2   . DG B 2 7  ? 5.05320   -2.87052  4.69186   1.000 429.97806 ? 13 DG B OP2   1 
ATOM 413 O "O5'" . DG B 2 7  ? 3.36247   -3.83411  3.13953   1.000 409.91208 ? 13 DG B "O5'" 1 
ATOM 414 C "C5'" . DG B 2 7  ? 2.22622   -4.62975  2.82407   1.000 400.77402 ? 13 DG B "C5'" 1 
ATOM 415 C "C4'" . DG B 2 7  ? 1.80749   -4.42688  1.37967   1.000 392.28568 ? 13 DG B "C4'" 1 
ATOM 416 O "O4'" . DG B 2 7  ? 1.00391   -3.22147  1.26472   1.000 378.38348 ? 13 DG B "O4'" 1 
ATOM 417 C "C3'" . DG B 2 7  ? 2.96240   -4.26900  0.38380   1.000 398.24995 ? 13 DG B "C3'" 1 
ATOM 418 O "O3'" . DG B 2 7  ? 2.71355   -5.07410  -0.76966  1.000 397.56166 ? 13 DG B "O3'" 1 
ATOM 419 C "C2'" . DG B 2 7  ? 2.93265   -2.77527  0.05395   1.000 389.52617 ? 13 DG B "C2'" 1 
ATOM 420 C "C1'" . DG B 2 7  ? 1.44911   -2.48057  0.15569   1.000 382.58851 ? 13 DG B "C1'" 1 
ATOM 421 N N9    . DG B 2 7  ? 1.14746   -1.07082  0.37857   1.000 381.59076 ? 13 DG B N9    1 
ATOM 422 C C8    . DG B 2 7  ? 1.58303   -0.28425  1.41689   1.000 382.36001 ? 13 DG B C8    1 
ATOM 423 N N7    . DG B 2 7  ? 1.15307   0.94507   1.35230   1.000 380.55777 ? 13 DG B N7    1 
ATOM 424 C C5    . DG B 2 7  ? 0.38361   0.97586   0.19678   1.000 378.57959 ? 13 DG B C5    1 
ATOM 425 C C6    . DG B 2 7  ? -0.33820  2.04239   -0.38810  1.000 378.69801 ? 13 DG B C6    1 
ATOM 426 O O6    . DG B 2 7  ? -0.44102  3.20921   0.01479   1.000 377.62233 ? 13 DG B O6    1 
ATOM 427 N N1    . DG B 2 7  ? -0.98252  1.64796   -1.55929  1.000 379.43411 ? 13 DG B N1    1 
ATOM 428 C C2    . DG B 2 7  ? -0.93316  0.38187   -2.09370  1.000 375.18732 ? 13 DG B C2    1 
ATOM 429 N N2    . DG B 2 7  ? -1.61733  0.18864   -3.22998  1.000 377.13598 ? 13 DG B N2    1 
ATOM 430 N N3    . DG B 2 7  ? -0.26036  -0.62615  -1.55438  1.000 377.60885 ? 13 DG B N3    1 
ATOM 431 C C4    . DG B 2 7  ? 0.36972   -0.25778  -0.41348  1.000 379.32426 ? 13 DG B C4    1 
ATOM 432 P P     . DC B 2 8  ? 3.82868   -5.25538  -1.91663  1.000 411.00097 ? 14 DC B P     1 
ATOM 433 O OP1   . DC B 2 8  ? 4.17690   -6.69199  -1.97115  1.000 417.12321 ? 14 DC B OP1   1 
ATOM 434 O OP2   . DC B 2 8  ? 4.90456   -4.25910  -1.72078  1.000 416.94982 ? 14 DC B OP2   1 
ATOM 435 O "O5'" . DC B 2 8  ? 3.04293   -4.87526  -3.25645  1.000 400.51528 ? 14 DC B "O5'" 1 
ATOM 436 C "C5'" . DC B 2 8  ? 2.09431   -3.81884  -3.23372  1.000 398.04171 ? 14 DC B "C5'" 1 
ATOM 437 C "C4'" . DC B 2 8  ? 1.44798   -3.62443  -4.59036  1.000 396.68647 ? 14 DC B "C4'" 1 
ATOM 438 O "O4'" . DC B 2 8  ? 0.77198   -2.34590  -4.60302  1.000 395.42722 ? 14 DC B "O4'" 1 
ATOM 439 C "C3'" . DC B 2 8  ? 2.41347   -3.54568  -5.75611  1.000 402.71406 ? 14 DC B "C3'" 1 
ATOM 440 O "O3'" . DC B 2 8  ? 1.70966   -3.79100  -6.97191  1.000 400.08882 ? 14 DC B "O3'" 1 
ATOM 441 C "C2'" . DC B 2 8  ? 2.87806   -2.09853  -5.66054  1.000 410.15356 ? 14 DC B "C2'" 1 
ATOM 442 C "C1'" . DC B 2 8  ? 1.58623   -1.38765  -5.25974  1.000 401.73095 ? 14 DC B "C1'" 1 
ATOM 443 N N1    . DC B 2 8  ? 1.80164   -0.23414  -4.34102  1.000 408.38720 ? 14 DC B N1    1 
ATOM 444 C C2    . DC B 2 8  ? 1.20513   0.99060   -4.63457  1.000 405.04221 ? 14 DC B C2    1 
ATOM 445 O O2    . DC B 2 8  ? 0.51013   1.08181   -5.65255  1.000 398.79177 ? 14 DC B O2    1 
ATOM 446 N N3    . DC B 2 8  ? 1.40596   2.03876   -3.79738  1.000 409.23681 ? 14 DC B N3    1 
ATOM 447 C C4    . DC B 2 8  ? 2.16786   1.88713   -2.71119  1.000 414.54932 ? 14 DC B C4    1 
ATOM 448 N N4    . DC B 2 8  ? 2.33995   2.94552   -1.91259  1.000 413.69339 ? 14 DC B N4    1 
ATOM 449 C C5    . DC B 2 8  ? 2.78940   0.64285   -2.39763  1.000 415.87630 ? 14 DC B C5    1 
ATOM 450 C C6    . DC B 2 8  ? 2.58099   -0.38074  -3.23164  1.000 412.22778 ? 14 DC B C6    1 
ATOM 451 P P     . DA B 2 9  ? 2.45547   -3.70454  -8.39486  1.000 424.24050 ? 15 DA B P     1 
ATOM 452 O OP1   . DA B 2 9  ? 1.96772   -4.84047  -9.20655  1.000 415.40260 ? 15 DA B OP1   1 
ATOM 453 O OP2   . DA B 2 9  ? 3.91058   -3.55324  -8.16896  1.000 428.02250 ? 15 DA B OP2   1 
ATOM 454 O "O5'" . DA B 2 9  ? 1.87692   -2.35992  -9.04519  1.000 420.36005 ? 15 DA B "O5'" 1 
ATOM 455 C "C5'" . DA B 2 9  ? 2.09427   -2.07520  -10.42820 1.000 419.54483 ? 15 DA B "C5'" 1 
ATOM 456 C "C4'" . DA B 2 9  ? 1.09870   -1.04029  -10.92526 1.000 414.05880 ? 15 DA B "C4'" 1 
ATOM 457 O "O4'" . DA B 2 9  ? 0.76273   -0.14604  -9.83657  1.000 413.60626 ? 15 DA B "O4'" 1 
ATOM 458 C "C3'" . DA B 2 9  ? 1.61365   -0.13172  -12.03040 1.000 419.77725 ? 15 DA B "C3'" 1 
ATOM 459 O "O3'" . DA B 2 9  ? 0.51814   0.42001   -12.76042 1.000 410.67311 ? 15 DA B "O3'" 1 
ATOM 460 C "C2'" . DA B 2 9  ? 2.33417   0.94017   -11.22817 1.000 428.43835 ? 15 DA B "C2'" 1 
ATOM 461 C "C1'" . DA B 2 9  ? 1.39065   1.10748   -10.03851 1.000 421.16481 ? 15 DA B "C1'" 1 
ATOM 462 N N9    . DA B 2 9  ? 2.07147   1.48902   -8.80693  1.000 425.63361 ? 15 DA B N9    1 
ATOM 463 C C8    . DA B 2 9  ? 2.86997   0.70056   -8.02647  1.000 428.09060 ? 15 DA B C8    1 
ATOM 464 N N7    . DA B 2 9  ? 3.35253   1.31602   -6.97334  1.000 428.62028 ? 15 DA B N7    1 
ATOM 465 C C5    . DA B 2 9  ? 2.83384   2.59629   -7.07139  1.000 427.76606 ? 15 DA B C5    1 
ATOM 466 C C6    . DA B 2 9  ? 2.96771   3.73856   -6.26019  1.000 429.59735 ? 15 DA B C6    1 
ATOM 467 N N6    . DA B 2 9  ? 3.70066   3.76440   -5.14381  1.000 431.08355 ? 15 DA B N6    1 
ATOM 468 N N1    . DA B 2 9  ? 2.31665   4.85740   -6.64273  1.000 427.63987 ? 15 DA B N1    1 
ATOM 469 C C2    . DA B 2 9  ? 1.58130   4.82543   -7.75942  1.000 421.85086 ? 15 DA B C2    1 
ATOM 470 N N3    . DA B 2 9  ? 1.38341   3.81450   -8.60262  1.000 420.06365 ? 15 DA B N3    1 
ATOM 471 C C4    . DA B 2 9  ? 2.04224   2.71889   -8.19578  1.000 424.72245 ? 15 DA B C4    1 
ATOM 472 P P     . DG B 2 10 ? 0.72809   0.96429   -14.25960 1.000 438.17992 ? 16 DG B P     1 
ATOM 473 O OP1   . DG B 2 10 ? -0.24856  0.26659   -15.12456 1.000 426.48982 ? 16 DG B OP1   1 
ATOM 474 O OP2   . DG B 2 10 ? 2.17359   0.88219   -14.56661 1.000 436.79850 ? 16 DG B OP2   1 
ATOM 475 O "O5'" . DG B 2 10 ? 0.33187   2.51709   -14.17561 1.000 432.29309 ? 16 DG B "O5'" 1 
ATOM 476 C "C5'" . DG B 2 10 ? 1.18400   3.42901   -13.48900 1.000 435.35431 ? 16 DG B "C5'" 1 
ATOM 477 C "C4'" . DG B 2 10 ? 0.68727   4.86205   -13.60208 1.000 430.32254 ? 16 DG B "C4'" 1 
ATOM 478 O "O4'" . DG B 2 10 ? 0.85189   5.50343   -12.31665 1.000 430.22903 ? 16 DG B "O4'" 1 
ATOM 479 C "C3'" . DG B 2 10 ? 1.48875   5.73341   -14.55637 1.000 429.27665 ? 16 DG B "C3'" 1 
ATOM 480 O "O3'" . DG B 2 10 ? 0.76474   6.91279   -14.91020 1.000 423.18427 ? 16 DG B "O3'" 1 
ATOM 481 C "C2'" . DG B 2 10 ? 2.68857   6.08039   -13.69993 1.000 437.58578 ? 16 DG B "C2'" 1 
ATOM 482 C "C1'" . DG B 2 10 ? 2.05346   6.25749   -12.31857 1.000 435.08550 ? 16 DG B "C1'" 1 
ATOM 483 N N9    . DG B 2 10 ? 2.91148   5.78542   -11.23571 1.000 441.59702 ? 16 DG B N9    1 
ATOM 484 C C8    . DG B 2 10 ? 3.41420   4.51678   -11.07166 1.000 445.57823 ? 16 DG B C8    1 
ATOM 485 N N7    . DG B 2 10 ? 4.16841   4.38940   -10.01614 1.000 450.39863 ? 16 DG B N7    1 
ATOM 486 C C5    . DG B 2 10 ? 4.17530   5.65681   -9.44824  1.000 450.09955 ? 16 DG B C5    1 
ATOM 487 C C6    . DG B 2 10 ? 4.82037   6.12693   -8.28081  1.000 456.20108 ? 16 DG B C6    1 
ATOM 488 O O6    . DG B 2 10 ? 5.54143   5.49307   -7.49750  1.000 460.95581 ? 16 DG B O6    1 
ATOM 489 N N1    . DG B 2 10 ? 4.56316   7.47888   -8.05819  1.000 454.25967 ? 16 DG B N1    1 
ATOM 490 C C2    . DG B 2 10 ? 3.77863   8.27157   -8.86342  1.000 445.98905 ? 16 DG B C2    1 
ATOM 491 N N2    . DG B 2 10 ? 3.64374   9.55215   -8.49186  1.000 443.59431 ? 16 DG B N2    1 
ATOM 492 N N3    . DG B 2 10 ? 3.16629   7.84091   -9.95871  1.000 441.74199 ? 16 DG B N3    1 
ATOM 493 C C4    . DG B 2 10 ? 3.40553   6.52754   -10.18662 1.000 444.50033 ? 16 DG B C4    1 
ATOM 494 P P     . DT B 2 11 ? 1.43836   8.00378   -15.88744 1.000 430.37277 ? 17 DT B P     1 
ATOM 495 O OP1   . DT B 2 11 ? 0.34907   8.64714   -16.65317 1.000 425.44917 ? 17 DT B OP1   1 
ATOM 496 O OP2   . DT B 2 11 ? 2.54196   7.33497   -16.61153 1.000 437.18877 ? 17 DT B OP2   1 
ATOM 497 O "O5'" . DT B 2 11 ? 2.08738   9.09351   -14.89968 1.000 433.30527 ? 17 DT B "O5'" 1 
ATOM 498 C "C5'" . DT B 2 11 ? 1.34508   10.26411  -14.54007 1.000 426.63130 ? 17 DT B "C5'" 1 
ATOM 499 C "C4'" . DT B 2 11 ? 2.23064   11.31797  -13.88028 1.000 430.05379 ? 17 DT B "C4'" 1 
ATOM 500 O "O4'" . DT B 2 11 ? 2.92608   10.74953  -12.73846 1.000 435.57204 ? 17 DT B "O4'" 1 
ATOM 501 C "C3'" . DT B 2 11 ? 3.31197   11.93608  -14.77446 1.000 441.20509 ? 17 DT B "C3'" 1 
ATOM 502 O "O3'" . DT B 2 11 ? 3.29359   13.35477  -14.62840 1.000 446.21349 ? 17 DT B "O3'" 1 
ATOM 503 C "C2'" . DT B 2 11 ? 4.60728   11.33121  -14.22921 1.000 444.97842 ? 17 DT B "C2'" 1 
ATOM 504 C "C1'" . DT B 2 11 ? 4.26944   11.17456  -12.75832 1.000 443.04594 ? 17 DT B "C1'" 1 
ATOM 505 N N1    . DT B 2 11 ? 5.09763   10.14733  -12.05744 1.000 451.97572 ? 17 DT B N1    1 
ATOM 506 C C2    . DT B 2 11 ? 5.80869   10.49633  -10.92428 1.000 460.88839 ? 17 DT B C2    1 
ATOM 507 O O2    . DT B 2 11 ? 5.81099   11.62030  -10.45399 1.000 461.18918 ? 17 DT B O2    1 
ATOM 508 N N3    . DT B 2 11 ? 6.52665   9.46692   -10.36445 1.000 472.16547 ? 17 DT B N3    1 
ATOM 509 C C4    . DT B 2 11 ? 6.59699   8.15928   -10.81386 1.000 473.03563 ? 17 DT B C4    1 
ATOM 510 O O4    . DT B 2 11 ? 7.26538   7.30092   -10.25434 1.000 483.95289 ? 17 DT B O4    1 
ATOM 511 C C5    . DT B 2 11 ? 5.83399   7.86837   -11.99473 1.000 461.91096 ? 17 DT B C5    1 
ATOM 512 C C7    . DT B 2 11 ? 5.85128   6.48332   -12.56432 1.000 464.68249 ? 17 DT B C7    1 
ATOM 513 C C6    . DT B 2 11 ? 5.12726   8.86065   -12.55375 1.000 454.48999 ? 17 DT B C6    1 
ATOM 514 P P     . DG B 2 12 ? 4.30470   14.28562  -15.46507 1.000 431.94642 ? 18 DG B P     1 
ATOM 515 O OP1   . DG B 2 12 ? 3.51755   15.43972  -15.95298 1.000 416.10399 ? 18 DG B OP1   1 
ATOM 516 O OP2   . DG B 2 12 ? 5.04507   13.44657  -16.43319 1.000 428.19156 ? 18 DG B OP2   1 
ATOM 517 O "O5'" . DG B 2 12 ? 5.34331   14.81036  -14.36538 1.000 431.02984 ? 18 DG B "O5'" 1 
ATOM 518 C "C5'" . DG B 2 12 ? 4.90592   15.70688  -13.34702 1.000 426.56276 ? 18 DG B "C5'" 1 
ATOM 519 C "C4'" . DG B 2 12 ? 6.07163   16.22499  -12.51400 1.000 429.15330 ? 18 DG B "C4'" 1 
ATOM 520 O "O4'" . DG B 2 12 ? 6.67766   15.14055  -11.76724 1.000 434.30915 ? 18 DG B "O4'" 1 
ATOM 521 C "C3'" . DG B 2 12 ? 7.21177   16.86992  -13.28574 1.000 435.43590 ? 18 DG B "C3'" 1 
ATOM 522 O "O3'" . DG B 2 12 ? 7.80871   17.85243  -12.45506 1.000 439.30779 ? 18 DG B "O3'" 1 
ATOM 523 C "C2'" . DG B 2 12 ? 8.15046   15.68535  -13.52795 1.000 443.30177 ? 18 DG B "C2'" 1 
ATOM 524 C "C1'" . DG B 2 12 ? 7.99964   14.90451  -12.22767 1.000 445.84858 ? 18 DG B "C1'" 1 
ATOM 525 N N9    . DG B 2 12 ? 8.15116   13.46062  -12.36965 1.000 450.31931 ? 18 DG B N9    1 
ATOM 526 C C8    . DG B 2 12 ? 7.55553   12.65752  -13.30977 1.000 447.67831 ? 18 DG B C8    1 
ATOM 527 N N7    . DG B 2 12 ? 7.83978   11.39329  -13.16991 1.000 453.16404 ? 18 DG B N7    1 
ATOM 528 C C5    . DG B 2 12 ? 8.66716   11.35199  -12.05572 1.000 459.72062 ? 18 DG B C5    1 
ATOM 529 C C6    . DG B 2 12 ? 9.29445   10.24957  -11.42958 1.000 467.69457 ? 18 DG B C6    1 
ATOM 530 O O6    . DG B 2 12 ? 9.23243   9.05402   -11.74609 1.000 469.36794 ? 18 DG B O6    1 
ATOM 531 N N1    . DG B 2 12 ? 10.05121  10.64311  -10.32839 1.000 474.62482 ? 18 DG B N1    1 
ATOM 532 C C2    . DG B 2 12 ? 10.18750  11.94105  -9.89344  1.000 475.64411 ? 18 DG B C2    1 
ATOM 533 N N2    . DG B 2 12 ? 10.95950  12.12938  -8.81321  1.000 482.08923 ? 18 DG B N2    1 
ATOM 534 N N3    . DG B 2 12 ? 9.60635   12.98478  -10.47483 1.000 467.69790 ? 18 DG B N3    1 
ATOM 535 C C4    . DG B 2 12 ? 8.86470   12.61576  -11.54727 1.000 458.70424 ? 18 DG B C4    1 
ATOM 536 P P     . DC B 2 13 ? 8.90838   18.87928  -13.01652 1.000 441.67846 ? 19 DC B P     1 
ATOM 537 O OP1   . DC B 2 13 ? 8.25784   20.20456  -13.11923 1.000 440.42729 ? 19 DC B OP1   1 
ATOM 538 O OP2   . DC B 2 13 ? 9.56598   18.30562  -14.21051 1.000 445.66456 ? 19 DC B OP2   1 
ATOM 539 O "O5'" . DC B 2 13 ? 9.97944   18.91988  -11.83244 1.000 445.06105 ? 19 DC B "O5'" 1 
ATOM 540 C "C5'" . DC B 2 13 ? 10.23221  17.73891  -11.07177 1.000 443.79807 ? 19 DC B "C5'" 1 
ATOM 541 C "C4'" . DC B 2 13 ? 11.70805  17.40617  -11.09353 1.000 450.30828 ? 19 DC B "C4'" 1 
ATOM 542 O "O4'" . DC B 2 13 ? 11.88909  15.96747  -11.18510 1.000 449.59932 ? 19 DC B "O4'" 1 
ATOM 543 C "C3'" . DC B 2 13 ? 12.46501  17.98835  -12.28081 1.000 456.15083 ? 19 DC B "C3'" 1 
ATOM 544 O "O3'" . DC B 2 13 ? 13.82970  18.19593  -11.94041 1.000 462.39033 ? 19 DC B "O3'" 1 
ATOM 545 C "C2'" . DC B 2 13 ? 12.34247  16.85585  -13.29252 1.000 455.65033 ? 19 DC B "C2'" 1 
ATOM 546 C "C1'" . DC B 2 13 ? 12.58177  15.66345  -12.37751 1.000 454.15435 ? 19 DC B "C1'" 1 
ATOM 547 N N1    . DC B 2 13 ? 12.07018  14.36568  -12.90707 1.000 451.04367 ? 19 DC B N1    1 
ATOM 548 C C2    . DC B 2 13 ? 12.34359  13.17965  -12.21089 1.000 450.04124 ? 19 DC B C2    1 
ATOM 549 O O2    . DC B 2 13 ? 13.00738  13.22871  -11.16926 1.000 451.75244 ? 19 DC B O2    1 
ATOM 550 N N3    . DC B 2 13 ? 11.87902  12.00477  -12.70184 1.000 447.30078 ? 19 DC B N3    1 
ATOM 551 C C4    . DC B 2 13 ? 11.16786  11.98861  -13.82992 1.000 445.60342 ? 19 DC B C4    1 
ATOM 552 N N4    . DC B 2 13 ? 10.72852  10.80442  -14.27066 1.000 442.98901 ? 19 DC B N4    1 
ATOM 553 C C5    . DC B 2 13 ? 10.87580  13.18571  -14.55348 1.000 446.56004 ? 19 DC B C5    1 
ATOM 554 C C6    . DC B 2 13 ? 11.34460  14.33938  -14.06166 1.000 449.26564 ? 19 DC B C6    1 
ATOM 555 P P     . DA B 2 14 ? 14.29976  19.22595  -10.79409 1.000 446.41392 ? 20 DA B P     1 
ATOM 556 O OP1   . DA B 2 14 ? 13.20245  19.60922  -9.87997  1.000 440.48227 ? 20 DA B OP1   1 
ATOM 557 O OP2   . DA B 2 14 ? 15.03272  20.30697  -11.48347 1.000 452.13581 ? 20 DA B OP2   1 
ATOM 558 O "O5'" . DA B 2 14 ? 15.38692  18.36316  -9.99996  1.000 449.53382 ? 20 DA B "O5'" 1 
ATOM 559 C "C5'" . DA B 2 14 ? 15.43496  16.93885  -10.19583 1.000 448.31826 ? 20 DA B "C5'" 1 
ATOM 560 C "C4'" . DA B 2 14 ? 16.59629  16.54807  -11.10051 1.000 454.68337 ? 20 DA B "C4'" 1 
ATOM 561 O "O4'" . DA B 2 14 ? 16.31858  15.28101  -11.76217 1.000 452.79083 ? 20 DA B "O4'" 1 
ATOM 562 C "C3'" . DA B 2 14 ? 16.91332  17.54885  -12.22176 1.000 458.89596 ? 20 DA B "C3'" 1 
ATOM 563 O "O3'" . DA B 2 14 ? 18.31096  17.75665  -12.32425 1.000 466.09481 ? 20 DA B "O3'" 1 
ATOM 564 C "C2'" . DA B 2 14 ? 16.39390  16.83406  -13.46734 1.000 457.25948 ? 20 DA B "C2'" 1 
ATOM 565 C "C1'" . DA B 2 14 ? 16.71265  15.39252  -13.11240 1.000 456.69806 ? 20 DA B "C1'" 1 
ATOM 566 N N9    . DA B 2 14 ? 15.97473  14.41735  -13.90997 1.000 453.18538 ? 20 DA B N9    1 
ATOM 567 C C8    . DA B 2 14 ? 15.29065  14.65857  -15.06762 1.000 451.80884 ? 20 DA B C8    1 
ATOM 568 N N7    . DA B 2 14 ? 14.71715  13.59592  -15.57669 1.000 448.67987 ? 20 DA B N7    1 
ATOM 569 C C5    . DA B 2 14 ? 15.05246  12.58193  -14.69726 1.000 453.99651 ? 20 DA B C5    1 
ATOM 570 C C6    . DA B 2 14 ? 14.74946  11.20545  -14.67715 1.000 459.91140 ? 20 DA B C6    1 
ATOM 571 N N6    . DA B 2 14 ? 14.00575  10.60562  -15.61202 1.000 457.59736 ? 20 DA B N6    1 
ATOM 572 N N1    . DA B 2 14 ? 15.24758  10.46796  -13.66207 1.000 466.94547 ? 20 DA B N1    1 
ATOM 573 C C2    . DA B 2 14 ? 15.99234  11.08499  -12.73252 1.000 466.60463 ? 20 DA B C2    1 
ATOM 574 N N3    . DA B 2 14 ? 16.33458  12.36900  -12.63814 1.000 462.39509 ? 20 DA B N3    1 
ATOM 575 C C4    . DA B 2 14 ? 15.83233  13.06913  -13.66460 1.000 456.34548 ? 20 DA B C4    1 
ATOM 576 P P     . DT B 2 15 ? 19.16441  18.46176  -11.15592 1.000 496.50778 ? 21 DT B P     1 
ATOM 577 O OP1   . DT B 2 15 ? 18.39881  18.57339  -9.89477  1.000 480.14465 ? 21 DT B OP1   1 
ATOM 578 O OP2   . DT B 2 15 ? 19.72448  19.69390  -11.75202 1.000 486.21027 ? 21 DT B OP2   1 
ATOM 579 O "O5'" . DT B 2 15 ? 20.36527  17.43002  -10.95162 1.000 496.88665 ? 21 DT B "O5'" 1 
ATOM 580 C "C5'" . DT B 2 15 ? 20.15071  16.04646  -11.22742 1.000 494.47339 ? 21 DT B "C5'" 1 
ATOM 581 C "C4'" . DT B 2 15 ? 21.03057  15.57896  -12.37523 1.000 495.32547 ? 21 DT B "C4'" 1 
ATOM 582 O "O4'" . DT B 2 15 ? 20.27525  14.72425  -13.26299 1.000 495.25787 ? 21 DT B "O4'" 1 
ATOM 583 C "C3'" . DT B 2 15 ? 21.59341  16.70015  -13.26434 1.000 497.49359 ? 21 DT B "C3'" 1 
ATOM 584 O "O3'" . DT B 2 15 ? 23.00281  16.79551  -13.09912 1.000 499.63267 ? 21 DT B "O3'" 1 
ATOM 585 C "C2'" . DT B 2 15 ? 21.21792  16.28454  -14.70061 1.000 501.74735 ? 21 DT B "C2'" 1 
ATOM 586 C "C1'" . DT B 2 15 ? 20.86554  14.81351  -14.53117 1.000 500.47629 ? 21 DT B "C1'" 1 
ATOM 587 N N1    . DT B 2 15 ? 19.92034  14.28407  -15.57330 1.000 501.91346 ? 21 DT B N1    1 
ATOM 588 C C2    . DT B 2 15 ? 19.32489  13.05255  -15.39126 1.000 501.84891 ? 21 DT B C2    1 
ATOM 589 O O2    . DT B 2 15 ? 19.50990  12.35512  -14.40736 1.000 500.78494 ? 21 DT B O2    1 
ATOM 590 N N3    . DT B 2 15 ? 18.49313  12.66622  -16.41036 1.000 501.93598 ? 21 DT B N3    1 
ATOM 591 C C4    . DT B 2 15 ? 18.20859  13.37096  -17.56820 1.000 502.44536 ? 21 DT B C4    1 
ATOM 592 O O4    . DT B 2 15 ? 17.44808  12.94116  -18.42759 1.000 500.78370 ? 21 DT B O4    1 
ATOM 593 C C5    . DT B 2 15 ? 18.87293  14.64627  -17.69866 1.000 503.44503 ? 21 DT B C5    1 
ATOM 594 C C7    . DT B 2 15 ? 18.64497  15.50100  -18.91017 1.000 506.03729 ? 21 DT B C7    1 
ATOM 595 C C6    . DT B 2 15 ? 19.68824  15.03130  -16.70951 1.000 502.89636 ? 21 DT B C6    1 
ATOM 596 P P     . DC C 3 1  ? -12.14078 -23.55946 20.99061  1.000 269.58887 ? 19 DC C P     1 
ATOM 597 O OP1   . DC C 3 1  ? -12.42678 -23.69054 22.43850  1.000 259.84598 ? 19 DC C OP1   1 
ATOM 598 O OP2   . DC C 3 1  ? -10.80529 -23.91443 20.45425  1.000 288.77709 ? 19 DC C OP2   1 
ATOM 599 O "O5'" . DC C 3 1  ? -12.46642 -22.06159 20.53138  1.000 277.33869 ? 19 DC C "O5'" 1 
ATOM 600 C "C5'" . DC C 3 1  ? -11.61660 -21.41090 19.59530  1.000 296.89602 ? 19 DC C "C5'" 1 
ATOM 601 C "C4'" . DC C 3 1  ? -11.77982 -19.90334 19.66302  1.000 299.81942 ? 19 DC C "C4'" 1 
ATOM 602 O "O4'" . DC C 3 1  ? -10.47438 -19.27901 19.69984  1.000 312.16588 ? 19 DC C "O4'" 1 
ATOM 603 C "C3'" . DC C 3 1  ? -12.46771 -19.28454 18.46355  1.000 305.71259 ? 19 DC C "C3'" 1 
ATOM 604 O "O3'" . DC C 3 1  ? -13.03630 -18.03426 18.82598  1.000 307.27501 ? 19 DC C "O3'" 1 
ATOM 605 C "C2'" . DC C 3 1  ? -11.30926 -19.11424 17.48506  1.000 325.12621 ? 19 DC C "C2'" 1 
ATOM 606 C "C1'" . DC C 3 1  ? -10.14141 -18.77807 18.41539  1.000 326.65129 ? 19 DC C "C1'" 1 
ATOM 607 N N1    . DC C 3 1  ? -8.85645  -19.40017 17.99423  1.000 334.61911 ? 19 DC C N1    1 
ATOM 608 C C2    . DC C 3 1  ? -7.73148  -18.59736 17.76686  1.000 340.97649 ? 19 DC C C2    1 
ATOM 609 O O2    . DC C 3 1  ? -7.82119  -17.37180 17.92082  1.000 341.98467 ? 19 DC C O2    1 
ATOM 610 N N3    . DC C 3 1  ? -6.57141  -19.19210 17.38568  1.000 343.80612 ? 19 DC C N3    1 
ATOM 611 C C4    . DC C 3 1  ? -6.52056  -20.51720 17.22925  1.000 342.57289 ? 19 DC C C4    1 
ATOM 612 N N4    . DC C 3 1  ? -5.36070  -21.06322 16.85490  1.000 348.22053 ? 19 DC C N4    1 
ATOM 613 C C5    . DC C 3 1  ? -7.65483  -21.34520 17.45867  1.000 337.78178 ? 19 DC C C5    1 
ATOM 614 C C6    . DC C 3 1  ? -8.78820  -20.75137 17.83239  1.000 332.61397 ? 19 DC C C6    1 
ATOM 615 P P     . DA C 3 2  ? -13.91626 -17.20650 17.76650  1.000 312.56497 ? 20 DA C P     1 
ATOM 616 O OP1   . DA C 3 2  ? -15.00519 -16.53404 18.50951  1.000 284.25351 ? 20 DA C OP1   1 
ATOM 617 O OP2   . DA C 3 2  ? -14.24566 -18.11449 16.64465  1.000 308.87517 ? 20 DA C OP2   1 
ATOM 618 O "O5'" . DA C 3 2  ? -12.90365 -16.09620 17.22131  1.000 324.24225 ? 20 DA C "O5'" 1 
ATOM 619 C "C5'" . DA C 3 2  ? -13.37586 -15.04457 16.38864  1.000 321.62582 ? 20 DA C "C5'" 1 
ATOM 620 C "C4'" . DA C 3 2  ? -12.36859 -13.91083 16.34379  1.000 332.23695 ? 20 DA C "C4'" 1 
ATOM 621 O "O4'" . DA C 3 2  ? -11.03042 -14.45887 16.44760  1.000 342.24122 ? 20 DA C "O4'" 1 
ATOM 622 C "C3'" . DA C 3 2  ? -12.35336 -13.11406 15.05271  1.000 338.65357 ? 20 DA C "C3'" 1 
ATOM 623 O "O3'" . DA C 3 2  ? -11.74556 -11.84508 15.28825  1.000 341.02969 ? 20 DA C "O3'" 1 
ATOM 624 C "C2'" . DA C 3 2  ? -11.47217 -13.99421 14.17899  1.000 348.66550 ? 20 DA C "C2'" 1 
ATOM 625 C "C1'" . DA C 3 2  ? -10.39633 -14.40130 15.18047  1.000 351.92030 ? 20 DA C "C1'" 1 
ATOM 626 N N9    . DA C 3 2  ? -9.80130  -15.70152 14.90756  1.000 355.17651 ? 20 DA C N9    1 
ATOM 627 C C8    . DA C 3 2  ? -10.38230 -16.92427 15.08123  1.000 350.13624 ? 20 DA C C8    1 
ATOM 628 N N7    . DA C 3 2  ? -9.60453  -17.92932 14.76092  1.000 353.65499 ? 20 DA C N7    1 
ATOM 629 C C5    . DA C 3 2  ? -8.43051  -17.32098 14.35002  1.000 361.28002 ? 20 DA C C5    1 
ATOM 630 C C6    . DA C 3 2  ? -7.20824  -17.83705 13.88209  1.000 364.11417 ? 20 DA C C6    1 
ATOM 631 N N6    . DA C 3 2  ? -6.96768  -19.14359 13.74739  1.000 366.48615 ? 20 DA C N6    1 
ATOM 632 N N1    . DA C 3 2  ? -6.23996  -16.95472 13.55650  1.000 362.97933 ? 20 DA C N1    1 
ATOM 633 C C2    . DA C 3 2  ? -6.48683  -15.64739 13.69317  1.000 365.83188 ? 20 DA C C2    1 
ATOM 634 N N3    . DA C 3 2  ? -7.59403  -15.04558 14.12196  1.000 362.15552 ? 20 DA C N3    1 
ATOM 635 C C4    . DA C 3 2  ? -8.53534  -15.94790 14.43653  1.000 361.03001 ? 20 DA C C4    1 
ATOM 636 P P     . DC C 3 3  ? -11.89778 -10.64844 14.22619  1.000 329.08159 ? 21 DC C P     1 
ATOM 637 O OP1   . DC C 3 3  ? -11.33036 -9.43126  14.84777  1.000 327.95664 ? 21 DC C OP1   1 
ATOM 638 O OP2   . DC C 3 3  ? -13.29437 -10.64396 13.73668  1.000 320.66512 ? 21 DC C OP2   1 
ATOM 639 O "O5'" . DC C 3 3  ? -10.94985 -11.08373 13.01543  1.000 343.49588 ? 21 DC C "O5'" 1 
ATOM 640 C "C5'" . DC C 3 3  ? -9.55485  -11.26596 13.22970  1.000 350.70162 ? 21 DC C "C5'" 1 
ATOM 641 C "C4'" . DC C 3 3  ? -8.88298  -11.74358 11.95784  1.000 355.89333 ? 21 DC C "C4'" 1 
ATOM 642 O "O4'" . DC C 3 3  ? -8.59968  -13.16397 12.04245  1.000 366.51683 ? 21 DC C "O4'" 1 
ATOM 643 C "C3'" . DC C 3 3  ? -9.71431  -11.55873 10.67758  1.000 335.98499 ? 21 DC C "C3'" 1 
ATOM 644 O "O3'" . DC C 3 3  ? -8.93689  -10.90907 9.69843   1.000 330.91917 ? 21 DC C "O3'" 1 
ATOM 645 C "C2'" . DC C 3 3  ? -10.03673 -12.99166 10.25508  1.000 339.62435 ? 21 DC C "C2'" 1 
ATOM 646 C "C1'" . DC C 3 3  ? -8.80540  -13.70417 10.76664  1.000 352.35670 ? 21 DC C "C1'" 1 
ATOM 647 N N1    . DC C 3 3  ? -8.94515  -15.17879 10.85698  1.000 350.13839 ? 21 DC C N1    1 
ATOM 648 C C2    . DC C 3 3  ? -7.89073  -15.97887 10.43028  1.000 345.97089 ? 21 DC C C2    1 
ATOM 649 O O2    . DC C 3 3  ? -6.86541  -15.43418 10.01279  1.000 343.08279 ? 21 DC C O2    1 
ATOM 650 N N3    . DC C 3 3  ? -8.01098  -17.32386 10.50007  1.000 345.14126 ? 21 DC C N3    1 
ATOM 651 C C4    . DC C 3 3  ? -9.13868  -17.86567 10.96116  1.000 344.72411 ? 21 DC C C4    1 
ATOM 652 N N4    . DC C 3 3  ? -9.21420  -19.19804 11.01041  1.000 351.14190 ? 21 DC C N4    1 
ATOM 653 C C5    . DC C 3 3  ? -10.23583 -17.06351 11.39602  1.000 342.41669 ? 21 DC C C5    1 
ATOM 654 C C6    . DC C 3 3  ? -10.09799 -15.73489 11.32308  1.000 343.38028 ? 21 DC C C6    1 
ATOM 655 P P     . DC C 3 4  ? -9.36469  -9.46002  9.16264   1.000 343.66181 ? 22 DC C P     1 
ATOM 656 O OP1   . DC C 3 4  ? -10.09850 -8.78393  10.25557  1.000 358.62942 ? 22 DC C OP1   1 
ATOM 657 O OP2   . DC C 3 4  ? -10.01341 -9.64097  7.84551   1.000 337.84355 ? 22 DC C OP2   1 
ATOM 658 O "O5'" . DC C 3 4  ? -7.96758  -8.71114  8.96143   1.000 347.24660 ? 22 DC C "O5'" 1 
ATOM 659 C "C5'" . DC C 3 4  ? -7.94241  -7.37723  8.49336   1.000 338.77854 ? 22 DC C "C5'" 1 
ATOM 660 C "C4'" . DC C 3 4  ? -7.27147  -6.46443  9.50034   1.000 336.42031 ? 22 DC C "C4'" 1 
ATOM 661 O "O4'" . DC C 3 4  ? -7.31206  -5.10476  9.01209   1.000 331.20541 ? 22 DC C "O4'" 1 
ATOM 662 C "C3'" . DC C 3 4  ? -7.95214  -6.40138  10.85201  1.000 339.01912 ? 22 DC C "C3'" 1 
ATOM 663 O "O3'" . DC C 3 4  ? -7.03007  -5.94242  11.82978  1.000 337.66022 ? 22 DC C "O3'" 1 
ATOM 664 C "C2'" . DC C 3 4  ? -9.05871  -5.38105  10.59660  1.000 332.17998 ? 22 DC C "C2'" 1 
ATOM 665 C "C1'" . DC C 3 4  ? -8.37550  -4.40379  9.63597   1.000 326.05795 ? 22 DC C "C1'" 1 
ATOM 666 N N1    . DC C 3 4  ? -9.27347  -3.87461  8.56563   1.000 323.25793 ? 22 DC C N1    1 
ATOM 667 C C2    . DC C 3 4  ? -9.39166  -2.49608  8.38743   1.000 319.12166 ? 22 DC C C2    1 
ATOM 668 O O2    . DC C 3 4  ? -8.77861  -1.73343  9.13927   1.000 323.25346 ? 22 DC C O2    1 
ATOM 669 N N3    . DC C 3 4  ? -10.20885 -2.02418  7.41896   1.000 318.00269 ? 22 DC C N3    1 
ATOM 670 C C4    . DC C 3 4  ? -10.86305 -2.87303  6.62593   1.000 313.74883 ? 22 DC C C4    1 
ATOM 671 N N4    . DC C 3 4  ? -11.65115 -2.35600  5.68047   1.000 313.26061 ? 22 DC C N4    1 
ATOM 672 C C5    . DC C 3 4  ? -10.75043 -4.28521  6.78188   1.000 316.10736 ? 22 DC C C5    1 
ATOM 673 C C6    . DC C 3 4  ? -9.95025  -4.73759  7.75374   1.000 323.22023 ? 22 DC C C6    1 
ATOM 674 P P     . DC C 3 5  ? -7.31232  -6.18730  13.39210  1.000 346.79906 ? 23 DC C P     1 
ATOM 675 O OP1   . DC C 3 5  ? -6.00370  -6.22096  14.08161  1.000 349.06767 ? 23 DC C OP1   1 
ATOM 676 O OP2   . DC C 3 5  ? -8.23815  -7.33525  13.51924  1.000 353.93948 ? 23 DC C OP2   1 
ATOM 677 O "O5'" . DC C 3 5  ? -8.10128  -4.87402  13.84022  1.000 335.74970 ? 23 DC C "O5'" 1 
ATOM 678 C "C5'" . DC C 3 5  ? -7.61611  -3.58726  13.46902  1.000 334.19045 ? 23 DC C "C5'" 1 
ATOM 679 C "C4'" . DC C 3 5  ? -8.50987  -2.50613  14.04055  1.000 324.43236 ? 23 DC C "C4'" 1 
ATOM 680 O "O4'" . DC C 3 5  ? -9.37483  -1.98243  12.99543  1.000 322.70791 ? 23 DC C "O4'" 1 
ATOM 681 C "C3'" . DC C 3 5  ? -9.43728  -2.98678  15.15461  1.000 316.21394 ? 23 DC C "C3'" 1 
ATOM 682 O "O3'" . DC C 3 5  ? -9.53050  -2.01085  16.17520  1.000 307.37896 ? 23 DC C "O3'" 1 
ATOM 683 C "C2'" . DC C 3 5  ? -10.76730 -3.17264  14.43758  1.000 310.40567 ? 23 DC C "C2'" 1 
ATOM 684 C "C1'" . DC C 3 5  ? -10.71688 -2.04346  13.42425  1.000 312.43241 ? 23 DC C "C1'" 1 
ATOM 685 N N1    . DC C 3 5  ? -11.58651 -2.27888  12.24178  1.000 312.88903 ? 23 DC C N1    1 
ATOM 686 C C2    . DC C 3 5  ? -12.07998 -1.19168  11.51213  1.000 307.64136 ? 23 DC C C2    1 
ATOM 687 O O2    . DC C 3 5  ? -11.77841 -0.04365  11.85845  1.000 305.73121 ? 23 DC C O2    1 
ATOM 688 N N3    . DC C 3 5  ? -12.87662 -1.42883  10.44144  1.000 301.51293 ? 23 DC C N3    1 
ATOM 689 C C4    . DC C 3 5  ? -13.17926 -2.68363  10.10043  1.000 304.99767 ? 23 DC C C4    1 
ATOM 690 N N4    . DC C 3 5  ? -13.96590 -2.87252  9.03739   1.000 302.79840 ? 23 DC C N4    1 
ATOM 691 C C5    . DC C 3 5  ? -12.68820 -3.80198  10.83426  1.000 315.36707 ? 23 DC C C5    1 
ATOM 692 C C6    . DC C 3 5  ? -11.90566 -3.55562  11.88718  1.000 316.85251 ? 23 DC C C6    1 
ATOM 693 P P     . DG C 3 6  ? -9.65838  -2.47408  17.70710  1.000 337.21843 ? 24 DG C P     1 
ATOM 694 O OP1   . DG C 3 6  ? -8.34729  -2.24972  18.35371  1.000 339.60476 ? 24 DG C OP1   1 
ATOM 695 O OP2   . DG C 3 6  ? -10.26121 -3.82566  17.70637  1.000 340.15063 ? 24 DG C OP2   1 
ATOM 696 O "O5'" . DG C 3 6  ? -10.72858 -1.46433  18.33377  1.000 318.47838 ? 24 DG C "O5'" 1 
ATOM 697 C "C5'" . DG C 3 6  ? -10.55613 -0.06316  18.17892  1.000 313.69784 ? 24 DG C "C5'" 1 
ATOM 698 C "C4'" . DG C 3 6  ? -11.73166 0.54017   17.43621  1.000 307.42086 ? 24 DG C "C4'" 1 
ATOM 699 O "O4'" . DG C 3 6  ? -12.04309 -0.27649  16.29010  1.000 312.82795 ? 24 DG C "O4'" 1 
ATOM 700 C "C3'" . DG C 3 6  ? -13.03565 0.60027   18.23276  1.000 297.69154 ? 24 DG C "C3'" 1 
ATOM 701 O "O3'" . DG C 3 6  ? -13.22316 1.89534   18.80515  1.000 290.52743 ? 24 DG C "O3'" 1 
ATOM 702 C "C2'" . DG C 3 6  ? -14.12468 0.29540   17.19540  1.000 301.71303 ? 24 DG C "C2'" 1 
ATOM 703 C "C1'" . DG C 3 6  ? -13.35061 0.03503   15.90514  1.000 306.86745 ? 24 DG C "C1'" 1 
ATOM 704 N N9    . DG C 3 6  ? -13.92561 -1.05758  15.13011  1.000 310.28951 ? 24 DG C N9    1 
ATOM 705 C C8    . DG C 3 6  ? -13.84563 -2.40558  15.38542  1.000 321.42614 ? 24 DG C C8    1 
ATOM 706 N N7    . DG C 3 6  ? -14.50765 -3.13476  14.52569  1.000 320.83061 ? 24 DG C N7    1 
ATOM 707 C C5    . DG C 3 6  ? -15.07350 -2.20590  13.66110  1.000 310.49221 ? 24 DG C C5    1 
ATOM 708 C C6    . DG C 3 6  ? -15.90144 -2.38973  12.52684  1.000 304.85574 ? 24 DG C C6    1 
ATOM 709 O O6    . DG C 3 6  ? -16.31858 -3.44981  12.03489  1.000 307.05276 ? 24 DG C O6    1 
ATOM 710 N N1    . DG C 3 6  ? -16.24565 -1.17371  11.94545  1.000 297.97504 ? 24 DG C N1    1 
ATOM 711 C C2    . DG C 3 6  ? -15.84174 0.05581   12.40071  1.000 294.18732 ? 24 DG C C2    1 
ATOM 712 N N2    . DG C 3 6  ? -16.28310 1.11318   11.72093  1.000 294.38573 ? 24 DG C N2    1 
ATOM 713 N N3    . DG C 3 6  ? -15.07427 0.24018   13.45416  1.000 297.79582 ? 24 DG C N3    1 
ATOM 714 C C4    . DG C 3 6  ? -14.72765 -0.92659  14.03171  1.000 308.70763 ? 24 DG C C4    1 
ATOM 715 P P     . DT C 3 7  ? -14.58063 2.23697   19.60317  1.000 318.10184 ? 25 DT C P     1 
ATOM 716 O OP1   . DT C 3 7  ? -14.31245 3.41264   20.46007  1.000 314.54155 ? 25 DT C OP1   1 
ATOM 717 O OP2   . DT C 3 7  ? -15.06011 0.98290   20.22445  1.000 316.29189 ? 25 DT C OP2   1 
ATOM 718 O "O5'" . DT C 3 7  ? -15.62727 2.65387   18.45566  1.000 313.96544 ? 25 DT C "O5'" 1 
ATOM 719 C "C5'" . DT C 3 7  ? -15.34124 3.76024   17.59267  1.000 314.14792 ? 25 DT C "C5'" 1 
ATOM 720 C "C4'" . DT C 3 7  ? -16.29362 3.80986   16.40256  1.000 310.14273 ? 25 DT C "C4'" 1 
ATOM 721 O "O4'" . DT C 3 7  ? -16.19606 2.59153   15.64281  1.000 317.85967 ? 25 DT C "O4'" 1 
ATOM 722 C "C3'" . DT C 3 7  ? -17.76675 3.91054   16.74876  1.000 297.70469 ? 25 DT C "C3'" 1 
ATOM 723 O "O3'" . DT C 3 7  ? -18.12615 5.26917   16.97461  1.000 292.57205 ? 25 DT C "O3'" 1 
ATOM 724 C "C2'" . DT C 3 7  ? -18.44758 3.35643   15.49309  1.000 292.80729 ? 25 DT C "C2'" 1 
ATOM 725 C "C1'" . DT C 3 7  ? -17.38020 2.43428   14.88378  1.000 307.89940 ? 25 DT C "C1'" 1 
ATOM 726 N N1    . DT C 3 7  ? -17.76706 0.99414   14.88166  1.000 311.61856 ? 25 DT C N1    1 
ATOM 727 C C2    . DT C 3 7  ? -18.61723 0.52964   13.90543  1.000 306.99093 ? 25 DT C C2    1 
ATOM 728 O O2    . DT C 3 7  ? -19.07617 1.23724   13.02607  1.000 297.55937 ? 25 DT C O2    1 
ATOM 729 N N3    . DT C 3 7  ? -18.90972 -0.80442  13.99004  1.000 309.98994 ? 25 DT C N3    1 
ATOM 730 C C4    . DT C 3 7  ? -18.44841 -1.70316  14.93385  1.000 314.62792 ? 25 DT C C4    1 
ATOM 731 O O4    . DT C 3 7  ? -18.77302 -2.88715  14.92684  1.000 315.15636 ? 25 DT C O4    1 
ATOM 732 C C5    . DT C 3 7  ? -17.56459 -1.15048  15.93184  1.000 319.08457 ? 25 DT C C5    1 
ATOM 733 C C7    . DT C 3 7  ? -17.00098 -2.02851  17.00913  1.000 327.73383 ? 25 DT C C7    1 
ATOM 734 C C6    . DT C 3 7  ? -17.27217 0.15688   15.85933  1.000 316.46491 ? 25 DT C C6    1 
ATOM 735 O "O5'" . DC D 4 1  ? -10.41446 -28.47868 7.03102   1.000 445.91406 ? 1  DC F "O5'" 1 
ATOM 736 C "C5'" . DC D 4 1  ? -10.21925 -27.57058 5.95241   1.000 442.84615 ? 1  DC F "C5'" 1 
ATOM 737 C "C4'" . DC D 4 1  ? -8.96609  -27.92123 5.16590   1.000 443.06293 ? 1  DC F "C4'" 1 
ATOM 738 O "O4'" . DC D 4 1  ? -8.63378  -26.82226 4.27899   1.000 437.36577 ? 1  DC F "O4'" 1 
ATOM 739 C "C3'" . DC D 4 1  ? -7.71806  -28.12696 6.00569   1.000 439.02880 ? 1  DC F "C3'" 1 
ATOM 740 O "O3'" . DC D 4 1  ? -6.77549  -28.92294 5.29066   1.000 444.27207 ? 1  DC F "O3'" 1 
ATOM 741 C "C2'" . DC D 4 1  ? -7.22325  -26.69891 6.17076   1.000 428.27669 ? 1  DC F "C2'" 1 
ATOM 742 C "C1'" . DC D 4 1  ? -7.52071  -26.10740 4.79422   1.000 428.53514 ? 1  DC F "C1'" 1 
ATOM 743 N N1    . DC D 4 1  ? -7.87714  -24.66395 4.84346   1.000 422.98227 ? 1  DC F N1    1 
ATOM 744 C C2    . DC D 4 1  ? -6.97943  -23.69945 4.36464   1.000 422.19488 ? 1  DC F C2    1 
ATOM 745 O O2    . DC D 4 1  ? -5.89170  -24.06095 3.89941   1.000 417.01256 ? 1  DC F O2    1 
ATOM 746 N N3    . DC D 4 1  ? -7.33267  -22.39046 4.42726   1.000 423.38674 ? 1  DC F N3    1 
ATOM 747 C C4    . DC D 4 1  ? -8.51629  -22.04407 4.93765   1.000 417.58728 ? 1  DC F C4    1 
ATOM 748 N N4    . DC D 4 1  ? -8.82767  -20.74779 4.98198   1.000 407.68492 ? 1  DC F N4    1 
ATOM 749 C C5    . DC D 4 1  ? -9.43310  -23.01164 5.42912   1.000 417.87885 ? 1  DC F C5    1 
ATOM 750 C C6    . DC D 4 1  ? -9.08009  -24.29416 5.35836   1.000 420.80342 ? 1  DC F C6    1 
ATOM 751 P P     . DT D 4 2  ? -5.56453  -29.64327 6.06607   1.000 447.45699 ? 2  DT F P     1 
ATOM 752 O OP1   . DT D 4 2  ? -5.32578  -30.95384 5.41833   1.000 432.83963 ? 2  DT F OP1   1 
ATOM 753 O OP2   . DT D 4 2  ? -5.87065  -29.58820 7.51435   1.000 430.73328 ? 2  DT F OP2   1 
ATOM 754 O "O5'" . DT D 4 2  ? -4.30906  -28.68953 5.78497   1.000 421.66935 ? 2  DT F "O5'" 1 
ATOM 755 C "C5'" . DT D 4 2  ? -3.92995  -27.71188 6.74536   1.000 410.55202 ? 2  DT F "C5'" 1 
ATOM 756 C "C4'" . DT D 4 2  ? -3.13022  -26.59448 6.10256   1.000 404.24704 ? 2  DT F "C4'" 1 
ATOM 757 O "O4'" . DT D 4 2  ? -4.01018  -25.46311 5.82617   1.000 400.41519 ? 2  DT F "O4'" 1 
ATOM 758 C "C3'" . DT D 4 2  ? -2.01061  -26.04080 6.98234   1.000 402.21750 ? 2  DT F "C3'" 1 
ATOM 759 O "O3'" . DT D 4 2  ? -0.89001  -25.68160 6.19380   1.000 407.86155 ? 2  DT F "O3'" 1 
ATOM 760 C "C2'" . DT D 4 2  ? -2.65746  -24.81543 7.59976   1.000 395.81799 ? 2  DT F "C2'" 1 
ATOM 761 C "C1'" . DT D 4 2  ? -3.47047  -24.30581 6.42616   1.000 395.58328 ? 2  DT F "C1'" 1 
ATOM 762 N N1    . DT D 4 2  ? -4.57293  -23.38888 6.83671   1.000 391.97456 ? 2  DT F N1    1 
ATOM 763 C C2    . DT D 4 2  ? -4.42267  -22.03506 6.64763   1.000 387.84614 ? 2  DT F C2    1 
ATOM 764 O O2    . DT D 4 2  ? -3.43566  -21.53766 6.14096   1.000 383.41235 ? 2  DT F O2    1 
ATOM 765 N N3    . DT D 4 2  ? -5.47643  -21.27709 7.07632   1.000 396.06063 ? 2  DT F N3    1 
ATOM 766 C C4    . DT D 4 2  ? -6.64257  -21.72484 7.66631   1.000 399.40382 ? 2  DT F C4    1 
ATOM 767 O O4    . DT D 4 2  ? -7.53662  -20.96046 8.01614   1.000 398.55093 ? 2  DT F O4    1 
ATOM 768 C C5    . DT D 4 2  ? -6.73453  -23.15508 7.84191   1.000 398.12720 ? 2  DT F C5    1 
ATOM 769 C C7    . DT D 4 2  ? -7.95149  -23.76086 8.47612   1.000 396.84595 ? 2  DT F C7    1 
ATOM 770 C C6    . DT D 4 2  ? -5.70344  -23.90807 7.42952   1.000 392.92979 ? 2  DT F C6    1 
ATOM 771 P P     . DG D 4 3  ? 0.47678   -25.23001 6.90893   1.000 399.35779 ? 3  DG F P     1 
ATOM 772 O OP1   . DG D 4 3  ? 1.55533   -25.29085 5.89875   1.000 402.34720 ? 3  DG F OP1   1 
ATOM 773 O OP2   . DG D 4 3  ? 0.59093   -26.01139 8.15903   1.000 401.77365 ? 3  DG F OP2   1 
ATOM 774 O "O5'" . DG D 4 3  ? 0.22769   -23.70200 7.32362   1.000 388.58070 ? 3  DG F "O5'" 1 
ATOM 775 C "C5'" . DG D 4 3  ? 0.21436   -22.68802 6.33134   1.000 383.89148 ? 3  DG F "C5'" 1 
ATOM 776 C "C4'" . DG D 4 3  ? 0.25795   -21.30041 6.95809   1.000 373.87685 ? 3  DG F "C4'" 1 
ATOM 777 O "O4'" . DG D 4 3  ? -1.08431  -20.87270 7.31313   1.000 371.18497 ? 3  DG F "O4'" 1 
ATOM 778 C "C3'" . DG D 4 3  ? 1.08532   -21.17027 8.23696   1.000 371.14792 ? 3  DG F "C3'" 1 
ATOM 779 O "O3'" . DG D 4 3  ? 1.70952   -19.88953 8.25588   1.000 372.07665 ? 3  DG F "O3'" 1 
ATOM 780 C "C2'" . DG D 4 3  ? 0.01808   -21.28358 9.32112   1.000 370.58687 ? 3  DG F "C2'" 1 
ATOM 781 C "C1'" . DG D 4 3  ? -1.11707  -20.51216 8.67686   1.000 367.25803 ? 3  DG F "C1'" 1 
ATOM 782 N N9    . DG D 4 3  ? -2.43485  -20.84453 9.20357   1.000 369.76184 ? 3  DG F N9    1 
ATOM 783 C C8    . DG D 4 3  ? -2.96105  -22.09713 9.38477   1.000 377.46955 ? 3  DG F C8    1 
ATOM 784 N N7    . DG D 4 3  ? -4.17615  -22.08766 9.85720   1.000 379.27300 ? 3  DG F N7    1 
ATOM 785 C C5    . DG D 4 3  ? -4.47116  -20.73931 10.00560  1.000 373.55888 ? 3  DG F C5    1 
ATOM 786 C C6    . DG D 4 3  ? -5.64419  -20.10810 10.48205  1.000 369.49717 ? 3  DG F C6    1 
ATOM 787 O O6    . DG D 4 3  ? -6.69044  -20.63513 10.88190  1.000 375.07665 ? 3  DG F O6    1 
ATOM 788 N N1    . DG D 4 3  ? -5.52416  -18.72160 10.46809  1.000 361.72850 ? 3  DG F N1    1 
ATOM 789 C C2    . DG D 4 3  ? -4.40800  -18.03598 10.05234  1.000 356.01841 ? 3  DG F C2    1 
ATOM 790 N N2    . DG D 4 3  ? -4.48132  -16.70106 10.10177  1.000 348.88815 ? 3  DG F N2    1 
ATOM 791 N N3    . DG D 4 3  ? -3.30884  -18.61446 9.59611   1.000 357.71086 ? 3  DG F N3    1 
ATOM 792 C C4    . DG D 4 3  ? -3.40970  -19.96195 9.60356   1.000 365.47335 ? 3  DG F C4    1 
ATOM 793 P P     . DT D 4 4  ? 2.81359   -19.50731 9.36077   1.000 374.42555 ? 4  DT F P     1 
ATOM 794 O OP1   . DT D 4 4  ? 4.13370   -19.56884 8.69348   1.000 372.72219 ? 4  DT F OP1   1 
ATOM 795 O OP2   . DT D 4 4  ? 2.58451   -20.28841 10.59741  1.000 377.46839 ? 4  DT F OP2   1 
ATOM 796 O "O5'" . DT D 4 4  ? 2.48075   -17.97926 9.68647   1.000 365.14844 ? 4  DT F "O5'" 1 
ATOM 797 C "C5'" . DT D 4 4  ? 1.12507   -17.56400 9.79560   1.000 353.02349 ? 4  DT F "C5'" 1 
ATOM 798 C "C4'" . DT D 4 4  ? 1.03782   -16.14436 10.31426  1.000 345.23632 ? 4  DT F "C4'" 1 
ATOM 799 O "O4'" . DT D 4 4  ? -0.31221  -15.88346 10.76227  1.000 341.10528 ? 4  DT F "O4'" 1 
ATOM 800 C "C3'" . DT D 4 4  ? 1.89416   -15.86294 11.52759  1.000 350.85833 ? 4  DT F "C3'" 1 
ATOM 801 O "O3'" . DT D 4 4  ? 2.09375   -14.46548 11.65242  1.000 329.09469 ? 4  DT F "O3'" 1 
ATOM 802 C "C2'" . DT D 4 4  ? 1.01978   -16.40900 12.65104  1.000 362.35168 ? 4  DT F "C2'" 1 
ATOM 803 C "C1'" . DT D 4 4  ? -0.38440  -16.02964 12.17240  1.000 356.19095 ? 4  DT F "C1'" 1 
ATOM 804 N N1    . DT D 4 4  ? -1.42645  -17.05763 12.47769  1.000 353.40016 ? 4  DT F N1    1 
ATOM 805 C C2    . DT D 4 4  ? -2.68346  -16.65203 12.86956  1.000 346.91675 ? 4  DT F C2    1 
ATOM 806 O O2    . DT D 4 4  ? -2.99938  -15.48277 12.99822  1.000 349.70712 ? 4  DT F O2    1 
ATOM 807 N N3    . DT D 4 4  ? -3.56309  -17.67408 13.11293  1.000 344.18791 ? 4  DT F N3    1 
ATOM 808 C C4    . DT D 4 4  ? -3.31963  -19.02940 13.00242  1.000 344.38882 ? 4  DT F C4    1 
ATOM 809 O O4    . DT D 4 4  ? -4.17566  -19.87336 13.24254  1.000 341.69380 ? 4  DT F O4    1 
ATOM 810 C C5    . DT D 4 4  ? -1.98655  -19.38471 12.58431  1.000 354.69390 ? 4  DT F C5    1 
ATOM 811 C C7    . DT D 4 4  ? -1.60658  -20.82648 12.43335  1.000 367.81689 ? 4  DT F C7    1 
ATOM 812 C C6    . DT D 4 4  ? -1.11495  -18.39445 12.34395  1.000 358.25732 ? 4  DT F C6    1 
ATOM 813 P P     . DG D 4 5  ? 3.07779   -13.88029 12.77643  1.000 313.68592 ? 5  DG F P     1 
ATOM 814 O OP1   . DG D 4 5  ? 3.80783   -12.74687 12.16622  1.000 288.07241 ? 5  DG F OP1   1 
ATOM 815 O OP2   . DG D 4 5  ? 3.83908   -15.00489 13.36808  1.000 303.26752 ? 5  DG F OP2   1 
ATOM 816 O "O5'" . DG D 4 5  ? 2.07974   -13.32082 13.89355  1.000 304.14114 ? 5  DG F "O5'" 1 
ATOM 817 C "C5'" . DG D 4 5  ? 1.11752   -12.33138 13.55175  1.000 301.73410 ? 5  DG F "C5'" 1 
ATOM 818 C "C4'" . DG D 4 5  ? 0.08877   -12.17358 14.65697  1.000 304.44447 ? 5  DG F "C4'" 1 
ATOM 819 O "O4'" . DG D 4 5  ? -0.80298  -13.32076 14.66551  1.000 327.81243 ? 5  DG F "O4'" 1 
ATOM 820 C "C3'" . DG D 4 5  ? 0.66526   -12.07779 16.07226  1.000 289.60178 ? 5  DG F "C3'" 1 
ATOM 821 O "O3'" . DG D 4 5  ? -0.04173  -11.09609 16.81076  1.000 283.95082 ? 5  DG F "O3'" 1 
ATOM 822 C "C2'" . DG D 4 5  ? 0.41993   -13.47273 16.63276  1.000 305.38857 ? 5  DG F "C2'" 1 
ATOM 823 C "C1'" . DG D 4 5  ? -0.90995  -13.80518 15.98048  1.000 324.33559 ? 5  DG F "C1'" 1 
ATOM 824 N N9    . DG D 4 5  ? -1.19490  -15.23278 15.93589  1.000 336.13338 ? 5  DG F N9    1 
ATOM 825 C C8    . DG D 4 5  ? -0.31297  -16.23785 15.63826  1.000 343.97319 ? 5  DG F C8    1 
ATOM 826 N N7    . DG D 4 5  ? -0.84549  -17.42486 15.67668  1.000 350.25894 ? 5  DG F N7    1 
ATOM 827 C C5    . DG D 4 5  ? -2.16548  -17.19393 16.03280  1.000 342.68689 ? 5  DG F C5    1 
ATOM 828 C C6    . DG D 4 5  ? -3.22524  -18.10632 16.23011  1.000 345.91483 ? 5  DG F C6    1 
ATOM 829 O O6    . DG D 4 5  ? -3.19776  -19.33913 16.12504  1.000 351.26480 ? 5  DG F O6    1 
ATOM 830 N N1    . DG D 4 5  ? -4.40651  -17.45848 16.58255  1.000 337.25297 ? 5  DG F N1    1 
ATOM 831 C C2    . DG D 4 5  ? -4.54396  -16.09668 16.72232  1.000 329.98004 ? 5  DG F C2    1 
ATOM 832 N N2    . DG D 4 5  ? -5.76149  -15.65326 17.07112  1.000 320.26965 ? 5  DG F N2    1 
ATOM 833 N N3    . DG D 4 5  ? -3.55482  -15.22932 16.54019  1.000 333.03253 ? 5  DG F N3    1 
ATOM 834 C C4    . DG D 4 5  ? -2.39919  -15.84774 16.19714  1.000 335.99895 ? 5  DG F C4    1 
ATOM 835 P P     . DA D 4 6  ? 0.73958   -9.84927  17.45186  1.000 285.25407 ? 6  DA F P     1 
ATOM 836 O OP1   . DA D 4 6  ? 1.48971   -9.17387  16.36693  1.000 267.35065 ? 6  DA F OP1   1 
ATOM 837 O OP2   . DA D 4 6  ? 1.44802   -10.34275 18.65627  1.000 272.79807 ? 6  DA F OP2   1 
ATOM 838 O "O5'" . DA D 4 6  ? -0.42987  -8.87476  17.94312  1.000 271.85312 ? 6  DA F "O5'" 1 
ATOM 839 C "C5'" . DA D 4 6  ? -1.78950  -9.22118  17.70750  1.000 285.63269 ? 6  DA F "C5'" 1 
ATOM 840 C "C4'" . DA D 4 6  ? -2.40641  -9.84827  18.94356  1.000 293.29346 ? 6  DA F "C4'" 1 
ATOM 841 O "O4'" . DA D 4 6  ? -2.74984  -11.21098 18.66312  1.000 306.04300 ? 6  DA F "O4'" 1 
ATOM 842 C "C3'" . DA D 4 6  ? -1.48218  -9.92638  20.15303  1.000 282.95373 ? 6  DA F "C3'" 1 
ATOM 843 O "O3'" . DA D 4 6  ? -1.67736  -8.79955  20.99532  1.000 275.84090 ? 6  DA F "O3'" 1 
ATOM 844 C "C2'" . DA D 4 6  ? -1.88998  -11.23372 20.85267  1.000 294.33449 ? 6  DA F "C2'" 1 
ATOM 845 C "C1'" . DA D 4 6  ? -2.89102  -11.87771 19.88464  1.000 310.12740 ? 6  DA F "C1'" 1 
ATOM 846 N N9    . DA D 4 6  ? -2.64734  -13.29461 19.66890  1.000 325.46802 ? 6  DA F N9    1 
ATOM 847 C C8    . DA D 4 6  ? -1.48072  -13.86665 19.26020  1.000 321.96803 ? 6  DA F C8    1 
ATOM 848 N N7    . DA D 4 6  ? -1.53756  -15.17017 19.15423  1.000 332.30481 ? 6  DA F N7    1 
ATOM 849 C C5    . DA D 4 6  ? -2.83426  -15.47679 19.52548  1.000 337.29455 ? 6  DA F C5    1 
ATOM 850 C C6    . DA D 4 6  ? -3.52199  -16.69781 19.63172  1.000 339.73326 ? 6  DA F C6    1 
ATOM 851 N N6    . DA D 4 6  ? -2.96513  -17.87801 19.34720  1.000 347.24213 ? 6  DA F N6    1 
ATOM 852 N N1    . DA D 4 6  ? -4.81004  -16.65836 20.03158  1.000 333.82640 ? 6  DA F N1    1 
ATOM 853 C C2    . DA D 4 6  ? -5.36126  -15.47099 20.31228  1.000 326.08449 ? 6  DA F C2    1 
ATOM 854 N N3    . DA D 4 6  ? -4.81275  -14.25697 20.25380  1.000 323.79413 ? 6  DA F N3    1 
ATOM 855 C C4    . DA D 4 6  ? -3.53553  -14.33174 19.84673  1.000 327.56470 ? 6  DA F C4    1 
# 
loop_
_atom_site_anisotrop.id 
_atom_site_anisotrop.type_symbol 
_atom_site_anisotrop.pdbx_label_atom_id 
_atom_site_anisotrop.pdbx_label_alt_id 
_atom_site_anisotrop.pdbx_label_comp_id 
_atom_site_anisotrop.pdbx_label_asym_id 
_atom_site_anisotrop.pdbx_label_seq_id 
_atom_site_anisotrop.pdbx_PDB_ins_code 
_atom_site_anisotrop.U[1][1] 
_atom_site_anisotrop.U[2][2] 
_atom_site_anisotrop.U[3][3] 
_atom_site_anisotrop.U[1][2] 
_atom_site_anisotrop.U[1][3] 
_atom_site_anisotrop.U[2][3] 
_atom_site_anisotrop.pdbx_auth_seq_id 
_atom_site_anisotrop.pdbx_auth_comp_id 
_atom_site_anisotrop.pdbx_auth_asym_id 
_atom_site_anisotrop.pdbx_auth_atom_id 
1   O "O5'" . DA A 1  ? 2.84797 7.97478 5.88206 -0.62542 1.63708  0.53286  1  DA A "O5'" 
2   C "C5'" . DA A 1  ? 2.78701 7.78571 5.76173 -0.57107 1.61654  0.54579  1  DA A "C5'" 
3   C "C4'" . DA A 1  ? 2.70159 7.79784 5.68104 -0.48426 1.53004  0.53400  1  DA A "C4'" 
4   O "O4'" . DA A 1  ? 2.69783 7.97859 5.73699 -0.48820 1.48417  0.50725  1  DA A "O4'" 
5   C "C3'" . DA A 1  ? 2.63231 7.64259 5.56428 -0.43800 1.48699  0.54054  1  DA A "C3'" 
6   O "O3'" . DA A 1  ? 2.56258 7.61650 5.48011 -0.35093 1.42007  0.53871  1  DA A "O3'" 
7   C "C2'" . DA A 1  ? 2.63095 7.72710 5.59730 -0.46923 1.46019  0.52315  1  DA A "C2'" 
8   C "C1'" . DA A 1  ? 2.65730 7.94544 5.69093 -0.48096 1.44111  0.49878  1  DA A "C1'" 
9   N N9    . DA A 1  ? 2.71124 8.06473 5.78555 -0.55666 1.46438  0.48520  1  DA A N9    
10  C C8    . DA A 1  ? 2.78489 8.05111 5.85688 -0.63635 1.53977  0.49826  1  DA A C8    
11  N N7    . DA A 1  ? 2.82242 8.17618 5.93331 -0.69316 1.54128  0.48190  1  DA A N7    
12  C C5    . DA A 1  ? 2.76944 8.28306 5.91091 -0.64834 1.46125  0.45296  1  DA A C5    
13  C C6    . DA A 1  ? 2.77527 8.44210 5.96106 -0.67346 1.42062  0.42086  1  DA A C6    
14  N N6    . DA A 1  ? 2.83875 8.52203 6.04691 -0.75510 1.45759  0.41488  1  DA A N6    
15  N N1    . DA A 1  ? 2.71659 8.51608 5.91927 -0.61136 1.33873  0.39340  1  DA A N1    
16  C C2    . DA A 1  ? 2.65715 8.43253 5.83312 -0.52936 1.30098  0.40127  1  DA A C2    
17  N N3    . DA A 1  ? 2.64380 8.28161 5.77743 -0.49921 1.33223  0.43196  1  DA A N3    
18  C C4    . DA A 1  ? 2.70194 8.21464 5.82085 -0.56290 1.41330  0.45543  1  DA A C4    
19  P P     . DG A 2  ? 2.54255 7.52332 5.40807 -0.28826 1.36295  0.54668  2  DG A P     
20  O OP1   . DG A 2  ? 2.49948 7.43685 5.32547 -0.21510 1.33498  0.55905  2  DG A OP1   
21  O OP2   . DG A 2  ? 2.55869 7.40111 5.38898 -0.33545 1.40401  0.55851  2  DG A OP2   
22  O "O5'" . DG A 2  ? 2.50672 7.65147 5.41341 -0.26193 1.28794  0.52114  2  DG A "O5'" 
23  C "C5'" . DG A 2  ? 2.48497 7.61823 5.38403 -0.27536 1.26442  0.51664  2  DG A "C5'" 
24  C "C4'" . DG A 2  ? 2.47482 7.79085 5.42556 -0.26900 1.20473  0.48507  2  DG A "C4'" 
25  O "O4'" . DG A 2  ? 2.54162 7.93513 5.54596 -0.34882 1.24790  0.47014  2  DG A "O4'" 
26  C "C3'" . DG A 2  ? 2.43054 7.75458 5.36532 -0.25320 1.15157  0.47765  2  DG A "C3'" 
27  O "O3'" . DG A 2  ? 2.40409 7.89163 5.36958 -0.21000 1.07505  0.44727  2  DG A "O3'" 
28  C "C2'" . DG A 2  ? 2.48236 7.78842 5.43946 -0.34382 1.20273  0.47464  2  DG A "C2'" 
29  C "C1'" . DG A 2  ? 2.54159 7.96334 5.55700 -0.38619 1.23202  0.45769  2  DG A "C1'" 
30  N N9    . DG A 2  ? 2.61300 7.98555 5.64466 -0.47782 1.30652  0.46352  2  DG A N9    
31  C C8    . DG A 2  ? 2.65733 7.87675 5.66051 -0.51779 1.38470  0.48968  2  DG A C8    
32  N N7    . DG A 2  ? 2.72486 7.92833 5.74820 -0.59934 1.43890  0.48928  2  DG A N7    
33  C C5    . DG A 2  ? 2.72257 8.08289 5.79163 -0.61604 1.39301  0.46044  2  DG A C5    
34  C C6    . DG A 2  ? 2.78052 8.19838 5.88483 -0.69445 1.41626  0.44647  2  DG A C6    
35  O O6    . DG A 2  ? 2.84949 8.18439 5.95150 -0.76580 1.48517  0.46031  2  DG A O6    
36  N N1    . DG A 2  ? 2.75591 8.34474 5.89846 -0.68427 1.34814  0.41143  2  DG A N1    
37  C C2    . DG A 2  ? 2.68701 8.37341 5.83213 -0.60613 1.26801  0.39288  2  DG A C2    
38  N N2    . DG A 2  ? 2.67787 8.52365 5.85963 -0.60816 1.20893  0.35503  2  DG A N2    
39  N N3    . DG A 2  ? 2.63441 8.26300 5.74538 -0.53089 1.24579  0.40879  2  DG A N3    
40  C C4    . DG A 2  ? 2.65445 8.12140 5.72919 -0.54162 1.31121  0.44248  2  DG A C4    
41  P P     . DA A 3  ? 2.82844 8.34858 5.77328 -0.16931 0.99794  0.43471  3  DA A P     
42  O OP1   . DA A 3  ? 2.77758 8.30804 5.68999 -0.07571 0.93335  0.43486  3  DA A OP1   
43  O OP2   . DA A 3  ? 2.82368 8.21405 5.73396 -0.20838 1.02946  0.45531  3  DA A OP2   
44  O "O5'" . DA A 3  ? 2.85493 8.56008 5.86210 -0.20236 0.96409  0.39234  3  DA A "O5'" 
45  C "C5'" . DA A 3  ? 2.90772 8.63191 5.95038 -0.29271 1.01415  0.38514  3  DA A "C5'" 
46  C "C4'" . DA A 3  ? 2.89643 8.71137 5.95491 -0.30909 0.96188  0.35622  3  DA A "C4'" 
47  O "O4'" . DA A 3  ? 2.94644 8.73723 6.02474 -0.40227 1.01710  0.35672  3  DA A "O4'" 
48  C "C3'" . DA A 3  ? 2.83694 8.57955 5.84394 -0.26331 0.91326  0.36688  3  DA A "C3'" 
49  O "O3'" . DA A 3  ? 2.81937 8.69513 5.84498 -0.24586 0.83616  0.32889  3  DA A "O3'" 
50  C "C2'" . DA A 3  ? 2.85559 8.45276 5.83744 -0.33067 0.97817  0.39445  3  DA A "C2'" 
51  C "C1'" . DA A 3  ? 2.92819 8.57023 5.95930 -0.41925 1.03852  0.38352  3  DA A "C1'" 
52  N N9    . DA A 3  ? 2.97007 8.46185 5.98267 -0.46530 1.12794  0.41640  3  DA A N9    
53  C C8    . DA A 3  ? 2.95415 8.31000 5.92337 -0.42896 1.15889  0.44757  3  DA A C8    
54  N N7    . DA A 3  ? 3.00662 8.24245 5.96546 -0.48496 1.24019  0.46827  3  DA A N7    
55  C C5    . DA A 3  ? 3.06145 8.35509 6.05899 -0.56324 1.26525  0.45269  3  DA A C5    
56  C C6    . DA A 3  ? 3.13674 8.35389 6.14113 -0.64674 1.34337  0.46290  3  DA A C6    
57  N N6    . DA A 3  ? 3.17105 8.23114 6.14230 -0.66441 1.41333  0.49013  3  DA A N6    
58  N N1    . DA A 3  ? 3.17917 8.48474 6.22229 -0.71129 1.34517  0.44231  3  DA A N1    
59  C C2    . DA A 3  ? 3.14690 8.61069 6.22050 -0.69385 1.27290  0.40990  3  DA A C2    
60  N N3    . DA A 3  ? 3.07831 8.62699 6.14927 -0.61693 1.19551  0.39521  3  DA A N3    
61  C C4    . DA A 3  ? 3.03846 8.49225 6.06991 -0.55337 1.19650  0.42001  3  DA A C4    
62  P P     . DT A 4  ? 3.07332 8.90475 6.05552 -0.22037 0.78205  0.33090  4  DT A P     
63  O OP1   . DT A 4  ? 2.94914 8.92456 5.94501 -0.16595 0.68882  0.28909  4  DT A OP1   
64  O OP2   . DT A 4  ? 3.11983 8.78396 6.03885 -0.18151 0.80105  0.37365  4  DT A OP2   
65  O "O5'" . DT A 4  ? 3.12834 8.94589 6.12875 -0.31747 0.82258  0.32688  4  DT A "O5'" 
66  C "C5'" . DT A 4  ? 3.18750 9.12225 6.24678 -0.38243 0.84076  0.29636  4  DT A "C5'" 
67  C "C4'" . DT A 4  ? 3.26725 9.16936 6.33078 -0.46997 0.87148  0.29413  4  DT A "C4'" 
68  O "O4'" . DT A 4  ? 3.31560 9.08368 6.37071 -0.53450 0.96690  0.32758  4  DT A "O4'" 
69  C "C3'" . DT A 4  ? 3.27960 9.11471 6.29866 -0.46082 0.83559  0.30192  4  DT A "C3'" 
70  O "O3'" . DT A 4  ? 3.26056 9.16774 6.30413 -0.52674 0.82070  0.27212  4  DT A "O3'" 
71  C "C2'" . DT A 4  ? 3.31066 8.94467 6.28300 -0.48537 0.91183  0.35093  4  DT A "C2'" 
72  C "C1'" . DT A 4  ? 3.34356 8.96032 6.34970 -0.55800 0.99199  0.35538  4  DT A "C1'" 
73  N N1    . DT A 4  ? 3.41740 8.86588 6.39138 -0.56234 1.06877  0.39666  4  DT A N1    
74  C C2    . DT A 4  ? 3.50034 8.86855 6.48261 -0.64193 1.14989  0.40908  4  DT A C2    
75  O O2    . DT A 4  ? 3.52843 8.95248 6.54143 -0.71131 1.16331  0.39062  4  DT A O2    
76  N N3    . DT A 4  ? 3.55959 8.77337 6.50880 -0.63722 1.21356  0.44270  4  DT A N3    
77  C C4    . DT A 4  ? 3.45681 8.59606 6.36727 -0.56367 1.20334  0.46326  4  DT A C4    
78  O O4    . DT A 4  ? 3.48708 8.48939 6.36767 -0.56633 1.26157  0.48837  4  DT A O4    
79  C C5    . DT A 4  ? 3.37991 8.60973 6.28347 -0.48325 1.11732  0.45125  4  DT A C5    
80  C C7    . DT A 4  ? 3.35742 8.51234 6.21557 -0.40010 1.09736  0.47267  4  DT A C7    
81  C C6    . DT A 4  ? 3.36408 8.74108 6.29928 -0.48560 1.05522  0.41909  4  DT A C6    
82  P P     . DG A 5  ? 3.39117 9.30863 6.40664 -0.51893 0.75401  0.25776  5  DG A P     
83  O OP1   . DG A 5  ? 3.32435 9.42258 6.37514 -0.48577 0.66714  0.20505  5  DG A OP1   
84  O OP2   . DG A 5  ? 3.28477 9.06651 6.23840 -0.46552 0.75049  0.29624  5  DG A OP2   
85  O "O5'" . DG A 5  ? 3.33307 9.19225 6.35117 -0.62763 0.80785  0.25965  5  DG A "O5'" 
86  C "C5'" . DG A 5  ? 3.29939 9.04725 6.31822 -0.69002 0.90348  0.28841  5  DG A "C5'" 
87  C "C4'" . DG A 5  ? 3.30924 8.87173 6.27320 -0.72813 0.95130  0.32462  5  DG A "C4'" 
88  O "O4'" . DG A 5  ? 3.34672 8.75957 6.28737 -0.72504 1.02842  0.36534  5  DG A "O4'" 
89  C "C3'" . DG A 5  ? 3.28200 8.80152 6.19670 -0.67435 0.89582  0.33418  5  DG A "C3'" 
90  O "O3'" . DG A 5  ? 3.25861 8.69086 6.14231 -0.74002 0.91237  0.33961  5  DG A "O3'" 
91  C "C2'" . DG A 5  ? 3.31889 8.70176 6.19363 -0.61929 0.93381  0.37645  5  DG A "C2'" 
92  C "C1'" . DG A 5  ? 3.33618 8.61085 6.21685 -0.69108 1.02958  0.39541  5  DG A "C1'" 
93  N N9    . DG A 5  ? 3.37258 8.52110 6.22792 -0.65807 1.08375  0.42947  5  DG A N9    
94  C C8    . DG A 5  ? 3.36708 8.50333 6.20059 -0.57094 1.05614  0.44330  5  DG A C8    
95  N N7    . DG A 5  ? 3.40409 8.41083 6.21417 -0.56426 1.11752  0.47097  5  DG A N7    
96  C C5    . DG A 5  ? 3.42952 8.35418 6.24567 -0.65026 1.19067  0.47632  5  DG A C5    
97  C C6    . DG A 5  ? 3.45199 8.22518 6.24838 -0.68271 1.27491  0.49946  5  DG A C6    
98  O O6    . DG A 5  ? 3.45951 8.14266 6.22857 -0.64278 1.30188  0.51832  5  DG A O6    
99  N N1    . DG A 5  ? 3.51852 8.24397 6.32624 -0.77095 1.32818  0.49745  5  DG A N1    
100 C C2    . DG A 5  ? 3.52372 8.33791 6.35775 -0.82360 1.30258  0.47558  5  DG A C2    
101 N N2    . DG A 5  ? 3.54863 8.29215 6.38682 -0.90617 1.36107  0.47879  5  DG A N2    
102 N N3    . DG A 5  ? 3.47138 8.43210 6.32430 -0.79694 1.22332  0.45055  5  DG A N3    
103 C C4    . DG A 5  ? 3.41899 8.42676 6.26202 -0.70878 1.17122  0.45265  5  DG A C4    
104 P P     . DC A 6  ? 3.51133 9.06114 6.41519 -0.78942 0.85484  0.29654  6  DC A P     
105 O OP1   . DC A 6  ? 3.45021 9.18744 6.41700 -0.78070 0.81377  0.25303  6  DC A OP1   
106 O OP2   . DC A 6  ? 3.48748 9.01550 6.34671 -0.75327 0.79517  0.29928  6  DC A OP2   
107 O "O5'" . DC A 6  ? 3.55491 8.98832 6.44700 -0.89789 0.92992  0.30661  6  DC A "O5'" 
108 C "C5'" . DC A 6  ? 3.56784 8.93049 6.47575 -0.93823 1.01283  0.32475  6  DC A "C5'" 
109 C "C4'" . DC A 6  ? 3.61941 8.76212 6.47295 -0.97711 1.08849  0.36546  6  DC A "C4'" 
110 O "O4'" . DC A 6  ? 3.63043 8.67441 6.46712 -0.92441 1.13260  0.39970  6  DC A "O4'" 
111 C "C3'" . DC A 6  ? 3.60281 8.65365 6.39872 -0.97960 1.06399  0.37508  6  DC A "C3'" 
112 O "O3'" . DC A 6  ? 3.71013 8.63469 6.47923 -1.06647 1.11526  0.38198  6  DC A "O3'" 
113 C "C2'" . DC A 6  ? 3.60769 8.53741 6.36064 -0.90915 1.08367  0.41268  6  DC A "C2'" 
114 C "C1'" . DC A 6  ? 3.62032 8.49222 6.39371 -0.91587 1.15633  0.42982  6  DC A "C1'" 
115 N N1    . DC A 6  ? 3.64454 8.45066 6.39633 -0.83841 1.16934  0.45611  6  DC A N1    
116 C C2    . DC A 6  ? 3.66852 8.31829 6.39987 -0.85168 1.25015  0.48321  6  DC A C2    
117 O O2    . DC A 6  ? 3.74217 8.31153 6.47539 -0.92464 1.30946  0.48701  6  DC A O2    
118 N N3    . DC A 6  ? 3.66199 8.25179 6.37014 -0.78337 1.25879  0.50285  6  DC A N3    
119 C C4    . DC A 6  ? 3.65136 8.32689 6.35570 -0.70325 1.19106  0.49982  6  DC A C4    
120 N N4    . DC A 6  ? 3.66022 8.26876 6.33796 -0.63871 1.20024  0.51934  6  DC A N4    
121 C C5    . DC A 6  ? 3.64769 8.47829 6.37237 -0.68520 1.10852  0.47480  6  DC A C5    
122 C C6    . DC A 6  ? 3.63218 8.52387 6.38008 -0.75492 1.10048  0.45218  6  DC A C6    
123 P P     . DA A 7  ? 3.79762 8.64669 6.51256 -1.10118 1.08903  0.38010  7  DA A P     
124 O OP1   . DA A 7  ? 3.77559 8.73689 6.51741 -1.16667 1.05143  0.33970  7  DA A OP1   
125 O OP2   . DA A 7  ? 3.59980 8.45160 6.28173 -1.02399 1.03857  0.39149  7  DA A OP2   
126 O "O5'" . DA A 7  ? 3.75179 8.36851 6.41751 -1.15146 1.17741  0.41416  7  DA A "O5'" 
127 C "C5'" . DA A 7  ? 3.76088 8.32495 6.44765 -1.21442 1.24209  0.41731  7  DA A "C5'" 
128 C "C4'" . DA A 7  ? 3.80981 8.15655 6.45471 -1.21867 1.32349  0.45662  7  DA A "C4'" 
129 O "O4'" . DA A 7  ? 3.77720 8.11452 6.43007 -1.14619 1.34166  0.47572  7  DA A "O4'" 
130 C "C3'" . DA A 7  ? 3.82725 8.01498 6.40225 -1.22389 1.32849  0.47258  7  DA A "C3'" 
131 O "O3'" . DA A 7  ? 3.90443 7.91468 6.45116 -1.27957 1.39754  0.49162  7  DA A "O3'" 
132 C "C2'" . DA A 7  ? 3.72908 7.86904 6.27884 -1.13889 1.32684  0.49408  7  DA A "C2'" 
133 C "C1'" . DA A 7  ? 3.70721 7.89052 6.30168 -1.10781 1.36018  0.50088  7  DA A "C1'" 
134 N N9    . DA A 7  ? 3.67327 7.92821 6.27201 -1.01990 1.32240  0.50451  7  DA A N9    
135 C C8    . DA A 7  ? 3.63209 8.05524 6.25187 -0.97302 1.24108  0.48588  7  DA A C8    
136 N N7    . DA A 7  ? 3.60830 8.05457 6.22399 -0.89124 1.22025  0.49679  7  DA A N7    
137 C C5    . DA A 7  ? 3.63730 7.92049 6.22592 -0.88765 1.29317  0.52154  7  DA A C5    
138 C C6    . DA A 7  ? 3.64226 7.86345 6.21051 -0.82129 1.30949  0.53933  7  DA A C6    
139 N N6    . DA A 7  ? 3.69075 8.00867 6.26390 -0.74088 1.25088  0.53913  7  DA A N6    
140 N N1    . DA A 7  ? 3.67566 7.72967 6.21547 -0.84022 1.38582  0.55513  7  DA A N1    
141 C C2    . DA A 7  ? 3.69073 7.64329 6.22510 -0.91655 1.44274  0.55640  7  DA A C2    
142 N N3    . DA A 7  ? 3.70353 7.69618 6.25599 -0.98147 1.43423  0.54520  7  DA A N3    
143 C C4    . DA A 7  ? 3.67652 7.83977 6.25503 -0.96503 1.35710  0.52616  7  DA A C4    
144 P P     . DC A 8  ? 3.94981 7.77572 6.42319 -1.29619 1.41198  0.50713  8  DC A P     
145 O OP1   . DC A 8  ? 3.96734 7.67631 6.43012 -1.36904 1.46099  0.51526  8  DC A OP1   
146 O OP2   . DC A 8  ? 3.84649 7.75839 6.29742 -1.28412 1.33642  0.48693  8  DC A OP2   
147 O "O5'" . DC A 8  ? 3.81929 7.50869 6.26197 -1.23015 1.45615  0.53714  8  DC A "O5'" 
148 C "C5'" . DC A 8  ? 3.81804 7.43828 6.28136 -1.22112 1.52246  0.55563  8  DC A "C5'" 
149 C "C4'" . DC A 8  ? 3.77931 7.29795 6.20826 -1.15323 1.54686  0.57111  8  DC A "C4'" 
150 O "O4'" . DC A 8  ? 3.76303 7.43001 6.21314 -1.08849 1.49309  0.56065  8  DC A "O4'" 
151 C "C3'" . DC A 8  ? 3.79747 7.16724 6.15673 -1.14156 1.54827  0.57948  8  DC A "C3'" 
152 O "O3'" . DC A 8  ? 3.82433 7.00206 6.15220 -1.14056 1.62195  0.59697  8  DC A "O3'" 
153 C "C2'" . DC A 8  ? 3.79061 7.24061 6.13298 -1.06838 1.49180  0.57369  8  DC A "C2'" 
154 C "C1'" . DC A 8  ? 3.74213 7.32496 6.13953 -1.03143 1.48482  0.56945  8  DC A "C1'" 
155 N N1    . DC A 8  ? 3.71104 7.45723 6.12390 -0.96780 1.40728  0.56178  8  DC A N1    
156 C C2    . DC A 8  ? 3.69150 7.43043 6.08927 -0.89103 1.39988  0.57123  8  DC A C2    
157 O O2    . DC A 8  ? 3.70258 7.30306 6.07158 -0.88342 1.45822  0.58012  8  DC A O2    
158 N N3    . DC A 8  ? 3.65390 7.53840 6.06692 -0.82698 1.32645  0.56827  8  DC A N3    
159 C C4    . DC A 8  ? 3.65416 7.68826 6.09533 -0.83948 1.26292  0.55219  8  DC A C4    
160 N N4    . DC A 8  ? 3.64328 7.81597 6.09827 -0.77070 1.18976  0.54808  8  DC A N4    
161 C C5    . DC A 8  ? 3.67819 7.72469 6.13192 -0.92267 1.26891  0.53706  8  DC A C5    
162 C C6    . DC A 8  ? 3.69372 7.59251 6.13218 -0.98371 1.34135  0.54429  8  DC A C6    
163 P P     . DT A 9  ? 3.85967 6.85709 6.11349 -1.12732 1.63835  0.60379  9  DT A P     
164 O OP1   . DT A 9  ? 3.80348 6.62363 6.04681 -1.15221 1.71514  0.62372  9  DT A OP1   
165 O OP2   . DT A 9  ? 3.81455 6.86008 6.04757 -1.14811 1.57932  0.59785  9  DT A OP2   
166 O "O5'" . DT A 9  ? 3.78203 6.78078 6.00113 -1.05406 1.62450  0.59291  9  DT A "O5'" 
167 C "C5'" . DT A 9  ? 3.78508 6.78180 6.01511 -1.02736 1.65900  0.58794  9  DT A "C5'" 
168 C "C4'" . DT A 9  ? 3.75797 6.73405 5.93438 -0.96153 1.63662  0.57987  9  DT A "C4'" 
169 O "O4'" . DT A 9  ? 3.74335 6.90048 5.95504 -0.90711 1.56149  0.58611  9  DT A "O4'" 
170 C "C3'" . DT A 9  ? 3.74127 6.58202 5.83797 -0.95620 1.63448  0.57484  9  DT A "C3'" 
171 O "O3'" . DT A 9  ? 3.71643 6.45463 5.74314 -0.93169 1.65902  0.55931  9  DT A "O3'" 
172 C "C2'" . DT A 9  ? 3.72482 6.69233 5.82822 -0.91115 1.55286  0.58595  9  DT A "C2'" 
173 C "C1'" . DT A 9  ? 3.71550 6.85085 5.87568 -0.86241 1.51730  0.59061  9  DT A "C1'" 
174 N N1    . DT A 9  ? 3.70167 7.01735 5.90022 -0.83632 1.43780  0.59573  9  DT A N1    
175 C C2    . DT A 9  ? 3.66397 7.07751 5.86503 -0.75651 1.38176  0.60406  9  DT A C2    
176 O O2    . DT A 9  ? 3.64267 7.00230 5.81684 -0.70508 1.39243  0.61047  9  DT A O2    
177 N N3    . DT A 9  ? 3.64322 7.22275 5.87686 -0.73888 1.30873  0.60280  9  DT A N3    
178 C C4    . DT A 9  ? 3.65737 7.31757 5.91669 -0.79692 1.28418  0.59047  9  DT A C4    
179 O O4    . DT A 9  ? 3.62966 7.44522 5.91279 -0.77789 1.21343  0.58315  9  DT A O4    
180 C C5    . DT A 9  ? 3.69838 7.24673 5.95191 -0.88091 1.34440  0.58434  9  DT A C5    
181 C C7    . DT A 9  ? 3.76020 7.37891 6.03445 -0.95130 1.32041  0.56960  9  DT A C7    
182 C C6    . DT A 9  ? 3.71770 7.09906 5.94385 -0.89329 1.41834  0.58952  9  DT A C6    
183 P P     . DG A 10 ? 3.56909 6.12248 5.48570 -0.95369 1.67800  0.53896  10 DG A P     
184 O OP1   . DG A 10 ? 3.56234 6.00843 5.39982 -0.98061 1.70795  0.51491  10 DG A OP1   
185 O OP2   . DG A 10 ? 3.60490 6.10886 5.53000 -0.98849 1.67396  0.54794  10 DG A OP2   
186 O "O5'" . DG A 10 ? 3.51273 6.09777 5.38767 -0.88148 1.62483  0.54865  10 DG A "O5'" 
187 C "C5'" . DG A 10 ? 3.45531 6.10498 5.33392 -0.81727 1.60159  0.55958  10 DG A "C5'" 
188 C "C4'" . DG A 10 ? 3.42166 6.15680 5.31027 -0.73531 1.53158  0.58523  10 DG A "C4'" 
189 O "O4'" . DG A 10 ? 3.46869 6.34684 5.43241 -0.73347 1.49386  0.59756  10 DG A "O4'" 
190 C "C3'" . DG A 10 ? 3.42640 6.06692 5.24186 -0.72294 1.51130  0.58692  10 DG A "C3'" 
191 O "O3'" . DG A 10 ? 3.38584 5.98165 5.14820 -0.65959 1.49214  0.59679  10 DG A "O3'" 
192 C "C2'" . DG A 10 ? 3.48547 6.23889 5.34241 -0.69638 1.45331  0.60670  10 DG A "C2'" 
193 C "C1'" . DG A 10 ? 3.48665 6.40731 5.43248 -0.68385 1.43329  0.61406  10 DG A "C1'" 
194 N N9    . DG A 10 ? 3.49383 6.52799 5.48664 -0.71178 1.39742  0.61776  10 DG A N9    
195 C C8    . DG A 10 ? 3.51011 6.51898 5.51912 -0.79066 1.42455  0.60720  10 DG A C8    
196 N N7    . DG A 10 ? 3.51240 6.65373 5.55650 -0.80239 1.37149  0.61081  10 DG A N7    
197 C C5    . DG A 10 ? 3.47269 6.73356 5.52477 -0.72455 1.30715  0.62307  10 DG A C5    
198 C C6    . DG A 10 ? 3.44743 6.88181 5.52868 -0.69984 1.22906  0.62582  10 DG A C6    
199 O O6    . DG A 10 ? 3.51596 7.03987 5.61969 -0.74853 1.19838  0.61460  10 DG A O6    
200 N N1    . DG A 10 ? 3.40199 6.90580 5.48098 -0.60905 1.18147  0.63995  10 DG A N1    
201 C C2    . DG A 10 ? 3.40351 6.81816 5.45415 -0.55235 1.20523  0.65125  10 DG A C2    
202 N N2    . DG A 10 ? 3.37746 6.87128 5.42812 -0.46529 1.14971  0.66555  10 DG A N2    
203 N N3    . DG A 10 ? 3.42131 6.68025 5.44156 -0.57964 1.27500  0.64589  10 DG A N3    
204 C C4    . DG A 10 ? 3.44747 6.63858 5.47049 -0.66551 1.32346  0.63069  10 DG A C4    
205 P P     . DC A 11 ? 3.32790 5.81808 5.00803 -0.63779 1.47133  0.60027  11 DC A P     
206 O OP1   . DC A 11 ? 3.24298 5.66393 4.86859 -0.59444 1.47089  0.60582  11 DC A OP1   
207 O OP2   . DC A 11 ? 3.34593 5.75083 4.99156 -0.71979 1.50220  0.57700  11 DC A OP2   
208 O "O5'" . DC A 11 ? 3.33140 5.92700 5.04486 -0.56794 1.40554  0.62868  11 DC A "O5'" 
209 C "C5'" . DC A 11 ? 3.31487 6.01730 5.06746 -0.48682 1.36363  0.65106  11 DC A "C5'" 
210 C "C4'" . DC A 11 ? 3.33508 6.15576 5.11501 -0.44012 1.29823  0.67206  11 DC A "C4'" 
211 O "O4'" . DC A 11 ? 3.41479 6.34153 5.25310 -0.49143 1.29278  0.66523  11 DC A "O4'" 
212 C "C3'" . DC A 11 ? 3.29898 6.04682 5.01703 -0.43046 1.27576  0.67980  11 DC A "C3'" 
213 O "O3'" . DC A 11 ? 3.22433 5.94039 4.90390 -0.34789 1.24468  0.69840  11 DC A "O3'" 
214 C "C2'" . DC A 11 ? 3.33452 6.22002 5.09182 -0.43620 1.22554  0.68954  11 DC A "C2'" 
215 C "C1'" . DC A 11 ? 3.39920 6.40757 5.23662 -0.46816 1.23325  0.67946  11 DC A "C1'" 
216 N N1    . DC A 11 ? 3.43614 6.48457 5.29832 -0.54774 1.23804  0.66720  11 DC A N1    
217 C C2    . DC A 11 ? 3.47926 6.68369 5.37244 -0.54048 1.17228  0.67364  11 DC A C2    
218 O O2    . DC A 11 ? 3.52709 6.83142 5.42701 -0.46461 1.11312  0.68871  11 DC A O2    
219 N N3    . DC A 11 ? 3.50020 6.74210 5.41124 -0.61784 1.17178  0.66031  11 DC A N3    
220 C C4    . DC A 11 ? 3.49554 6.61740 5.39720 -0.69439 1.23636  0.64499  11 DC A C4    
221 N N4    . DC A 11 ? 3.51865 6.67656 5.43594 -0.76863 1.23047  0.63301  11 DC A N4    
222 C C5    . DC A 11 ? 3.47567 6.43624 5.34735 -0.69908 1.30611  0.63794  11 DC A C5    
223 C C6    . DC A 11 ? 3.43555 6.37019 5.28640 -0.62768 1.30251  0.64738  11 DC A C6    
224 P P     . DT A 12 ? 3.20438 5.82361 4.80919 -0.32694 1.22516  0.70713  12 DT A P     
225 O OP1   . DT A 12 ? 3.06494 5.61506 4.62944 -0.25528 1.21467  0.71901  12 DT A OP1   
226 O OP2   . DT A 12 ? 3.30608 5.81840 4.87294 -0.41410 1.26929  0.68355  12 DT A OP2   
227 O "O5'" . DT A 12 ? 3.10382 5.86250 4.73298 -0.28981 1.15750  0.72876  12 DT A "O5'" 
228 C "C5'" . DT A 12 ? 3.07050 5.96483 4.74166 -0.21311 1.10430  0.74696  12 DT A "C5'" 
229 C "C4'" . DT A 12 ? 3.08388 6.09477 4.75679 -0.18315 1.03648  0.76261  12 DT A "C4'" 
230 O "O4'" . DT A 12 ? 3.16088 6.28862 4.88469 -0.24532 1.02712  0.75035  12 DT A "O4'" 
231 C "C3'" . DT A 12 ? 3.05374 5.97104 4.65307 -0.18552 1.02750  0.77144  12 DT A "C3'" 
232 O "O3'" . DT A 12 ? 3.07154 6.07136 4.65601 -0.10696 0.95869  0.79373  12 DT A "O3'" 
233 C "C2'" . DT A 12 ? 3.12891 6.06592 4.73409 -0.27766 1.03927  0.75774  12 DT A "C2'" 
234 C "C1'" . DT A 12 ? 3.17832 6.30018 4.86459 -0.28178 1.00639  0.75295  12 DT A "C1'" 
235 N N1    . DT A 12 ? 3.23963 6.38511 4.95525 -0.38015 1.03201  0.73245  12 DT A N1    
236 C C2    . DT A 12 ? 3.26082 6.56837 5.01252 -0.40250 0.97712  0.72811  12 DT A C2    
237 O O2    . DT A 12 ? 3.35429 6.79221 5.11615 -0.34343 0.90709  0.73814  12 DT A O2    
238 N N3    . DT A 12 ? 3.33858 6.65021 5.11205 -0.49697 1.00341  0.70749  12 DT A N3    
239 C C4    . DT A 12 ? 3.31907 6.48713 5.08239 -0.56558 1.07936  0.69264  12 DT A C4    
240 O O4    . DT A 12 ? 3.35069 6.52832 5.13333 -0.64649 1.09618  0.67488  12 DT A O4    
241 C C5    . DT A 12 ? 3.31399 6.32073 5.03979 -0.53533 1.13366  0.69567  12 DT A C5    
242 C C7    . DT A 12 ? 3.35014 6.19845 5.05934 -0.60210 1.21384  0.67422  12 DT A C7    
243 C C6    . DT A 12 ? 3.27187 6.27751 4.97555 -0.44713 1.10640  0.71446  12 DT A C6    
244 P P     . DG A 13 ? 2.68254 5.61335 4.18993 -0.09601 0.93657  0.80742  13 DG A P     
245 O OP1   . DG A 13 ? 2.58064 5.54695 4.06664 0.00642  0.88173  0.82945  13 DG A OP1   
246 O OP2   . DG A 13 ? 2.67171 5.41631 4.12517 -0.15332 1.00106  0.79299  13 DG A OP2   
247 O "O5'" . DG A 13 ? 2.71473 5.77437 4.23857 -0.14828 0.89749  0.80499  13 DG A "O5'" 
248 C "C5'" . DG A 13 ? 2.74221 5.99974 4.32007 -0.10922 0.82822  0.80771  13 DG A "C5'" 
249 C "C4'" . DG A 13 ? 2.90714 6.27077 4.49564 -0.17990 0.79595  0.79725  13 DG A "C4'" 
250 O "O4'" . DG A 13 ? 3.11201 6.43622 4.72813 -0.27811 0.85154  0.77588  13 DG A "O4'" 
251 C "C3'" . DG A 13 ? 2.90411 6.20560 4.41342 -0.20954 0.78276  0.80733  13 DG A "C3'" 
252 O "O3'" . DG A 13 ? 2.93733 6.30075 4.41444 -0.22333 0.68745  0.77746  13 DG A "O3'" 
253 C "C2'" . DG A 13 ? 2.95472 6.09640 4.43314 -0.31027 0.85865  0.79217  13 DG A "C2'" 
254 C "C1'" . DG A 13 ? 3.15553 6.39608 4.71385 -0.35952 0.86776  0.77121  13 DG A "C1'" 
255 N N9    . DG A 13 ? 3.05209 6.15475 4.60797 -0.43891 0.94526  0.75223  13 DG A N9    
256 C C8    . DG A 13 ? 2.94359 5.86936 4.47107 -0.43445 1.01287  0.74808  13 DG A C8    
257 N N7    . DG A 13 ? 3.02500 5.86199 4.55819 -0.51420 1.07066  0.72541  13 DG A N7    
258 C C5    . DG A 13 ? 3.07990 6.03695 4.64610 -0.57639 1.03985  0.71631  13 DG A C5    
259 C C6    . DG A 13 ? 3.16204 6.09283 4.74646 -0.67173 1.07344  0.69269  13 DG A C6    
260 O O6    . DG A 13 ? 3.20575 5.99729 4.78293 -0.71777 1.14162  0.67635  13 DG A O6    
261 N N1    . DG A 13 ? 3.32859 6.41718 4.94122 -0.71321 1.01606  0.68518  13 DG A N1    
262 C C2    . DG A 13 ? 3.46368 6.72063 5.08824 -0.66701 0.93567  0.69636  13 DG A C2    
263 N N2    . DG A 13 ? 3.65496 7.05450 5.30741 -0.72110 0.88397  0.67813  13 DG A N2    
264 N N3    . DG A 13 ? 3.39347 6.67696 5.00370 -0.57306 0.90493  0.72010  13 DG A N3    
265 C C4    . DG A 13 ? 3.17163 6.29651 4.75167 -0.53318 0.96108  0.73029  13 DG A C4    
266 P P     . DT A 14 ? 2.66802 5.86554 3.99907 -0.24951 0.62222  0.75239  14 DT A P     
267 O OP1   . DT A 14 ? 2.50275 5.66434 3.77846 -0.15308 0.58239  0.77204  14 DT A OP1   
268 O OP2   . DT A 14 ? 2.69480 5.75003 3.98206 -0.35313 0.69089  0.74475  14 DT A OP2   
269 O "O5'" . DT A 14 ? 2.50058 5.76874 3.81376 -0.26712 0.51528  0.70869  14 DT A "O5'" 
270 C "C5'" . DT A 14 ? 2.57647 5.95391 3.97328 -0.32579 0.52900  0.68900  14 DT A "C5'" 
271 C "C4'" . DT A 14 ? 2.81163 6.07835 4.14921 -0.44123 0.53745  0.65854  14 DT A "C4'" 
272 O "O4'" . DT A 14 ? 3.19106 6.42853 4.58465 -0.51378 0.65307  0.67471  14 DT A "O4'" 
273 C "C3'" . DT A 14 ? 2.72190 5.80252 3.91677 -0.46450 0.50273  0.64712  14 DT A "C3'" 
274 O "O3'" . DT A 14 ? 2.72789 5.79138 3.85434 -0.49774 0.40551  0.60547  14 DT A "O3'" 
275 C "C2'" . DT A 14 ? 3.02405 5.97925 4.20674 -0.55452 0.60826  0.65570  14 DT A "C2'" 
276 C "C1'" . DT A 14 ? 3.32701 6.39887 4.63178 -0.59994 0.67452  0.65895  14 DT A "C1'" 
277 N N1    . DT A 14 ? 3.30254 6.31093 4.64582 -0.64600 0.79688  0.68547  14 DT A N1    
278 C C2    . DT A 14 ? 3.37373 6.36548 4.74889 -0.74734 0.85396  0.67183  14 DT A C2    
279 O O2    . DT A 14 ? 3.57210 6.59991 4.94694 -0.80357 0.81123  0.63899  14 DT A O2    
280 N N3    . DT A 14 ? 3.15987 6.07932 4.56270 -0.77793 0.96018  0.69509  14 DT A N3    
281 C C4    . DT A 14 ? 2.93867 5.74173 4.31817 -0.70485 0.99847  0.71145  14 DT A C4    
282 O O4    . DT A 14 ? 2.97176 5.61718 4.34119 -0.71729 1.06783  0.69964  14 DT A O4    
283 C C5    . DT A 14 ? 2.87382 5.75430 4.24100 -0.61248 0.94851  0.73924  14 DT A C5    
284 C C7    . DT A 14 ? 2.75546 5.51540 4.09265 -0.53143 0.98012  0.75376  14 DT A C7    
285 C C6    . DT A 14 ? 3.05426 6.02139 4.39997 -0.58494 0.84889  0.72248  14 DT A C6    
286 P P     . DC B 1  ? 3.90066 2.95985 3.80258 0.41107  1.21225  1.07129  7  DC B P     
287 O OP1   . DC B 1  ? 3.96175 2.97837 3.83705 0.36532  1.20177  1.04899  7  DC B OP1   
288 O OP2   . DC B 1  ? 3.98944 3.05378 3.87743 0.43661  1.26318  1.09094  7  DC B OP2   
289 O "O5'" . DC B 1  ? 3.90421 3.02739 3.86867 0.39833  1.22352  1.07834  7  DC B "O5'" 
290 C "C5'" . DC B 1  ? 3.92880 3.05660 3.91080 0.34756  1.22165  1.06180  7  DC B "C5'" 
291 C "C4'" . DC B 1  ? 4.00720 3.17549 4.01313 0.30927  1.28332  1.06536  7  DC B "C4'" 
292 O "O4'" . DC B 1  ? 3.97601 3.21805 4.03551 0.32704  1.30110  1.08337  7  DC B "O4'" 
293 C "C3'" . DC B 1  ? 4.05287 3.20658 4.02662 0.30319  1.33393  1.06936  7  DC B "C3'" 
294 O "O3'" . DC B 1  ? 4.10019 3.27455 4.08130 0.24388  1.37131  1.05510  7  DC B "O3'" 
295 C "C2'" . DC B 1  ? 3.98677 3.19486 3.98639 0.34468  1.36202  1.09399  7  DC B "C2'" 
296 C "C1'" . DC B 1  ? 3.92655 3.20380 3.98764 0.33040  1.35688  1.09569  7  DC B "C1'" 
297 N N1    . DC B 1  ? 3.88921 3.22906 3.98972 0.37774  1.36065  1.12030  7  DC B N1    
298 C C2    . DC B 1  ? 3.85831 3.28737 4.02011 0.35694  1.38053  1.12266  7  DC B C2    
299 O O2    . DC B 1  ? 3.90934 3.35916 4.08741 0.29786  1.39386  1.10206  7  DC B O2    
300 N N3    . DC B 1  ? 3.82320 3.31866 4.02463 0.40101  1.38268  1.14565  7  DC B N3    
301 C C4    . DC B 1  ? 3.81999 3.28889 3.99680 0.46508  1.36544  1.16690  7  DC B C4    
302 N N4    . DC B 1  ? 3.78497 3.32501 4.00085 0.50938  1.36705  1.19072  7  DC B N4    
303 C C5    . DC B 1  ? 3.85824 3.23302 3.96913 0.48508  1.34330  1.16192  7  DC B C5    
304 C C6    . DC B 1  ? 3.89468 3.21063 3.97183 0.43941  1.34186  1.13821  7  DC B C6    
305 P P     . DG B 2  ? 4.05780 3.19834 3.99508 0.21535  1.40991  1.04588  8  DG B P     
306 O OP1   . DG B 2  ? 4.06820 3.13168 3.95937 0.21524  1.37231  1.03415  8  DG B OP1   
307 O OP2   . DG B 2  ? 4.18908 3.35465 4.12256 0.24522  1.45081  1.06269  8  DG B OP2   
308 O "O5'" . DG B 2  ? 4.06960 3.25825 4.03146 0.14691  1.44157  1.02790  8  DG B "O5'" 
309 C "C5'" . DG B 2  ? 4.04975 3.27312 4.04990 0.12139  1.42028  1.01937  8  DG B "C5'" 
310 C "C4'" . DG B 2  ? 4.11673 3.42705 4.15762 0.07360  1.46293  1.01018  8  DG B "C4'" 
311 O "O4'" . DG B 2  ? 4.05470 3.43955 4.14578 0.10162  1.47156  1.02487  8  DG B "O4'" 
312 C "C3'" . DG B 2  ? 4.14214 3.47310 4.16592 0.04361  1.51424  1.00237  8  DG B "C3'" 
313 O "O3'" . DG B 2  ? 4.27015 3.65875 4.31694 -0.02147 1.53560  0.98144  8  DG B "O3'" 
314 C "C2'" . DG B 2  ? 4.08732 3.47464 4.13404 0.08322  1.54302  1.01970  8  DG B "C2'" 
315 C "C1'" . DG B 2  ? 4.01566 3.45875 4.11624 0.10185  1.52081  1.02833  8  DG B "C1'" 
316 N N9    . DG B 2  ? 4.00338 3.46003 4.11533 0.16782  1.51644  1.05393  8  DG B N9    
317 C C8    . DG B 2  ? 4.01524 3.39957 4.08438 0.22336  1.49931  1.07191  8  DG B C8    
318 N N7    . DG B 2  ? 4.02080 3.43865 4.10976 0.27757  1.49720  1.09444  8  DG B N7    
319 C C5    . DG B 2  ? 4.00393 3.52712 4.15671 0.25695  1.51429  1.09084  8  DG B C5    
320 C C6    . DG B 2  ? 4.09855 3.70649 4.30026 0.29556  1.51913  1.10820  8  DG B C6    
321 O O6    . DG B 2  ? 4.17319 3.77414 4.36683 0.35940  1.50946  1.13353  8  DG B O6    
322 N N1    . DG B 2  ? 4.13421 3.84836 4.39922 0.25303  1.53507  1.09184  8  DG B N1    
323 C C2    . DG B 2  ? 4.03826 3.76842 4.31269 0.18162  1.54467  1.06314  8  DG B C2    
324 N N2    . DG B 2  ? 4.06699 3.90810 4.40524 0.14750  1.55639  1.04772  8  DG B N2    
325 N N3    . DG B 2  ? 4.01374 3.66066 4.23848 0.14687  1.54050  1.04957  8  DG B N3    
326 C C4    . DG B 2  ? 4.01637 3.56460 4.18403 0.18800  1.52544  1.06444  8  DG B C4    
327 P P     . DG B 3  ? 4.02669 3.47844 4.07740 -0.06323 1.59113  0.96873  9  DG B P     
328 O OP1   . DG B 3  ? 3.92686 3.38843 3.97486 -0.12843 1.59356  0.94662  9  DG B OP1   
329 O OP2   . DG B 3  ? 3.95690 3.36222 3.96594 -0.03264 1.61117  0.97881  9  DG B OP2   
330 O "O5'" . DG B 3  ? 3.87835 3.44798 3.99247 -0.05989 1.61395  0.97035  9  DG B "O5'" 
331 C "C5'" . DG B 3  ? 3.82067 3.44367 3.98280 -0.07450 1.59326  0.96540  9  DG B "C5'" 
332 C "C4'" . DG B 3  ? 3.82491 3.57632 4.04873 -0.08000 1.62251  0.96102  9  DG B "C4'" 
333 O "O4'" . DG B 3  ? 3.81678 3.57831 4.05751 -0.01261 1.61558  0.98506  9  DG B "O4'" 
334 C "C3'" . DG B 3  ? 3.91300 3.73245 4.13997 -0.11149 1.67185  0.94633  9  DG B "C3'" 
335 O "O3'" . DG B 3  ? 4.04946 3.99740 4.33788 -0.15017 1.68980  0.92767  9  DG B "O3'" 
336 C "C2'" . DG B 3  ? 3.93939 3.75022 4.15463 -0.04948 1.68705  0.96674  9  DG B "C2'" 
337 C "C1'" . DG B 3  ? 3.88966 3.71724 4.14098 -0.00068 1.65682  0.98514  9  DG B "C1'" 
338 N N9    . DG B 3  ? 3.88370 3.66097 4.11060 0.07203  1.64912  1.01329  9  DG B N9    
339 C C8    . DG B 3  ? 3.87249 3.53394 4.03486 0.10370  1.63717  1.02785  9  DG B C8    
340 N N7    . DG B 3  ? 3.87696 3.51909 4.02896 0.16980  1.63050  1.05298  9  DG B N7    
341 C C5    . DG B 3  ? 3.88497 3.63898 4.09996 0.18441  1.63902  1.05609  9  DG B C5    
342 C C6    . DG B 3  ? 3.88838 3.68084 4.12247 0.25015  1.63605  1.07991  9  DG B C6    
343 O O6    . DG B 3  ? 3.92982 3.65777 4.12343 0.30991  1.62516  1.10487  9  DG B O6    
344 N N1    . DG B 3  ? 3.88746 3.81155 4.19559 0.24274  1.64507  1.07125  9  DG B N1    
345 C C2    . DG B 3  ? 3.89031 3.89528 4.24647 0.17779  1.65466  1.04222  9  DG B C2    
346 N N2    . DG B 3  ? 3.88839 4.02319 4.31721 0.18066  1.65909  1.03451  9  DG B N2    
347 N N3    . DG B 3  ? 3.89383 3.85899 4.22788 0.11542  1.65793  1.02128  9  DG B N3    
348 C C4    . DG B 3  ? 3.88848 3.72853 4.15211 0.12372  1.65011  1.03023  9  DG B C4    
349 P P     . DA B 4  ? 3.78056 3.81136 4.07875 -0.20930 1.73265  0.90293  10 DA B P     
350 O OP1   . DA B 4  ? 3.75981 3.81267 4.06918 -0.27331 1.72195  0.88353  10 DA B OP1   
351 O OP2   . DA B 4  ? 3.81571 3.78029 4.05920 -0.19681 1.75453  0.90908  10 DA B OP2   
352 O "O5'" . DA B 4  ? 3.81679 3.98943 4.18141 -0.19657 1.75767  0.89657  10 DA B "O5'" 
353 C "C5'" . DA B 4  ? 3.78504 4.05437 4.21437 -0.21283 1.74493  0.88578  10 DA B "C5'" 
354 C "C4'" . DA B 4  ? 3.79837 4.17667 4.28384 -0.17246 1.75937  0.88795  10 DA B "C4'" 
355 O "O4'" . DA B 4  ? 3.79007 4.09671 4.25127 -0.09669 1.74607  0.91778  10 DA B "O4'" 
356 C "C3'" . DA B 4  ? 3.85642 4.33010 4.35829 -0.18881 1.80348  0.87164  10 DA B "C3'" 
357 O "O3'" . DA B 4  ? 3.84352 4.46441 4.42275 -0.18656 1.81014  0.85769  10 DA B "O3'" 
358 C "C2'" . DA B 4  ? 3.88830 4.28655 4.34258 -0.12879 1.81509  0.89421  10 DA B "C2'" 
359 C "C1'" . DA B 4  ? 3.83975 4.18449 4.29681 -0.06636 1.77881  0.92075  10 DA B "C1'" 
360 N N9    . DA B 4  ? 3.84749 4.06622 4.23942 -0.01330 1.77143  0.94833  10 DA B N9    
361 C C8    . DA B 4  ? 3.85034 3.94380 4.17402 -0.02588 1.76578  0.95394  10 DA B C8    
362 N N7    . DA B 4  ? 3.85188 3.85198 4.12751 0.03122  1.75749  0.97931  10 DA B N7    
363 C C5    . DA B 4  ? 3.85460 3.92144 4.16671 0.08614  1.75858  0.99319  10 DA B C5    
364 C C6    . DA B 4  ? 3.86000 3.88290 4.14689 0.16126  1.75121  1.02226  10 DA B C6    
365 N N6    . DA B 4  ? 3.86543 3.76000 4.08212 0.19215  1.74065  1.04183  10 DA B N6    
366 N N1    . DA B 4  ? 3.85768 3.97671 4.19397 0.20433  1.75284  1.02952  10 DA B N1    
367 C C2    . DA B 4  ? 3.84419 4.09687 4.25426 0.17265  1.76037  1.00675  10 DA B C2    
368 N N3    . DA B 4  ? 3.83878 4.14384 4.27930 0.10063  1.76750  0.97786  10 DA B N3    
369 C C4    . DA B 4  ? 3.84820 4.05234 4.23420 0.06036  1.76674  0.97361  10 DA B C4    
370 P P     . DC B 5  ? 3.88502 4.61403 4.49607 -0.16076 1.84568  0.85030  11 DC B P     
371 O OP1   . DC B 5  ? 3.83766 4.72186 4.53120 -0.18447 1.84657  0.82696  11 DC B OP1   
372 O OP2   . DC B 5  ? 3.96912 4.66827 4.53313 -0.18387 1.88004  0.84482  11 DC B OP2   
373 O "O5'" . DC B 5  ? 3.87250 4.55497 4.47359 -0.07180 1.83114  0.88046  11 DC B "O5'" 
374 C "C5'" . DC B 5  ? 3.83527 4.62081 4.50225 -0.02991 1.81952  0.88157  11 DC B "C5'" 
375 C "C4'" . DC B 5  ? 3.87250 4.71661 4.54608 0.01854  1.84605  0.88436  11 DC B "C4'" 
376 O "O4'" . DC B 5  ? 3.94274 4.65647 4.54046 0.06611  1.84899  0.91265  11 DC B "O4'" 
377 C "C3'" . DC B 5  ? 3.90183 4.83786 4.59088 -0.02727 1.88738  0.85611  11 DC B "C3'" 
378 O "O3'" . DC B 5  ? 4.02362 5.07141 4.75754 0.01515  1.90151  0.85058  11 DC B "O3'" 
379 C "C2'" . DC B 5  ? 3.96327 4.77685 4.56920 -0.03141 1.90775  0.86764  11 DC B "C2'" 
380 C "C1'" . DC B 5  ? 4.00379 4.71727 4.56872 0.04792  1.88814  0.90241  11 DC B "C1'" 
381 N N1    . DC B 5  ? 4.05366 4.60751 4.53229 0.05227  1.88724  0.92176  11 DC B N1    
382 C C2    . DC B 5  ? 4.07892 4.54616 4.50834 0.12248  1.88207  0.95134  11 DC B C2    
383 O O2    . DC B 5  ? 4.11381 4.63933 4.57104 0.18049  1.87829  0.96167  11 DC B O2    
384 N N3    . DC B 5  ? 4.05733 4.38116 4.40965 0.12587  1.87911  0.96742  11 DC B N3    
385 C C4    . DC B 5  ? 4.01544 4.28580 4.34183 0.06422  1.88061  0.95426  11 DC B C4    
386 N N4    . DC B 5  ? 4.02723 4.16066 4.28073 0.07132  1.87473  0.96878  11 DC B N4    
387 C C5    . DC B 5  ? 4.00268 4.35972 4.37608 -0.00645 1.88619  0.92531  11 DC B C5    
388 C C6    . DC B 5  ? 4.00763 4.50345 4.45525 -0.01083 1.88972  0.91018  11 DC B C6    
389 P P     . DA B 6  ? 4.28635 5.48663 5.07446 -0.02980 1.93487  0.81598  12 DA B P     
390 O OP1   . DA B 6  ? 4.09183 5.40070 4.95445 -0.06856 1.91618  0.79426  12 DA B OP1   
391 O OP2   . DA B 6  ? 4.19972 5.35068 4.93558 -0.07757 1.96724  0.80867  12 DA B OP2   
392 O "O5'" . DA B 6  ? 4.11636 5.38673 4.92571 0.04134  1.94703  0.82098  12 DA B "O5'" 
393 C "C5'" . DA B 6  ? 4.11794 5.41300 4.95883 0.10964  1.91592  0.83649  12 DA B "C5'" 
394 C "C4'" . DA B 6  ? 4.16552 5.40783 4.96072 0.18840  1.92316  0.86090  12 DA B "C4'" 
395 O "O4'" . DA B 6  ? 4.05500 5.13011 4.76145 0.19591  1.92421  0.88677  12 DA B "O4'" 
396 C "C3'" . DA B 6  ? 4.26614 5.58430 5.06589 0.19463  1.96242  0.84549  12 DA B "C3'" 
397 O "O3'" . DA B 6  ? 4.42884 5.77164 5.23063 0.27752  1.95492  0.86003  12 DA B "O3'" 
398 C "C2'" . DA B 6  ? 4.18980 5.38814 4.90771 0.16891  1.99082  0.85359  12 DA B "C2'" 
399 C "C1'" . DA B 6  ? 4.13029 5.17389 4.78766 0.19897  1.96140  0.88629  12 DA B "C1'" 
400 N N9    . DA B 6  ? 4.15532 5.07902 4.74941 0.14983  1.97079  0.88989  12 DA B N9    
401 C C8    . DA B 6  ? 4.15249 5.08909 4.75781 0.06987  1.97693  0.86866  12 DA B C8    
402 N N7    . DA B 6  ? 4.24928 5.06153 4.78673 0.04371  1.98144  0.87737  12 DA B N7    
403 C C5    . DA B 6  ? 4.26306 4.97261 4.74143 0.10943  1.97866  0.90603  12 DA B C5    
404 C C6    . DA B 6  ? 4.26601 4.82369 4.66071 0.12051  1.97907  0.92639  12 DA B C6    
405 N N6    . DA B 6  ? 4.22038 4.70336 4.57771 0.06442  1.98174  0.91981  12 DA B N6    
406 N N1    . DA B 6  ? 4.27978 4.76632 4.62979 0.19268  1.97458  0.95357  12 DA B N1    
407 C C2    . DA B 6  ? 4.28573 4.84901 4.67117 0.25129  1.96986  0.96027  12 DA B C2    
408 N N3    . DA B 6  ? 4.21152 4.91978 4.67709 0.24974  1.96755  0.94222  12 DA B N3    
409 C C4    . DA B 6  ? 4.19828 4.97365 4.70832 0.17551  1.97250  0.91493  12 DA B C4    
410 P P     . DG B 7  ? 4.68736 6.11551 5.49785 0.30111  1.99020  0.84637  13 DG B P     
411 O OP1   . DG B 7  ? 4.54192 6.05648 5.39753 0.37150  1.96705  0.84920  13 DG B OP1   
412 O OP2   . DG B 7  ? 4.65918 6.17333 5.50470 0.22292  2.02199  0.81385  13 DG B OP2   
413 O "O5'" . DG B 7  ? 4.52636 5.81092 5.23752 0.33418  2.01091  0.87178  13 DG B "O5'" 
414 C "C5'" . DG B 7  ? 4.46756 5.63738 5.12264 0.40261  1.98546  0.90671  13 DG B "C5'" 
415 C "C4'" . DG B 7  ? 4.43190 5.47803 4.99513 0.42436  2.01069  0.92534  13 DG B "C4'" 
416 O "O4'" . DG B 7  ? 4.31129 5.24053 4.82503 0.36928  2.01495  0.93066  13 DG B "O4'" 
417 C "C3'" . DG B 7  ? 4.48686 5.59658 5.04824 0.41785  2.05414  0.90703  13 DG B "C3'" 
418 O "O3'" . DG B 7  ? 4.52319 5.56239 5.01995 0.48955  2.06119  0.92950  13 DG B "O3'" 
419 C "C2'" . DG B 7  ? 4.40364 5.46081 4.93577 0.33938  2.08091  0.89526  13 DG B "C2'" 
420 C "C1'" . DG B 7  ? 4.38761 5.28934 4.85967 0.34194  2.05467  0.92194  13 DG B "C1'" 
421 N N9    . DG B 7  ? 4.39634 5.24815 4.85422 0.26360  2.06108  0.91110  13 DG B N9    
422 C C8    . DG B 7  ? 4.35992 5.29211 4.87591 0.19440  2.05821  0.88602  13 DG B C8    
423 N N7    . DG B 7  ? 4.37331 5.23159 4.85457 0.13544  2.06343  0.88192  13 DG B N7    
424 C C5    . DG B 7  ? 4.42151 5.14309 4.81969 0.16700  2.06983  0.90497  13 DG B C5    
425 C C6    . DG B 7  ? 4.48605 5.08413 4.81862 0.13220  2.07460  0.91089  13 DG B C6    
426 O O6    . DG B 7  ? 4.47640 5.06154 4.80998 0.06583  2.07397  0.89702  13 DG B O6    
427 N N1    . DG B 7  ? 4.55857 5.04073 4.81745 0.18390  2.07864  0.93550  13 DG B N1    
428 C C2    . DG B 7  ? 4.50867 4.99210 4.75464 0.26001  2.07858  0.95325  13 DG B C2    
429 N N2    . DG B 7  ? 4.60109 4.96034 4.76803 0.30041  2.08207  0.97630  13 DG B N2    
430 N N3    . DG B 7  ? 4.48112 5.07995 4.78635 0.29510  2.07358  0.94833  13 DG B N3    
431 C C4    . DG B 7  ? 4.43886 5.15337 4.82037 0.24507  2.06910  0.92347  13 DG B C4    
432 P P     . DC B 8  ? 4.67785 5.77376 5.16457 0.50660  2.10206  0.91675  14 DC B P     
433 O OP1   . DC B 8  ? 4.72904 5.88637 5.23339 0.58664  2.08658  0.92327  14 DC B OP1   
434 O OP2   . DC B 8  ? 4.70145 5.90038 5.24037 0.43055  2.13240  0.88339  14 DC B OP2   
435 O "O5'" . DC B 8  ? 4.63471 5.56743 5.01562 0.52043  2.12017  0.93998  14 DC B "O5'" 
436 C "C5'" . DC B 8  ? 4.65696 5.47233 4.99448 0.47201  2.11605  0.94869  14 DC B "C5'" 
437 C "C4'" . DC B 8  ? 4.72098 5.39096 4.96034 0.49442  2.13179  0.96995  14 DC B "C4'" 
438 O "O4'" . DC B 8  ? 4.74684 5.32366 4.95394 0.43154  2.13330  0.96958  14 DC B "O4'" 
439 C "C3'" . DC B 8  ? 4.79217 5.49661 5.01252 0.49903  2.17428  0.95814  14 DC B "C3'" 
440 O "O3'" . DC B 8  ? 4.83606 5.40283 4.96266 0.54404  2.17988  0.98370  14 DC B "O3'" 
441 C "C2'" . DC B 8  ? 4.86912 5.60361 5.11124 0.40969  2.19902  0.93314  14 DC B "C2'" 
442 C "C1'" . DC B 8  ? 4.81619 5.42610 5.02167 0.37968  2.17279  0.94776  14 DC B "C1'" 
443 N N1    . DC B 8  ? 4.86691 5.52878 5.12117 0.29643  2.17195  0.92452  14 DC B N1    
444 C C2    . DC B 8  ? 4.87190 5.43658 5.08127 0.24388  2.17604  0.92459  14 DC B C2    
445 O O2    . DC B 8  ? 4.85999 5.29899 4.99329 0.26726  2.18009  0.94341  14 DC B O2    
446 N N3    . DC B 8  ? 4.89622 5.50741 5.14549 0.16983  2.17381  0.90381  14 DC B N3    
447 C C4    . DC B 8  ? 4.89116 5.63842 5.22140 0.14653  2.16858  0.88370  14 DC B C4    
448 N N4    . DC B 8  ? 4.85646 5.64288 5.21911 0.07314  2.16582  0.86435  14 DC B N4    
449 C C5    . DC B 8  ? 4.85703 5.70674 5.23763 0.19840  2.16422  0.88236  14 DC B C5    
450 C C6    . DC B 8  ? 4.83963 5.64303 5.18011 0.27296  2.16566  0.90299  14 DC B C6    
451 P P     . DA B 9  ? 5.15773 5.71988 5.24160 0.55595  2.22287  0.97813  15 DA B P     
452 O OP1   . DA B 9  ? 5.09570 5.57587 5.11184 0.64111  2.21369  1.00554  15 DA B OP1   
453 O OP2   . DA B 9  ? 5.12622 5.85114 5.28555 0.52541  2.25016  0.94633  15 DA B OP2   
454 O "O5'" . DA B 9  ? 5.16609 5.61253 5.19314 0.49919  2.23806  0.97962  15 DA B "O5'" 
455 C "C5'" . DA B 9  ? 5.19613 5.58333 5.16133 0.50581  2.27083  0.98202  15 DA B "C5'" 
456 C "C4'" . DA B 9  ? 5.19588 5.43981 5.09666 0.46965  2.26787  0.99244  15 DA B "C4'" 
457 O "O4'" . DA B 9  ? 5.17089 5.43003 5.11424 0.40562  2.24933  0.98118  15 DA B "O4'" 
458 C "C3'" . DA B 9  ? 5.28522 5.51072 5.15369 0.43397  2.30732  0.98047  15 DA B "C3'" 
459 O "O3'" . DA B 9  ? 5.24904 5.31611 5.03855 0.43046  2.29914  0.99816  15 DA B "O3'" 
460 C "C2'" . DA B 9  ? 5.33538 5.66844 5.27490 0.35291  2.31871  0.95086  15 DA B "C2'" 
461 C "C1'" . DA B 9  ? 5.24827 5.54645 5.20761 0.33415  2.27778  0.95747  15 DA B "C1'" 
462 N N9    . DA B 9  ? 5.23228 5.66208 5.27778 0.28253  2.27425  0.93306  15 DA B N9    
463 C C8    . DA B 9  ? 5.19450 5.75913 5.31187 0.29988  2.27088  0.92156  15 DA B C8    
464 N N7    . DA B 9  ? 5.14598 5.80831 5.33133 0.24062  2.26720  0.89914  15 DA B N7    
465 C C5    . DA B 9  ? 5.17135 5.75677 5.32504 0.18151  2.26825  0.89637  15 DA B C5    
466 C C6    . DA B 9  ? 5.16945 5.79461 5.35869 0.10487  2.26458  0.87740  15 DA B C6    
467 N N6    . DA B 9  ? 5.11798 5.87539 5.38585 0.07188  2.25983  0.85679  15 DA B N6    
468 N N1    . DA B 9  ? 5.19515 5.71857 5.33465 0.06418  2.26448  0.88042  15 DA B N1    
469 C C2    . DA B 9  ? 5.19128 5.58349 5.25365 0.09701  2.26779  0.90018  15 DA B C2    
470 N N3    . DA B 9  ? 5.19929 5.54053 5.22068 0.16660  2.27198  0.91919  15 DA B N3    
471 C C4    . DA B 9  ? 5.20814 5.65158 5.27779 0.20680  2.27210  0.91660  15 DA B C4    
472 P P     . DG B 10 ? 5.64097 5.64142 5.36645 0.42566  2.33409  0.99794  16 DG B P     
473 O OP1   . DG B 10 ? 5.56887 5.42709 5.20870 0.48917  2.31914  1.02760  16 DG B OP1   
474 O OP2   . DG B 10 ? 5.56559 5.69757 5.33319 0.41861  2.37302  0.97652  16 DG B OP2   
475 O "O5'" . DG B 10 ? 5.58393 5.53679 5.30446 0.34758  2.33449  0.98634  16 DG B "O5'" 
476 C "C5'" . DG B 10 ? 5.56132 5.63046 5.34971 0.27779  2.34957  0.95844  16 DG B "C5'" 
477 C "C4'" . DG B 10 ? 5.52741 5.52906 5.29382 0.21353  2.34809  0.95159  16 DG B "C4'" 
478 O "O4'" . DG B 10 ? 5.47866 5.55854 5.30955 0.15631  2.33368  0.93439  16 DG B "O4'" 
479 C "C3'" . DG B 10 ? 5.51008 5.53641 5.26406 0.17702  2.38852  0.93661  16 DG B "C3'" 
480 O "O3'" . DG B 10 ? 5.47961 5.40705 5.19241 0.13513  2.38249  0.93734  16 DG B "O3'" 
481 C "C2'" . DG B 10 ? 5.53250 5.72328 5.37048 0.12861  2.40420  0.91012  16 DG B "C2'" 
482 C "C1'" . DG B 10 ? 5.48684 5.68244 5.36198 0.10298  2.36615  0.90904  16 DG B "C1'" 
483 N N9    . DG B 10 ? 5.49281 5.83628 5.44959 0.09479  2.36467  0.89347  16 DG B N9    
484 C C8    . DG B 10 ? 5.50884 5.92526 5.49583 0.14895  2.36591  0.89616  16 DG B C8    
485 N N7    . DG B 10 ? 5.49886 6.05015 5.56409 0.12554  2.36291  0.87801  16 DG B N7    
486 C C5    . DG B 10 ? 5.48302 6.05035 5.56835 0.05036  2.36031  0.86310  16 DG B C5    
487 C C6    . DG B 10 ? 5.49540 6.18395 5.65422 -0.00448 2.35561  0.84133  16 DG B C6    
488 O O6    . DG B 10 ? 5.49232 6.30376 5.71814 0.00201  2.35294  0.82940  16 DG B O6    
489 N N1    . DG B 10 ? 5.48464 6.14167 5.63350 -0.07157 2.35267  0.83369  16 DG B N1    
490 C C2    . DG B 10 ? 5.44626 5.97316 5.52615 -0.08302 2.35348  0.84465  16 DG B C2    
491 N N2    . DG B 10 ? 5.41870 5.93596 5.49990 -0.14818 2.34854  0.83522  16 DG B N2    
492 N N3    . DG B 10 ? 5.45219 5.86623 5.46574 -0.03307 2.35760  0.86378  16 DG B N3    
493 C C4    . DG B 10 ? 5.47642 5.91703 5.49553 0.03167  2.36105  0.87254  16 DG B C4    
494 P P     . DT B 11 ? 5.57289 5.51098 5.26834 0.09148  2.42044  0.92333  17 DT B P     
495 O OP1   . DT B 11 ? 5.58437 5.37193 5.20883 0.08925  2.40854  0.93599  17 DT B OP1   
496 O OP2   . DT B 11 ? 5.63091 5.64632 5.33394 0.12230  2.45696  0.91884  17 DT B OP2   
497 O "O5'" . DT B 11 ? 5.55160 5.59877 5.31326 0.01352  2.42362  0.89891  17 DT B "O5'" 
498 C "C5'" . DT B 11 ? 5.49250 5.47592 5.24163 -0.03668 2.40327  0.89633  17 DT B "C5'" 
499 C "C4'" . DT B 11 ? 5.47904 5.57667 5.28438 -0.10868 2.41643  0.87312  17 DT B "C4'" 
500 O "O4'" . DT B 11 ? 5.48132 5.70912 5.35931 -0.11388 2.41138  0.86206  17 DT B "O4'" 
501 C "C3'" . DT B 11 ? 5.59938 5.75857 5.40585 -0.13540 2.45941  0.86074  17 DT B "C3'" 
502 O "O3'" . DT B 11 ? 5.66376 5.81879 5.47152 -0.19982 2.45965  0.85087  17 DT B "O3'" 
503 C "C2'" . DT B 11 ? 5.56896 5.89192 5.44628 -0.13663 2.47841  0.84594  17 DT B "C2'" 
504 C "C1'" . DT B 11 ? 5.51584 5.87730 5.44059 -0.15204 2.44399  0.84247  17 DT B "C1'" 
505 N N1    . DT B 11 ? 5.56461 6.05510 5.55330 -0.13001 2.44708  0.83416  17 DT B N1    
506 C C2    . DT B 11 ? 5.61145 6.22904 5.67116 -0.17772 2.44330  0.81599  17 DT B C2    
507 O O2    . DT B 11 ? 5.60732 6.23725 5.67853 -0.23761 2.43789  0.80743  17 DT B O2    
508 N N3    . DT B 11 ? 5.69757 6.42841 5.81417 -0.15092 2.44518  0.80867  17 DT B N3    
509 C C4    . DT B 11 ? 5.71193 6.44055 5.82071 -0.08087 2.44991  0.81821  17 DT B C4    
510 O O4    . DT B 11 ? 5.79574 6.63221 5.96005 -0.05921 2.44992  0.81016  17 DT B O4    
511 C C5    . DT B 11 ? 5.64319 6.23409 5.67324 -0.03347 2.45371  0.83869  17 DT B C5    
512 C C7    . DT B 11 ? 5.68963 6.26540 5.70078 0.04534  2.45789  0.85225  17 DT B C7    
513 C C6    . DT B 11 ? 5.60464 6.08443 5.57948 -0.06074 2.45219  0.84531  17 DT B C6    
514 P P     . DG B 12 ? 5.46414 5.67537 5.27248 -0.23903 2.50004  0.83885  18 DG B P     
515 O OP1   . DG B 12 ? 5.31683 5.41760 5.07563 -0.26712 2.49204  0.84318  18 DG B OP1   
516 O OP2   . DG B 12 ? 5.40832 5.65352 5.20748 -0.19583 2.53295  0.84062  18 DG B OP2   
517 O "O5'" . DG B 12 ? 5.37483 5.74165 5.26068 -0.29624 2.50519  0.81964  18 DG B "O5'" 
518 C "C5'" . DG B 12 ? 5.31356 5.67617 5.21770 -0.34545 2.47820  0.81519  18 DG B "C5'" 
519 C "C4'" . DG B 12 ? 5.27150 5.78897 5.24540 -0.39899 2.48984  0.79820  18 DG B "C4'" 
520 O "O4'" . DG B 12 ? 5.28183 5.90774 5.31220 -0.37740 2.48790  0.79180  18 DG B "O4'" 
521 C "C3'" . DG B 12 ? 5.32195 5.91702 5.30561 -0.42769 2.52994  0.78970  18 DG B "C3'" 
522 O "O3'" . DG B 12 ? 5.32521 6.01180 5.35468 -0.49031 2.52843  0.77954  18 DG B "O3'" 
523 C "C2'" . DG B 12 ? 5.37766 6.07158 5.39419 -0.38879 2.55338  0.78469  18 DG B "C2'" 
524 C "C1'" . DG B 12 ? 5.37638 6.12314 5.44069 -0.37844 2.52464  0.78150  18 DG B "C1'" 
525 N N9    . DG B 12 ? 5.42219 6.19171 5.49619 -0.31647 2.52802  0.78429  18 DG B N9    
526 C C8    . DG B 12 ? 5.44109 6.10830 5.46035 -0.25491 2.53098  0.79881  18 DG B C8    
527 N N7    . DG B 12 ? 5.48696 6.20182 5.52940 -0.20484 2.53141  0.79983  18 DG B N7    
528 C C5    . DG B 12 ? 5.49613 6.35526 5.61589 -0.23615 2.52818  0.78335  18 DG B C5    
529 C C6    . DG B 12 ? 5.54175 6.50959 5.71892 -0.20645 2.52625  0.77575  18 DG B C6    
530 O O6    . DG B 12 ? 5.56945 6.52547 5.73893 -0.14276 2.52671  0.78343  18 DG B O6    
531 N N1    . DG B 12 ? 5.56122 6.66213 5.81022 -0.25732 2.52209  0.75821  18 DG B N1    
532 C C2    . DG B 12 ? 5.56241 6.68668 5.82322 -0.32692 2.52004  0.75123  18 DG B C2    
533 N N2    . DG B 12 ? 5.57544 6.83460 5.90715 -0.36796 2.51503  0.73616  18 DG B N2    
534 N N3    . DG B 12 ? 5.51377 6.53615 5.72047 -0.35321 2.52170  0.75930  18 DG B N3    
535 C C4    . DG B 12 ? 5.46526 6.35907 5.60434 -0.30552 2.52590  0.77420  18 DG B C4    
536 P P     . DC B 13 ? 5.32382 6.09045 5.36750 -0.53578 2.56347  0.77266  19 DC B P     
537 O OP1   . DC B 13 ? 5.34952 6.02773 5.35698 -0.57398 2.55259  0.77730  19 DC B OP1   
538 O OP2   . DC B 13 ? 5.37203 6.15991 5.40127 -0.50156 2.59958  0.77239  19 DC B OP2   
539 O "O5'" . DC B 13 ? 5.28335 6.21812 5.40882 -0.57423 2.56339  0.76104  19 DC B "O5'" 
540 C "C5'" . DC B 13 ? 5.22678 6.23776 5.39776 -0.54664 2.55284  0.75536  19 DC B "C5'" 
541 C "C4'" . DC B 13 ? 5.23465 6.41010 5.46491 -0.55458 2.58283  0.74412  19 DC B "C4'" 
542 O "O4'" . DC B 13 ? 5.20973 6.41751 5.45549 -0.49823 2.58663  0.74059  19 DC B "O4'" 
543 C "C3'" . DC B 13 ? 5.30734 6.50418 5.52013 -0.56588 2.62192  0.74418  19 DC B "C3'" 
544 O "O3'" . DC B 13 ? 5.30973 6.67154 5.58745 -0.59924 2.64249  0.73493  19 DC B "O3'" 
545 C "C2'" . DC B 13 ? 5.32840 6.47661 5.50763 -0.50055 2.63817  0.74671  19 DC B "C2'" 
546 C "C1'" . DC B 13 ? 5.26450 6.49536 5.49593 -0.47287 2.62359  0.73940  19 DC B "C1'" 
547 N N1    . DC B 13 ? 5.25861 6.41986 5.45912 -0.40097 2.62170  0.74561  19 DC B N1    
548 C C2    . DC B 13 ? 5.20530 6.44182 5.45239 -0.36716 2.61146  0.73941  19 DC B C2    
549 O O2    . DC B 13 ? 5.16325 6.52411 5.47718 -0.39942 2.60432  0.72717  19 DC B O2    
550 N N3    . DC B 13 ? 5.20220 6.37343 5.41977 -0.29853 2.60897  0.74807  19 DC B N3    
551 C C4    . DC B 13 ? 5.25012 6.28689 5.39389 -0.26552 2.61604  0.76266  19 DC B C4    
552 N N4    . DC B 13 ? 5.24703 6.22276 5.36178 -0.19631 2.61198  0.77370  19 DC B N4    
553 C C5    . DC B 13 ? 5.30397 6.26300 5.40028 -0.30090 2.62655  0.76747  19 DC B C5    
554 C C6    . DC B 13 ? 5.30586 6.33095 5.43324 -0.36725 2.62911  0.75843  19 DC B C6    
555 P P     . DA B 14 ? 5.05972 6.51309 5.38890 -0.66543 2.62959  0.73378  20 DA B P     
556 O OP1   . DA B 14 ? 5.01874 6.38503 5.33254 -0.68073 2.59036  0.73883  20 DA B OP1   
557 O OP2   . DA B 14 ? 5.12165 6.60999 5.44746 -0.70226 2.65865  0.73747  20 DA B OP2   
558 O "O5'" . DA B 14 ? 5.01549 6.64022 5.42454 -0.66290 2.63342  0.72217  20 DA B "O5'" 
559 C "C5'" . DA B 14 ? 4.99236 6.63269 5.40901 -0.60583 2.63693  0.71435  20 DA B "C5'" 
560 C "C4'" . DA B 14 ? 5.03544 6.77003 5.47044 -0.58942 2.67710  0.70751  20 DA B "C4'" 
561 O "O4'" . DA B 14 ? 5.03653 6.72120 5.44625 -0.52167 2.68402  0.70535  20 DA B "O4'" 
562 C "C3'" . DA B 14 ? 5.11077 6.81596 5.50923 -0.61134 2.70725  0.71455  20 DA B "C3'" 
563 O "O3'" . DA B 14 ? 5.13326 6.99157 5.58465 -0.63623 2.73599  0.70870  20 DA B "O3'" 
564 C "C2'" . DA B 14 ? 5.14785 6.74176 5.48416 -0.55232 2.72214  0.71782  20 DA B "C2'" 
565 C "C1'" . DA B 14 ? 5.10547 6.76753 5.47944 -0.50507 2.71944  0.70806  20 DA B "C1'" 
566 N N9    . DA B 14 ? 5.11719 6.66452 5.43727 -0.43790 2.71993  0.71443  20 DA B N9    
567 C C8    . DA B 14 ? 5.17052 6.58058 5.41559 -0.41570 2.72999  0.72642  20 DA B C8    
568 N N7    . DA B 14 ? 5.17051 6.49874 5.37855 -0.35149 2.72671  0.73325  20 DA B N7    
569 C C5    . DA B 14 ? 5.18942 6.60746 5.45292 -0.32862 2.71392  0.72474  20 DA B C5    
570 C C6    . DA B 14 ? 5.27303 6.66791 5.53359 -0.26186 2.70395  0.72820  20 DA B C6    
571 N N6    . DA B 14 ? 5.30829 6.57597 5.50236 -0.20450 2.70539  0.74336  20 DA B N6    
572 N N1    . DA B 14 ? 5.30182 6.80976 5.63023 -0.25515 2.69162  0.71666  20 DA B N1    
573 C C2    . DA B 14 ? 5.23360 6.86830 5.62693 -0.31381 2.68954  0.70239  20 DA B C2    
574 N N3    . DA B 14 ? 5.16644 6.83497 5.56750 -0.37913 2.69745  0.69990  20 DA B N3    
575 C C4    . DA B 14 ? 5.15025 6.70476 5.48404 -0.38220 2.70980  0.71174  20 DA B C4    
576 P P     . DT B 15 ? 5.44564 7.44913 5.97026 -0.69576 2.72784  0.70883  21 DT B P     
577 O OP1   . DT B 15 ? 5.24484 7.21676 5.78171 -0.71290 2.68728  0.71117  21 DT B OP1   
578 O OP2   . DT B 15 ? 5.31153 7.33377 5.82848 -0.73652 2.75191  0.71905  21 DT B OP2   
579 O "O5'" . DT B 15 ? 5.37327 7.54069 5.96547 -0.67738 2.74443  0.69412  21 DT B "O5'" 
580 C "C5'" . DT B 15 ? 5.35267 7.49763 5.93743 -0.61644 2.74532  0.68244  21 DT B "C5'" 
581 C "C4'" . DT B 15 ? 5.34718 7.54249 5.93045 -0.58743 2.78578  0.67591  21 DT B "C4'" 
582 O "O4'" . DT B 15 ? 5.40792 7.47769 5.93193 -0.52397 2.78985  0.67758  21 DT B "O4'" 
583 C "C3'" . DT B 15 ? 5.37725 7.58348 5.94175 -0.62161 2.81619  0.68515  21 DT B "C3'" 
584 O "O3'" . DT B 15 ? 5.32431 7.70395 5.95550 -0.64767 2.83853  0.67873  21 DT B "O3'" 
585 C "C2'" . DT B 15 ? 5.49122 7.58499 5.98791 -0.57161 2.83972  0.68738  21 DT B "C2'" 
586 C "C1'" . DT B 15 ? 5.48123 7.55406 5.98053 -0.50993 2.82808  0.67858  21 DT B "C1'" 
587 N N1    . DT B 15 ? 5.57838 7.49196 6.00008 -0.45279 2.83120  0.68759  21 DT B N1    
588 C C2    . DT B 15 ? 5.59778 7.46009 6.01011 -0.39442 2.81385  0.68697  21 DT B C2    
589 O O2    . DT B 15 ? 5.54125 7.47980 6.00650 -0.38654 2.79573  0.67747  21 DT B O2    
590 N N3    . DT B 15 ? 5.67224 7.38879 6.01024 -0.34427 2.81764  0.69944  21 DT B N3    
591 C C4    . DT B 15 ? 5.73226 7.35177 6.00661 -0.34806 2.83696  0.70980  21 DT B C4    
592 O O4    . DT B 15 ? 5.77602 7.26644 5.98505 -0.30082 2.83804  0.72130  21 DT B O4    
593 C C5    . DT B 15 ? 5.71928 7.40007 6.00928 -0.41048 2.85509  0.70760  21 DT B C5    
594 C C7    . DT B 15 ? 5.80455 7.39073 6.03182 -0.41966 2.87651  0.71752  21 DT B C7    
595 C C6    . DT B 15 ? 5.64098 7.46412 6.00267 -0.45825 2.85133  0.69792  21 DT B C6    
596 P P     . DC C 1  ? 2.78195 3.71064 3.75055 0.23231  -0.48781 -0.51742 19 DC C P     
597 O OP1   . DC C 1  ? 2.72335 3.52817 3.62144 0.27799  -0.57094 -0.50426 19 DC C OP1   
598 O OP2   . DC C 1  ? 2.92160 4.00777 4.04285 0.25736  -0.48142 -0.60313 19 DC C OP2   
599 O "O5'" . DC C 1  ? 2.85958 3.82965 3.84838 0.13958  -0.41476 -0.46794 19 DC C "O5'" 
600 C "C5'" . DC C 1  ? 3.01253 4.13547 4.13269 0.09158  -0.34655 -0.50397 19 DC C "C5'" 
601 C "C4'" . DC C 1  ? 3.04233 4.17342 4.17602 0.01645  -0.29856 -0.46394 19 DC C "C4'" 
602 O "O4'" . DC C 1  ? 3.09584 4.36793 4.39711 -0.00547 -0.28469 -0.53423 19 DC C "O4'" 
603 C "C3'" . DC C 1  ? 3.13655 4.26892 4.21021 -0.04809 -0.20265 -0.40722 19 DC C "C3'" 
604 O "O3'" . DC C 1  ? 3.19535 4.26585 4.21385 -0.10039 -0.17697 -0.34759 19 DC C "O3'" 
605 C "C2'" . DC C 1  ? 3.28010 4.57294 4.50027 -0.07520 -0.14215 -0.47190 19 DC C "C2'" 
606 C "C1'" . DC C 1  ? 3.22676 4.59804 4.58647 -0.06471 -0.18890 -0.54250 19 DC C "C1'" 
607 N N1    . DC C 1  ? 3.22690 4.74985 4.73725 -0.03746 -0.19225 -0.63865 19 DC C N1    
608 C C2    . DC C 1  ? 3.20934 4.87374 4.87247 -0.08503 -0.14831 -0.70186 19 DC C C2    
609 O O2    . DC C 1  ? 3.22578 4.87691 4.89116 -0.15100 -0.10414 -0.67473 19 DC C O2    
610 N N3    . DC C 1  ? 3.14978 4.96138 4.95191 -0.05811 -0.15324 -0.79437 19 DC C N3    
611 C C4    . DC C 1  ? 3.13971 4.95132 4.92519 0.01625  -0.19989 -0.81942 19 DC C C4    
612 N N4    . DC C 1  ? 3.11568 5.07667 5.03844 0.04490  -0.20468 -0.91208 19 DC C N4    
613 C C5    . DC C 1  ? 3.18412 4.84137 4.80868 0.06359  -0.24148 -0.75404 19 DC C C5    
614 C C6    . DC C 1  ? 3.20696 4.72880 4.70206 0.03265  -0.23542 -0.66743 19 DC C C6    
615 P P     . DA C 2  ? 3.30334 4.34628 4.22643 -0.16091 -0.08210 -0.27582 20 DA C P     
616 O OP1   . DA C 2  ? 3.03032 3.94416 3.82586 -0.17437 -0.09997 -0.20037 20 DA C OP1   
617 O OP2   . DA C 2  ? 3.26105 4.32983 4.14496 -0.14381 -0.04947 -0.27596 20 DA C OP2   
618 O "O5'" . DA C 2  ? 3.37435 4.52672 4.41866 -0.22328 -0.00599 -0.30953 20 DA C "O5'" 
619 C "C5'" . DA C 2  ? 3.36945 4.50225 4.34862 -0.28299 0.08709  -0.25528 20 DA C "C5'" 
620 C "C4'" . DA C 2  ? 3.44245 4.64813 4.53291 -0.34297 0.14319  -0.29201 20 DA C "C4'" 
621 O "O4'" . DA C 2  ? 3.46759 4.80634 4.72968 -0.32707 0.11675  -0.39060 20 DA C "O4'" 
622 C "C3'" . DA C 2  ? 3.52246 4.75492 4.58992 -0.40098 0.25995  -0.27028 20 DA C "C3'" 
623 O "O3'" . DA C 2  ? 3.53042 4.77499 4.65217 -0.46379 0.31127  -0.28287 20 DA C "O3'" 
624 C "C2'" . DA C 2  ? 3.56784 4.93078 4.74908 -0.38640 0.27746  -0.34220 20 DA C "C2'" 
625 C "C1'" . DA C 2  ? 3.53283 4.97497 4.86357 -0.36065 0.20100  -0.42601 20 DA C "C1'" 
626 N N9    . DA C 2  ? 3.51594 5.04914 4.93002 -0.30660 0.15911  -0.49125 20 DA C N9    
627 C C8    . DA C 2  ? 3.49079 4.97448 4.83830 -0.23854 0.09209  -0.47834 20 DA C C8    
628 N N7    . DA C 2  ? 3.47125 5.05236 4.91367 -0.19826 0.06894  -0.54851 20 DA C N7    
629 C C5    . DA C 2  ? 3.47503 5.18880 5.06316 -0.24360 0.12243  -0.61425 20 DA C C5    
630 C C6    . DA C 2  ? 3.40913 5.27601 5.14954 -0.23224 0.12958  -0.70778 20 DA C C6    
631 N N6    . DA C 2  ? 3.41808 5.32335 5.18336 -0.16385 0.07853  -0.74820 20 DA C N6    
632 N N1    . DA C 2  ? 3.31713 5.29440 5.18003 -0.29502 0.19426  -0.76089 20 DA C N1    
633 C C2    . DA C 2  ? 3.38269 5.30771 5.20954 -0.36417 0.25029  -0.72000 20 DA C C2    
634 N N3    . DA C 2  ? 3.43293 5.21120 5.11613 -0.37724 0.24869  -0.62957 20 DA C N3    
635 C C4    . DA C 2  ? 3.48753 5.17075 5.05921 -0.31357 0.18089  -0.58095 20 DA C C4    
636 P P     . DC C 3  ? 3.41064 4.62766 4.46530 -0.53158 0.43833  -0.24130 21 DC C P     
637 O OP1   . DC C 3  ? 3.38409 4.58921 4.48756 -0.59064 0.46972  -0.25657 21 DC C OP1   
638 O OP2   . DC C 3  ? 3.40203 4.51028 4.27150 -0.51034 0.45564  -0.14899 21 DC C OP2   
639 O "O5'" . DC C 3  ? 3.51236 4.86264 4.67627 -0.54724 0.50147  -0.30768 21 DC C "O5'" 
640 C "C5'" . DC C 3  ? 3.49555 4.98178 4.84773 -0.56270 0.49144  -0.40933 21 DC C "C5'" 
641 C "C4'" . DC C 3  ? 3.49859 5.09780 4.92594 -0.57272 0.55399  -0.45915 21 DC C "C4'" 
642 O "O4'" . DC C 3  ? 3.58280 5.26033 5.08285 -0.50494 0.47389  -0.50868 21 DC C "O4'" 
643 C "C3'" . DC C 3  ? 3.31333 4.85130 4.60127 -0.58371 0.63829  -0.38903 21 DC C "C3'" 
644 O "O3'" . DC C 3  ? 3.20955 4.81048 4.55339 -0.64599 0.74741  -0.42358 21 DC C "O3'" 
645 C "C2'" . DC C 3  ? 3.34899 4.92540 4.62979 -0.51635 0.58477  -0.39589 21 DC C "C2'" 
646 C "C1'" . DC C 3  ? 3.40552 5.11206 4.87037 -0.49667 0.52549  -0.49796 21 DC C "C1'" 
647 N N1    . DC C 3  ? 3.36349 5.09888 4.84130 -0.42062 0.44288  -0.51949 21 DC C N1    
648 C C2    . DC C 3  ? 3.21752 5.09128 4.83653 -0.40234 0.43613  -0.60644 21 DC C C2    
649 O O2    . DC C 3  ? 3.10715 5.08434 4.84408 -0.45238 0.49721  -0.66641 21 DC C O2    
650 N N3    . DC C 3  ? 3.20171 5.09013 4.82196 -0.33129 0.36511  -0.62558 21 DC C N3    
651 C C4    . DC C 3  ? 3.28038 5.05012 4.76745 -0.28556 0.30712  -0.56318 21 DC C C4    
652 N N4    . DC C 3  ? 3.36041 5.13694 4.84445 -0.21942 0.24494  -0.58643 21 DC C N4    
653 C C5    . DC C 3  ? 3.34194 4.97865 4.68968 -0.30643 0.31296  -0.47690 21 DC C C5    
654 C C6    . DC C 3  ? 3.35817 4.98299 4.70573 -0.37113 0.37973  -0.45669 21 DC C C6    
655 P P     . DC C 4  ? 3.44955 4.94218 4.66585 -0.70990 0.86173  -0.35847 22 DC C P     
656 O OP1   . DC C 4  ? 3.71105 5.08139 4.83385 -0.70828 0.81982  -0.29920 22 DC C OP1   
657 O OP2   . DC C 4  ? 3.42405 4.88785 4.52461 -0.69658 0.92733  -0.30848 22 DC C OP2   
658 O "O5'" . DC C 4  ? 3.41530 5.00098 4.77751 -0.78916 0.94193  -0.44308 22 DC C "O5'" 
659 C "C5'" . DC C 4  ? 3.35977 4.86659 4.64568 -0.86120 1.05912  -0.41357 22 DC C "C5'" 
660 C "C4'" . DC C 4  ? 3.30329 4.81004 4.66913 -0.91881 1.06303  -0.45537 22 DC C "C4'" 
661 O "O4'" . DC C 4  ? 3.30399 4.70885 4.57145 -0.99238 1.18859  -0.42051 22 DC C "O4'" 
662 C "C3'" . DC C 4  ? 3.37928 4.80525 4.69665 -0.88304 0.96325  -0.41252 22 DC C "C3'" 
663 O "O3'" . DC C 4  ? 3.29569 4.78365 4.75021 -0.92496 0.94272  -0.48526 22 DC C "O3'" 
664 C "C2'" . DC C 4  ? 3.42287 4.67002 4.52843 -0.89867 1.02811  -0.30450 22 DC C "C2'" 
665 C "C1'" . DC C 4  ? 3.34653 4.59038 4.45180 -0.98067 1.17283  -0.32818 22 DC C "C1'" 
666 N N1    . DC C 4  ? 3.42059 4.53675 4.32499 -0.97793 1.26361  -0.23852 22 DC C N1    
667 C C2    . DC C 4  ? 3.45085 4.43720 4.23712 -1.03742 1.37014  -0.19764 22 DC C C2    
668 O O2    . DC C 4  ? 3.48382 4.46212 4.33621 -1.09689 1.38796  -0.23576 22 DC C O2    
669 N N3    . DC C 4  ? 3.54092 4.40797 4.13376 -1.02465 1.45049  -0.11665 22 DC C N3    
670 C C4    . DC C 4  ? 3.50099 4.38989 4.03015 -0.96008 1.42821  -0.08196 22 DC C C4    
671 N N4    . DC C 4  ? 3.59690 4.37299 3.93260 -0.94419 1.50843  -0.00583 22 DC C N4    
672 C C5    . DC C 4  ? 3.44453 4.46787 4.09824 -0.90621 1.32331  -0.12489 22 DC C C5    
673 C C6    . DC C 4  ? 3.44003 4.56694 4.27393 -0.91590 1.24504  -0.20071 22 DC C C6    
674 P P     . DC C 5  ? 3.41122 4.87639 4.88918 -0.88043 0.81472  -0.48108 23 DC C P     
675 O OP1   . DC C 5  ? 3.32368 4.93484 5.00446 -0.90662 0.78518  -0.59578 23 DC C OP1   
676 O OP2   . DC C 5  ? 3.53776 4.96917 4.94116 -0.79006 0.71861  -0.43074 23 DC C OP2   
677 O "O5'" . DC C 5  ? 3.37900 4.67387 4.70410 -0.92007 0.85814  -0.39693 23 DC C "O5'" 
678 C "C5'" . DC C 5  ? 3.37478 4.63404 4.68890 -1.01055 0.98008  -0.40838 23 DC C "C5'" 
679 C "C4'" . DC C 5  ? 3.36308 4.44753 4.51634 -1.02847 0.99870  -0.32033 23 DC C "C4'" 
680 O "O4'" . DC C 5  ? 3.44900 4.40318 4.40925 -1.03180 1.08998  -0.23085 23 DC C "O4'" 
681 C "C3'" . DC C 5  ? 3.29947 4.32154 4.39368 -0.95722 0.87128  -0.26597 23 DC C "C3'" 
682 O "O3'" . DC C 5  ? 3.22361 4.16425 4.29115 -0.99282 0.86598  -0.24878 23 DC C "O3'" 
683 C "C2'" . DC C 5  ? 3.33032 4.23638 4.22731 -0.90806 0.88295  -0.16115 23 DC C "C2'" 
684 C "C1'" . DC C 5  ? 3.41459 4.24359 4.21283 -0.97194 1.02836  -0.13231 23 DC C "C1'" 
685 N N1    . DC C 5  ? 3.49059 4.26132 4.13644 -0.93401 1.07410  -0.06280 23 DC C N1    
686 C C2    . DC C 5  ? 3.52592 4.16338 3.99967 -0.96359 1.18643  0.00394  23 DC C C2    
687 O O2    . DC C 5  ? 3.53575 4.09673 3.98390 -1.02539 1.25041  0.00528  23 DC C O2    
688 N N3    . DC C 5  ? 3.50948 4.10311 3.84353 -0.92125 1.22350  0.06360  23 DC C N3    
689 C C4    . DC C 5  ? 3.51374 4.19335 3.88143 -0.85925 1.15530  0.05638  23 DC C C4    
690 N N4    . DC C 5  ? 3.54426 4.18641 3.77428 -0.81969 1.19516  0.11153  23 DC C N4    
691 C C5    . DC C 5  ? 3.54665 4.35148 4.08438 -0.83243 1.04468  -0.00949 23 DC C C5    
692 C C6    . DC C 5  ? 3.50867 4.35324 4.17704 -0.86764 1.00668  -0.06604 23 DC C C6    
693 P P     . DG C 6  ? 3.57595 4.53179 4.70503 -0.94556 0.72711  -0.26157 24 DG C P     
694 O OP1   . DG C 6  ? 3.49967 4.58252 4.82124 -0.99233 0.72029  -0.37068 24 DG C OP1   
695 O OP2   . DG C 6  ? 3.61196 4.59072 4.72149 -0.85568 0.62870  -0.24028 24 DG C OP2   
696 O "O5'" . DG C 6  ? 3.45758 4.23115 4.41200 -0.95411 0.73303  -0.16300 24 DG C "O5'" 
697 C "C5'" . DG C 6  ? 3.44456 4.13394 4.34059 -1.03387 0.84269  -0.14766 24 DG C "C5'" 
698 C "C4'" . DG C 6  ? 3.49600 4.02061 4.16398 -1.02446 0.91154  -0.03622 24 DG C "C4'" 
699 O "O4'" . DG C 6  ? 3.56568 4.12657 4.19379 -0.98161 0.92682  -0.01948 24 DG C "O4'" 
700 C "C3'" . DG C 6  ? 3.46469 3.86131 3.98491 -0.96956 0.83421  0.05673  24 DG C "C3'" 
701 O "O3'" . DG C 6  ? 3.44260 3.71657 3.87955 -1.01787 0.88008  0.09369  24 DG C "O3'" 
702 C "C2'" . DG C 6  ? 3.59553 3.92281 3.94538 -0.91864 0.86073  0.13773  24 DG C "C2'" 
703 C "C1'" . DG C 6  ? 3.60847 4.02728 4.02381 -0.94489 0.94615  0.08697  24 DG C "C1'" 
704 N N9    . DG C 6  ? 3.65063 4.11179 4.02718 -0.87883 0.91319  0.10863  24 DG C N9    
705 C C8    . DG C 6  ? 3.72163 4.28997 4.20112 -0.82452 0.81148  0.06971  24 DG C C8    
706 N N7    . DG C 6  ? 3.73718 4.31260 4.14032 -0.77537 0.80982  0.10298  24 DG C N7    
707 C C5    . DG C 6  ? 3.69570 4.16677 3.93482 -0.79320 0.91253  0.16861  24 DG C C5    
708 C C6    . DG C 6  ? 3.68313 4.11947 3.78053 -0.75558 0.95732  0.22404  24 DG C C6    
709 O O6    . DG C 6  ? 3.69222 4.18833 3.78606 -0.70325 0.91580  0.22476  24 DG C O6    
710 N N1    . DG C 6  ? 3.68755 4.00433 3.62981 -0.78271 1.06357  0.28109  24 DG C N1    
711 C C2    . DG C 6  ? 3.67362 3.90654 3.59761 -0.84347 1.12308  0.28460  24 DG C C2    
712 N N2    . DG C 6  ? 3.77723 3.88251 3.52557 -0.85713 1.22719  0.34563  24 DG C N2    
713 N N3    . DG C 6  ? 3.66185 3.93013 3.72290 -0.88537 1.08426  0.23112  24 DG C N3    
714 C C4    . DG C 6  ? 3.70724 4.09955 3.92270 -0.85510 0.97720  0.17474  24 DG C C4    
715 P P     . DT C 7  ? 3.89901 4.02268 4.16473 -0.97257 0.81987  0.19451  25 DT C P     
716 O OP1   . DT C 7  ? 3.88047 3.92874 4.14194 -1.03187 0.84872  0.19332  25 DT C OP1   
717 O OP2   . DT C 7  ? 3.84396 4.02335 4.15034 -0.89596 0.68513  0.19551  25 DT C OP2   
718 O "O5'" . DT C 7  ? 3.96072 3.96239 4.00614 -0.94938 0.90158  0.28817  25 DT C "O5'" 
719 C "C5'" . DT C 7  ? 4.01744 3.94096 3.97777 -1.00821 1.04273  0.30155  25 DT C "C5'" 
720 C "C4'" . DT C 7  ? 4.05790 3.90022 3.82589 -0.96387 1.10189  0.37915  25 DT C "C4'" 
721 O "O4'" . DT C 7  ? 4.09063 4.05646 3.93013 -0.92242 1.07090  0.34821  25 DT C "O4'" 
722 C "C3'" . DT C 7  ? 4.00059 3.72807 3.58277 -0.89652 1.04783  0.47692  25 DT C "C3'" 
723 O "O3'" . DT C 7  ? 4.03897 3.60640 3.47103 -0.92552 1.11687  0.53401  25 DT C "O3'" 
724 C "C2'" . DT C 7  ? 3.97103 3.70938 3.44493 -0.84013 1.07517  0.51474  25 DT C "C2'" 
725 C "C1'" . DT C 7  ? 4.04748 3.94592 3.70537 -0.85919 1.08065  0.42737  25 DT C "C1'" 
726 N N1    . DT C 7  ? 4.03822 4.04365 3.75821 -0.79365 0.97714  0.41343  25 DT C N1    
727 C C2    . DT C 7  ? 4.02104 4.02171 3.62151 -0.73809 0.99039  0.45814  25 DT C C2    
728 O O2    . DT C 7  ? 3.98249 3.89804 3.42536 -0.73328 1.08003  0.51009  25 DT C O2    
729 N N3    . DT C 7  ? 4.00470 4.10208 3.67142 -0.68611 0.89652  0.43744  25 DT C N3    
730 C C4    . DT C 7  ? 3.98106 4.16586 3.80751 -0.67926 0.79342  0.38108  25 DT C C4    
731 O O4    . DT C 7  ? 3.95348 4.20621 3.81481 -0.63064 0.71940  0.36718  25 DT C O4    
732 C C5    . DT C 7  ? 3.99818 4.18508 3.94050 -0.73150 0.78089  0.33778  25 DT C C5    
733 C C7    . DT C 7  ? 4.02191 4.29891 4.13158 -0.71959 0.67068  0.27418  25 DT C C7    
734 C C6    . DT C 7  ? 4.01066 4.11402 3.89954 -0.78804 0.87213  0.35424  25 DT C C6    
735 O "O5'" . DC D 1  ? 5.63802 5.87650 5.42818 0.16008  2.25648  -1.22522 1  DC F "O5'" 
736 C "C5'" . DC D 1  ? 5.52340 5.96947 5.33326 0.22357  2.18532  -1.21174 1  DC F "C5'" 
737 C "C4'" . DC D 1  ? 5.54989 5.96720 5.31727 0.29415  2.18985  -1.17865 1  DC F "C4'" 
738 O "O4'" . DC D 1  ? 5.40392 6.02480 5.18918 0.37068  2.11054  -1.14039 1  DC F "O4'" 
739 C "C3'" . DC D 1  ? 5.55941 5.81727 5.30442 0.34293  2.21503  -1.07787 1  DC F "C3'" 
740 O "O3'" . DC D 1  ? 5.66139 5.84381 5.37511 0.38109  2.25832  -1.07196 1  DC F "O3'" 
741 C "C2'" . DC D 1  ? 5.36679 5.76811 5.13767 0.41754  2.13205  -0.98149 1  DC F "C2'" 
742 C "C1'" . DC D 1  ? 5.28802 5.91744 5.07692 0.45229  2.07237  -1.02329 1  DC F "C1'" 
743 N N1    . DC D 1  ? 5.14607 5.96124 4.96409 0.48762  1.98431  -0.98055 1  DC F N1    
744 C C2    . DC D 1  ? 5.08614 6.04338 4.91197 0.57713  1.91503  -0.90197 1  DC F C2    
745 O O2    . DC D 1  ? 5.02734 5.96447 4.85277 0.62216  1.93039  -0.87050 1  DC F O2    
746 N N3    . DC D 1  ? 5.04689 6.15570 4.88418 0.61000  1.83721  -0.85961 1  DC F N3    
747 C C4    . DC D 1  ? 4.96891 6.08161 4.81589 0.55920  1.83414  -0.88967 1  DC F C4    
748 N N4    . DC D 1  ? 4.80440 6.03265 4.65313 0.59763  1.76824  -0.83561 1  DC F N4    
749 C C5    . DC D 1  ? 5.00959 5.99948 4.86842 0.46523  1.90519  -0.97229 1  DC F C5    
750 C C6    . DC D 1  ? 5.10089 5.94629 4.94144 0.43134  1.97581  -1.01612 1  DC F C6    
751 P P     . DT D 2  ? 5.78388 5.73634 5.48111 0.40710  2.32589  -0.98298 2  DT F P     
752 O OP1   . DT D 2  ? 5.65715 5.48244 5.30635 0.39318  2.40306  -1.03864 2  DT F OP1   
753 O OP2   . DT D 2  ? 5.61939 5.43151 5.31502 0.35758  2.34265  -0.94921 2  DT F OP2   
754 O "O5'" . DT D 2  ? 5.41227 5.46273 5.14653 0.51171  2.27835  -0.85894 2  DT F "O5'" 
755 C "C5'" . DT D 2  ? 5.26761 5.30897 5.02253 0.53649  2.23974  -0.75075 2  DT F "C5'" 
756 C "C4'" . DT D 2  ? 5.11388 5.33619 4.90947 0.62276  2.16846  -0.66640 2  DT F "C4'" 
757 O "O4'" . DT D 2  ? 4.98537 5.43679 4.79180 0.61482  2.07530  -0.71531 2  DT F "O4'" 
758 C "C3'" . DT D 2  ? 5.12688 5.22491 4.93065 0.67734  2.17335  -0.49137 2  DT F "C3'" 
759 O "O3'" . DT D 2  ? 5.15315 5.33760 5.00613 0.76590  2.15300  -0.39445 2  DT F "O3'" 
760 C "C2'" . DT D 2  ? 5.02519 5.20952 4.80458 0.66049  2.09865  -0.47780 2  DT F "C2'" 
761 C "C1'" . DT D 2  ? 4.91389 5.38964 4.72684 0.65505  2.02261  -0.59844 2  DT F "C1'" 
762 N N1    . DT D 2  ? 4.83644 5.42422 4.63260 0.61958  1.96081  -0.64192 2  DT F N1    
763 C C2    . DT D 2  ? 4.72339 5.48166 4.53134 0.65917  1.87243  -0.59174 2  DT F C2    
764 O O2    . DT D 2  ? 4.63715 5.45735 4.47342 0.71706  1.83787  -0.51140 2  DT F O2    
765 N N3    . DT D 2  ? 4.80759 5.64666 4.59426 0.62843  1.82848  -0.62996 2  DT F N3    
766 C C4    . DT D 2  ? 4.88240 5.64537 4.64775 0.56777  1.86703  -0.69957 2  DT F C4    
767 O O4    . DT D 2  ? 4.85121 5.68729 4.60462 0.55382  1.83106  -0.71393 2  DT F O4    
768 C C5    . DT D 2  ? 4.92736 5.50958 4.69008 0.51871  1.95727  -0.75041 2  DT F C5    
769 C C7    . DT D 2  ? 4.94667 5.42990 4.70176 0.43710  2.00774  -0.82791 2  DT F C7    
770 C C6    . DT D 2  ? 4.88479 5.38830 4.65645 0.54636  1.99771  -0.72257 2  DT F C6    
771 P P     . DG D 3  ? 5.08356 5.13330 4.95692 0.85124  2.16597  -0.16350 3  DG F P     
772 O OP1   . DG D 3  ? 5.07219 5.20070 5.01447 0.93841  2.16655  -0.08205 3  DG F OP1   
773 O OP2   . DG D 3  ? 5.22328 4.98639 5.05590 0.81593  2.25576  -0.11182 3  DG F OP2   
774 O "O5'" . DG D 3  ? 4.91765 5.08560 4.76104 0.86862  2.06456  -0.09688 3  DG F "O5'" 
775 C "C5'" . DG D 3  ? 4.75833 5.18926 4.63854 0.90566  1.96359  -0.11234 3  DG F "C5'" 
776 C "C4'" . DG D 3  ? 4.63416 5.10852 4.46294 0.94131  1.87647  0.00855  3  DG F "C4'" 
777 O "O4'" . DG D 3  ? 4.59992 5.12883 4.37458 0.85972  1.84567  -0.12851 3  DG F "O4'" 
778 C "C3'" . DG D 3  ? 4.69914 4.93841 4.46439 0.99287  1.91250  0.22748  3  DG F "C3'" 
779 O "O3'" . DG D 3  ? 4.68235 5.03223 4.42263 1.07852  1.81094  0.40454  3  DG F "O3'" 
780 C "C2'" . DG D 3  ? 4.78258 4.85797 4.44007 0.90162  1.95042  0.13803  3  DG F "C2'" 
781 C "C1'" . DG D 3  ? 4.65541 4.97865 4.32007 0.85773  1.86273  -0.02103 3  DG F "C1'" 
782 N N9    . DG D 3  ? 4.71638 4.98899 4.34390 0.75780  1.89501  -0.17593 3  DG F N9    
783 C C8    . DG D 3  ? 4.84307 5.00695 4.49210 0.68677  1.97738  -0.29057 3  DG F C8    
784 N N7    . DG D 3  ? 4.87656 5.03788 4.49619 0.61470  1.97907  -0.39523 3  DG F N7    
785 C C5    . DG D 3  ? 4.78381 5.05161 4.35811 0.63740  1.90034  -0.35491 3  DG F C5    
786 C C6    . DG D 3  ? 4.73086 5.04225 4.26610 0.59365  1.87270  -0.41582 3  DG F C6    
787 O O6    . DG D 3  ? 4.81233 5.08274 4.35614 0.52837  1.91271  -0.51067 3  DG F O6    
788 N N1    . DG D 3  ? 4.61946 5.02455 4.10003 0.64006  1.79006  -0.34010 3  DG F N1    
789 C C2    . DG D 3  ? 4.53766 4.99105 3.99836 0.72301  1.73018  -0.20920 3  DG F C2    
790 N N2    . DG D 3  ? 4.44459 4.98014 3.83143 0.76210  1.63856  -0.14103 3  DG F N2    
791 N N3    . DG D 3  ? 4.54934 4.98065 4.06140 0.77206  1.75217  -0.13874 3  DG F N3    
792 C C4    . DG D 3  ? 4.66164 4.99437 4.23031 0.72309  1.84394  -0.22257 3  DG F C4    
793 P P     . DT D 4  ? 4.80210 4.93474 4.48962 1.09279  1.70686  0.67777  4  DT F P     
794 O OP1   . DT D 4  ? 4.70668 4.92935 4.52572 1.18491  1.67887  0.84530  4  DT F OP1   
795 O OP2   . DT D 4  ? 4.97384 4.78802 4.58021 1.01093  1.77402  0.67830  4  DT F OP2   
796 O "O5'" . DT D 4  ? 4.70167 4.90857 4.26373 1.08829  1.53957  0.73869  4  DT F "O5'" 
797 C "C5'" . DT D 4  ? 4.55795 4.82368 4.03165 1.03577  1.55710  0.55953  4  DT F "C5'" 
798 C "C4'" . DT D 4  ? 4.51016 4.77028 3.83697 1.03811  1.39693  0.66757  4  DT F "C4'" 
799 O "O4'" . DT D 4  ? 4.50241 4.73203 3.72601 0.97795  1.44029  0.51349  4  DT F "O4'" 
800 C "C3'" . DT D 4  ? 4.72727 4.68377 3.91998 1.01827  1.29484  0.90364  4  DT F "C3'" 
801 O "O3'" . DT D 4  ? 4.47756 4.48044 3.54611 1.04379  1.12275  1.03051  4  DT F "O3'" 
802 C "C2'" . DT D 4  ? 5.00895 4.68507 4.07370 0.92829  1.39075  0.81204  4  DT F "C2'" 
803 C "C1'" . DT D 4  ? 4.86437 4.74408 3.92518 0.91545  1.44639  0.59137  4  DT F "C1'" 
804 N N1    . DT D 4  ? 4.85175 4.64183 3.93401 0.84655  1.61467  0.40013  4  DT F N1    
805 C C2    . DT D 4  ? 4.80160 4.58413 3.79552 0.80412  1.65264  0.27976  4  DT F C2    
806 O O2    . DT D 4  ? 4.85588 4.68874 3.74265 0.82287  1.56082  0.31833  4  DT F O2    
807 N N3    . DT D 4  ? 4.77727 4.48705 3.81325 0.74040  1.80577  0.11838  4  DT F N3    
808 C C4    . DT D 4  ? 4.76963 4.40648 3.90910 0.71053  1.91060  0.05926  4  DT F C4    
809 O O4    . DT D 4  ? 4.73544 4.32272 3.92465 0.62784  1.97146  -0.08221 4  DT F O4    
810 C C5    . DT D 4  ? 4.87502 4.51259 4.08914 0.76477  1.87728  0.18714  4  DT F C5    
811 C C7    . DT D 4  ? 5.03819 4.58433 4.35285 0.74796  1.99922  0.14103  4  DT F C7    
812 C C6    . DT D 4  ? 4.89967 4.61919 4.09329 0.82936  1.73172  0.35292  4  DT F C6    
813 P P     . DG D 5  ? 4.43880 4.14348 3.33637 1.02419  0.96561  1.31037  5  DG F P     
814 O OP1   . DG D 5  ? 4.02579 3.94205 2.97760 1.06894  0.77680  1.41224  5  DG F OP1   
815 O OP2   . DG D 5  ? 4.36641 3.83162 3.32477 0.99332  1.02720  1.41203  5  DG F OP2   
816 O "O5'" . DG D 5  ? 4.48913 3.94421 3.12263 0.95405  0.95589  1.26321  5  DG F "O5'" 
817 C "C5'" . DG D 5  ? 4.42735 4.05637 2.98080 0.97111  0.92762  1.14695  5  DG F "C5'" 
818 C "C4'" . DG D 5  ? 4.62596 3.98264 2.95891 0.90469  0.98412  1.07859  5  DG F "C4'" 
819 O "O4'" . DG D 5  ? 4.88438 4.24156 3.32943 0.86243  1.17762  0.87330  5  DG F "O4'" 
820 C "C3'" . DG D 5  ? 4.60623 3.57882 2.81850 0.80514  0.85981  1.19099  5  DG F "C3'" 
821 O "O3'" . DG D 5  ? 4.62490 3.48256 2.68137 0.74944  0.78061  1.13682  5  DG F "O3'" 
822 C "C2'" . DG D 5  ? 4.90211 3.62578 3.07547 0.77691  1.06079  1.17072  5  DG F "C2'" 
823 C "C1'" . DG D 5  ? 5.02906 3.98820 3.30601 0.78955  1.22846  0.91939  5  DG F "C1'" 
824 N N9    . DG D 5  ? 5.13293 4.07271 3.56589 0.75117  1.39506  0.78285  5  DG F N9    
825 C C8    . DG D 5  ? 5.17748 4.12084 3.77109 0.75743  1.42865  0.82742  5  DG F C8    
826 N N7    . DG D 5  ? 5.23776 4.14477 3.92572 0.71552  1.58738  0.67513  5  DG F N7    
827 C C5    . DG D 5  ? 5.17879 4.06546 3.77630 0.67650  1.66105  0.52593  5  DG F C5    
828 C C6    . DG D 5  ? 5.21576 4.06773 3.85969 0.61942  1.82483  0.33684  5  DG F C6    
829 O O6    . DG D 5  ? 5.25562 4.07626 4.01459 0.58844  1.93525  0.25487  5  DG F O6    
830 N N1    . DG D 5  ? 5.14016 3.99309 3.68083 0.60014  1.85661  0.24847  5  DG F N1    
831 C C2    . DG D 5  ? 5.09027 3.96247 3.48500 0.63542  1.74843  0.32738  5  DG F C2    
832 N N2    . DG D 5  ? 4.99583 3.86023 3.31273 0.61783  1.81434  0.22954  5  DG F N2    
833 N N3    . DG D 5  ? 5.14393 4.03720 3.47258 0.68558  1.58794  0.49811  5  DG F N3    
834 C C4    . DG D 5  ? 5.13893 4.04470 3.58279 0.70169  1.55083  0.59099  5  DG F C4    
835 P P     . DA D 6  ? 4.63723 3.47321 2.72791 0.62393  0.49493  1.18715  6  DA F P     
836 O OP1   . DA D 6  ? 4.26223 3.38173 2.51414 0.64704  0.36660  1.21153  6  DA F OP1   
837 O OP2   . DA D 6  ? 4.55037 3.15758 2.65712 0.49465  0.40924  1.24922  6  DA F OP2   
838 O "O5'" . DA D 6  ? 4.54479 3.31566 2.46873 0.61491  0.50415  1.10664  6  DA F "O5'" 
839 C "C5'" . DA D 6  ? 4.76871 3.52240 2.56163 0.70776  0.72339  1.00810  6  DA F "C5'" 
840 C "C4'" . DA D 6  ? 5.03325 3.43936 2.67120 0.65356  0.83968  0.97350  6  DA F "C4'" 
841 O "O4'" . DA D 6  ? 5.20558 3.56846 2.85420 0.68458  1.06664  0.92644  6  DA F "O4'" 
842 C "C3'" . DA D 6  ? 4.96471 3.16324 2.62300 0.53265  0.68560  1.05056  6  DA F "C3'" 
843 O "O3'" . DA D 6  ? 4.91171 3.05713 2.51184 0.46689  0.55822  1.04736  6  DA F "O3'" 
844 C "C2'" . DA D 6  ? 5.23076 3.14917 2.80345 0.51625  0.86651  1.01041  6  DA F "C2'" 
845 C "C1'" . DA D 6  ? 5.40524 3.42188 2.95631 0.60725  1.12169  0.91789  6  DA F "C1'" 
846 N N9    . DA D 6  ? 5.58879 3.55566 3.22184 0.60086  1.28105  0.90841  6  DA F N9    
847 C C8    . DA D 6  ? 5.47038 3.50713 3.25582 0.60797  1.22126  1.00412  6  DA F C8    
848 N N7    . DA D 6  ? 5.59726 3.57162 3.45719 0.59398  1.40289  0.95834  6  DA F N7    
849 C C5    . DA D 6  ? 5.69031 3.61306 3.51228 0.55690  1.55292  0.77897  6  DA F C5    
850 C C6    . DA D 6  ? 5.68483 3.59366 3.62982 0.50930  1.72639  0.61084  6  DA F C6    
851 N N6    . DA D 6  ? 5.71119 3.64860 3.83381 0.49323  1.78150  0.58891  6  DA F N6    
852 N N1    . DA D 6  ? 5.64659 3.51137 3.52592 0.48118  1.84366  0.47149  6  DA F N1    
853 C C2    . DA D 6  ? 5.62121 3.44868 3.31984 0.50566  1.79958  0.49973  6  DA F C2    
854 N N3    . DA D 6  ? 5.64172 3.46455 3.19644 0.55117  1.63969  0.64469  6  DA F N3    
855 C C4    . DA D 6  ? 5.64959 3.52352 3.27286 0.57209  1.51837  0.78144  6  DA F C4    
# 
